data_8HTR
# 
_entry.id   8HTR 
# 
_audit_conform.dict_name       mmcif_pdbx.dic 
_audit_conform.dict_version    5.392 
_audit_conform.dict_location   http://mmcif.pdb.org/dictionaries/ascii/mmcif_pdbx.dic 
# 
loop_
_database_2.database_id 
_database_2.database_code 
_database_2.pdbx_database_accession 
_database_2.pdbx_DOI 
PDB   8HTR         pdb_00008htr 10.2210/pdb8htr/pdb 
WWPDB D_1300034307 ?            ?                   
# 
loop_
_pdbx_audit_revision_history.ordinal 
_pdbx_audit_revision_history.data_content_type 
_pdbx_audit_revision_history.major_revision 
_pdbx_audit_revision_history.minor_revision 
_pdbx_audit_revision_history.revision_date 
1 'Structure model' 1 0 2024-05-15 
2 'Structure model' 1 1 2024-06-05 
# 
_pdbx_audit_revision_details.ordinal             1 
_pdbx_audit_revision_details.revision_ordinal    1 
_pdbx_audit_revision_details.data_content_type   'Structure model' 
_pdbx_audit_revision_details.provider            repository 
_pdbx_audit_revision_details.type                'Initial release' 
_pdbx_audit_revision_details.description         ? 
_pdbx_audit_revision_details.details             ? 
# 
_pdbx_audit_revision_group.ordinal             1 
_pdbx_audit_revision_group.revision_ordinal    2 
_pdbx_audit_revision_group.data_content_type   'Structure model' 
_pdbx_audit_revision_group.group               'Database references' 
# 
loop_
_pdbx_audit_revision_category.ordinal 
_pdbx_audit_revision_category.revision_ordinal 
_pdbx_audit_revision_category.data_content_type 
_pdbx_audit_revision_category.category 
1 2 'Structure model' citation        
2 2 'Structure model' citation_author 
# 
loop_
_pdbx_audit_revision_item.ordinal 
_pdbx_audit_revision_item.revision_ordinal 
_pdbx_audit_revision_item.data_content_type 
_pdbx_audit_revision_item.item 
1 2 'Structure model' '_citation.journal_volume'          
2 2 'Structure model' '_citation.page_first'              
3 2 'Structure model' '_citation.page_last'               
4 2 'Structure model' '_citation_author.identifier_ORCID' 
# 
_pdbx_database_status.status_code                     REL 
_pdbx_database_status.status_code_sf                  REL 
_pdbx_database_status.status_code_mr                  ? 
_pdbx_database_status.entry_id                        8HTR 
_pdbx_database_status.recvd_initial_deposition_date   2022-12-21 
_pdbx_database_status.SG_entry                        N 
_pdbx_database_status.deposit_site                    PDBJ 
_pdbx_database_status.process_site                    PDBJ 
_pdbx_database_status.status_code_cs                  ? 
_pdbx_database_status.status_code_nmr_data            ? 
_pdbx_database_status.methods_development_category    ? 
_pdbx_database_status.pdb_format_compatible           Y 
# 
_pdbx_contact_author.id                 4 
_pdbx_contact_author.email              ye.liu@beigene.com 
_pdbx_contact_author.name_first         Ye 
_pdbx_contact_author.name_last          Liu 
_pdbx_contact_author.name_mi            ? 
_pdbx_contact_author.role               'principal investigator/group leader' 
_pdbx_contact_author.identifier_ORCID   0000-0003-1716-7037 
# 
loop_
_audit_author.name 
_audit_author.pdbx_ordinal 
_audit_author.identifier_ORCID 
'Liu, J.'  1 ? 
'Xu, M.'   2 ? 
'Feng, Y.' 3 ? 
'Liu, Y.'  4 ? 
# 
_citation.abstract                  ? 
_citation.abstract_id_CAS           ? 
_citation.book_id_ISBN              ? 
_citation.book_publisher            ? 
_citation.book_publisher_city       ? 
_citation.book_title                ? 
_citation.coordinate_linkage        ? 
_citation.country                   US 
_citation.database_id_Medline       ? 
_citation.details                   ? 
_citation.id                        primary 
_citation.journal_abbrev            J.Med.Chem. 
_citation.journal_id_ASTM           JMCMAR 
_citation.journal_id_CSD            0151 
_citation.journal_id_ISSN           0022-2623 
_citation.journal_full              ? 
_citation.journal_issue             ? 
_citation.journal_volume            67 
_citation.language                  ? 
_citation.page_first                7836 
_citation.page_last                 7858 
_citation.title                     
;Discovery of the Clinical Candidate Sonrotoclax (BGB-11417), a Highly Potent and Selective Inhibitor for Both WT and G101V Mutant Bcl-2.
;
_citation.year                      2024 
_citation.database_id_CSD           ? 
_citation.pdbx_database_id_DOI      10.1021/acs.jmedchem.4c00027 
_citation.pdbx_database_id_PubMed   38695063 
_citation.pdbx_database_id_patent   ? 
_citation.unpublished_flag          ? 
# 
loop_
_citation_author.citation_id 
_citation_author.name 
_citation_author.ordinal 
_citation_author.identifier_ORCID 
primary 'Guo, Y.'   1  ? 
primary 'Xue, H.'   2  ? 
primary 'Hu, N.'    3  ? 
primary 'Liu, Y.'   4  ? 
primary 'Sun, H.'   5  ? 
primary 'Yu, D.'    6  ? 
primary 'Qin, L.'   7  ? 
primary 'Shi, G.'   8  ? 
primary 'Wang, F.'  9  ? 
primary 'Xin, L.'   10 ? 
primary 'Sun, W.'   11 ? 
primary 'Zhang, F.' 12 ? 
primary 'Song, X.'  13 ? 
primary 'Li, S.'    14 ? 
primary 'Wei, Q.'   15 ? 
primary 'Guo, Y.'   16 ? 
primary 'Li, Y.'    17 ? 
primary 'Liu, X.'   18 ? 
primary 'Chen, S.'  19 ? 
primary 'Zhang, T.' 20 ? 
primary 'Wu, Y.'    21 ? 
primary 'Su, D.'    22 ? 
primary 'Zhu, Y.'   23 ? 
primary 'Xu, A.'    24 ? 
primary 'Xu, H.'    25 ? 
primary 'Yang, S.'  26 ? 
primary 'Zheng, Z.' 27 ? 
primary 'Liu, J.'   28 ? 
primary 'Yang, X.'  29 ? 
primary 'Yuan, X.'  30 ? 
primary 'Hong, Y.'  31 ? 
primary 'Sun, X.'   32 ? 
primary 'Guo, Y.'   33 ? 
primary 'Zhou, C.'  34 ? 
primary 'Liu, X.'   35 ? 
primary 'Wang, L.'  36 ? 
primary 'Wang, Z.'  37 ? 
# 
loop_
_entity.id 
_entity.type 
_entity.src_method 
_entity.pdbx_description 
_entity.formula_weight 
_entity.pdbx_number_of_molecules 
_entity.pdbx_ec 
_entity.pdbx_mutation 
_entity.pdbx_fragment 
_entity.details 
1 polymer     man 'Apoptosis regulator Bcl-2' 19769.012 1  ? ? ? ? 
2 non-polymer syn 
;4-[4-[(2~{S})-2-(2-chlorophenyl)pyrrolidin-1-yl]phenyl]-~{N}-[3-nitro-4-(oxan-4-ylmethylamino)phenyl]sulfonyl-2-(1~{H}-pyrrolo[2,3-b]pyridin-5-yloxy)benzamide
;
807.313   1  ? ? ? ? 
3 water       nat water 18.015    60 ? ? ? ? 
# 
_entity_poly.entity_id                      1 
_entity_poly.type                           'polypeptide(L)' 
_entity_poly.nstd_linkage                   no 
_entity_poly.nstd_monomer                   no 
_entity_poly.pdbx_seq_one_letter_code       
;GPLGSMAHAGRTGYDNREIVMKYIHYKLSQRGYEWDAGDDVEENRTEAPEGTESEVVHLTLRQAGDDFSRRYRRDFAEMS
SQLHLTPFTARGRFATVVEELFRDGVNWGRIVAFFEFGGVMCVESVNREMSPLVDNIALWMTEYLNRHLHTWIQDNGGWD
AFVELYGPSMR
;
_entity_poly.pdbx_seq_one_letter_code_can   
;GPLGSMAHAGRTGYDNREIVMKYIHYKLSQRGYEWDAGDDVEENRTEAPEGTESEVVHLTLRQAGDDFSRRYRRDFAEMS
SQLHLTPFTARGRFATVVEELFRDGVNWGRIVAFFEFGGVMCVESVNREMSPLVDNIALWMTEYLNRHLHTWIQDNGGWD
AFVELYGPSMR
;
_entity_poly.pdbx_strand_id                 A 
_entity_poly.pdbx_target_identifier         ? 
# 
loop_
_pdbx_entity_nonpoly.entity_id 
_pdbx_entity_nonpoly.name 
_pdbx_entity_nonpoly.comp_id 
2 
;4-[4-[(2~{S})-2-(2-chlorophenyl)pyrrolidin-1-yl]phenyl]-~{N}-[3-nitro-4-(oxan-4-ylmethylamino)phenyl]sulfonyl-2-(1~{H}-pyrrolo[2,3-b]pyridin-5-yloxy)benzamide
;
MWH 
3 water HOH 
# 
loop_
_entity_poly_seq.entity_id 
_entity_poly_seq.num 
_entity_poly_seq.mon_id 
_entity_poly_seq.hetero 
1 1   GLY n 
1 2   PRO n 
1 3   LEU n 
1 4   GLY n 
1 5   SER n 
1 6   MET n 
1 7   ALA n 
1 8   HIS n 
1 9   ALA n 
1 10  GLY n 
1 11  ARG n 
1 12  THR n 
1 13  GLY n 
1 14  TYR n 
1 15  ASP n 
1 16  ASN n 
1 17  ARG n 
1 18  GLU n 
1 19  ILE n 
1 20  VAL n 
1 21  MET n 
1 22  LYS n 
1 23  TYR n 
1 24  ILE n 
1 25  HIS n 
1 26  TYR n 
1 27  LYS n 
1 28  LEU n 
1 29  SER n 
1 30  GLN n 
1 31  ARG n 
1 32  GLY n 
1 33  TYR n 
1 34  GLU n 
1 35  TRP n 
1 36  ASP n 
1 37  ALA n 
1 38  GLY n 
1 39  ASP n 
1 40  ASP n 
1 41  VAL n 
1 42  GLU n 
1 43  GLU n 
1 44  ASN n 
1 45  ARG n 
1 46  THR n 
1 47  GLU n 
1 48  ALA n 
1 49  PRO n 
1 50  GLU n 
1 51  GLY n 
1 52  THR n 
1 53  GLU n 
1 54  SER n 
1 55  GLU n 
1 56  VAL n 
1 57  VAL n 
1 58  HIS n 
1 59  LEU n 
1 60  THR n 
1 61  LEU n 
1 62  ARG n 
1 63  GLN n 
1 64  ALA n 
1 65  GLY n 
1 66  ASP n 
1 67  ASP n 
1 68  PHE n 
1 69  SER n 
1 70  ARG n 
1 71  ARG n 
1 72  TYR n 
1 73  ARG n 
1 74  ARG n 
1 75  ASP n 
1 76  PHE n 
1 77  ALA n 
1 78  GLU n 
1 79  MET n 
1 80  SER n 
1 81  SER n 
1 82  GLN n 
1 83  LEU n 
1 84  HIS n 
1 85  LEU n 
1 86  THR n 
1 87  PRO n 
1 88  PHE n 
1 89  THR n 
1 90  ALA n 
1 91  ARG n 
1 92  GLY n 
1 93  ARG n 
1 94  PHE n 
1 95  ALA n 
1 96  THR n 
1 97  VAL n 
1 98  VAL n 
1 99  GLU n 
1 100 GLU n 
1 101 LEU n 
1 102 PHE n 
1 103 ARG n 
1 104 ASP n 
1 105 GLY n 
1 106 VAL n 
1 107 ASN n 
1 108 TRP n 
1 109 GLY n 
1 110 ARG n 
1 111 ILE n 
1 112 VAL n 
1 113 ALA n 
1 114 PHE n 
1 115 PHE n 
1 116 GLU n 
1 117 PHE n 
1 118 GLY n 
1 119 GLY n 
1 120 VAL n 
1 121 MET n 
1 122 CYS n 
1 123 VAL n 
1 124 GLU n 
1 125 SER n 
1 126 VAL n 
1 127 ASN n 
1 128 ARG n 
1 129 GLU n 
1 130 MET n 
1 131 SER n 
1 132 PRO n 
1 133 LEU n 
1 134 VAL n 
1 135 ASP n 
1 136 ASN n 
1 137 ILE n 
1 138 ALA n 
1 139 LEU n 
1 140 TRP n 
1 141 MET n 
1 142 THR n 
1 143 GLU n 
1 144 TYR n 
1 145 LEU n 
1 146 ASN n 
1 147 ARG n 
1 148 HIS n 
1 149 LEU n 
1 150 HIS n 
1 151 THR n 
1 152 TRP n 
1 153 ILE n 
1 154 GLN n 
1 155 ASP n 
1 156 ASN n 
1 157 GLY n 
1 158 GLY n 
1 159 TRP n 
1 160 ASP n 
1 161 ALA n 
1 162 PHE n 
1 163 VAL n 
1 164 GLU n 
1 165 LEU n 
1 166 TYR n 
1 167 GLY n 
1 168 PRO n 
1 169 SER n 
1 170 MET n 
1 171 ARG n 
# 
_entity_src_gen.entity_id                          1 
_entity_src_gen.pdbx_src_id                        1 
_entity_src_gen.pdbx_alt_source_flag               sample 
_entity_src_gen.pdbx_seq_type                      'Biological sequence' 
_entity_src_gen.pdbx_beg_seq_num                   1 
_entity_src_gen.pdbx_end_seq_num                   171 
_entity_src_gen.gene_src_common_name               ? 
_entity_src_gen.gene_src_genus                     ? 
_entity_src_gen.pdbx_gene_src_gene                 ? 
_entity_src_gen.gene_src_species                   ? 
_entity_src_gen.gene_src_strain                    ? 
_entity_src_gen.gene_src_tissue                    ? 
_entity_src_gen.gene_src_tissue_fraction           ? 
_entity_src_gen.gene_src_details                   ? 
_entity_src_gen.pdbx_gene_src_fragment             ? 
_entity_src_gen.pdbx_gene_src_scientific_name      'Homo sapiens' 
_entity_src_gen.pdbx_gene_src_ncbi_taxonomy_id     9606 
_entity_src_gen.pdbx_gene_src_variant              ? 
_entity_src_gen.pdbx_gene_src_cell_line            ? 
_entity_src_gen.pdbx_gene_src_atcc                 ? 
_entity_src_gen.pdbx_gene_src_organ                ? 
_entity_src_gen.pdbx_gene_src_organelle            ? 
_entity_src_gen.pdbx_gene_src_cell                 ? 
_entity_src_gen.pdbx_gene_src_cellular_location    ? 
_entity_src_gen.host_org_common_name               ? 
_entity_src_gen.pdbx_host_org_scientific_name      'Escherichia coli' 
_entity_src_gen.pdbx_host_org_ncbi_taxonomy_id     562 
_entity_src_gen.host_org_genus                     ? 
_entity_src_gen.pdbx_host_org_gene                 ? 
_entity_src_gen.pdbx_host_org_organ                ? 
_entity_src_gen.host_org_species                   ? 
_entity_src_gen.pdbx_host_org_tissue               ? 
_entity_src_gen.pdbx_host_org_tissue_fraction      ? 
_entity_src_gen.pdbx_host_org_strain               ? 
_entity_src_gen.pdbx_host_org_variant              ? 
_entity_src_gen.pdbx_host_org_cell_line            ? 
_entity_src_gen.pdbx_host_org_atcc                 ? 
_entity_src_gen.pdbx_host_org_culture_collection   ? 
_entity_src_gen.pdbx_host_org_cell                 ? 
_entity_src_gen.pdbx_host_org_organelle            ? 
_entity_src_gen.pdbx_host_org_cellular_location    ? 
_entity_src_gen.pdbx_host_org_vector_type          ? 
_entity_src_gen.pdbx_host_org_vector               ? 
_entity_src_gen.host_org_details                   ? 
_entity_src_gen.expression_system_id               ? 
_entity_src_gen.plasmid_name                       ? 
_entity_src_gen.plasmid_details                    ? 
_entity_src_gen.pdbx_description                   ? 
# 
loop_
_chem_comp.id 
_chem_comp.type 
_chem_comp.mon_nstd_flag 
_chem_comp.name 
_chem_comp.pdbx_synonyms 
_chem_comp.formula 
_chem_comp.formula_weight 
ALA 'L-peptide linking' y ALANINE ? 'C3 H7 N O2'         89.093  
ARG 'L-peptide linking' y ARGININE ? 'C6 H15 N4 O2 1'     175.209 
ASN 'L-peptide linking' y ASPARAGINE ? 'C4 H8 N2 O3'        132.118 
ASP 'L-peptide linking' y 'ASPARTIC ACID' ? 'C4 H7 N O4'         133.103 
CYS 'L-peptide linking' y CYSTEINE ? 'C3 H7 N O2 S'       121.158 
GLN 'L-peptide linking' y GLUTAMINE ? 'C5 H10 N2 O3'       146.144 
GLU 'L-peptide linking' y 'GLUTAMIC ACID' ? 'C5 H9 N O4'         147.129 
GLY 'peptide linking'   y GLYCINE ? 'C2 H5 N O2'         75.067  
HIS 'L-peptide linking' y HISTIDINE ? 'C6 H10 N3 O2 1'     156.162 
HOH non-polymer         . WATER ? 'H2 O'               18.015  
ILE 'L-peptide linking' y ISOLEUCINE ? 'C6 H13 N O2'        131.173 
LEU 'L-peptide linking' y LEUCINE ? 'C6 H13 N O2'        131.173 
LYS 'L-peptide linking' y LYSINE ? 'C6 H15 N2 O2 1'     147.195 
MET 'L-peptide linking' y METHIONINE ? 'C5 H11 N O2 S'      149.211 
MWH non-polymer         . 
;4-[4-[(2~{S})-2-(2-chlorophenyl)pyrrolidin-1-yl]phenyl]-~{N}-[3-nitro-4-(oxan-4-ylmethylamino)phenyl]sulfonyl-2-(1~{H}-pyrrolo[2,3-b]pyridin-5-yloxy)benzamide
;
? 'C42 H39 Cl N6 O7 S' 807.313 
PHE 'L-peptide linking' y PHENYLALANINE ? 'C9 H11 N O2'        165.189 
PRO 'L-peptide linking' y PROLINE ? 'C5 H9 N O2'         115.130 
SER 'L-peptide linking' y SERINE ? 'C3 H7 N O3'         105.093 
THR 'L-peptide linking' y THREONINE ? 'C4 H9 N O3'         119.119 
TRP 'L-peptide linking' y TRYPTOPHAN ? 'C11 H12 N2 O2'      204.225 
TYR 'L-peptide linking' y TYROSINE ? 'C9 H11 N O3'        181.189 
VAL 'L-peptide linking' y VALINE ? 'C5 H11 N O2'        117.146 
# 
loop_
_pdbx_poly_seq_scheme.asym_id 
_pdbx_poly_seq_scheme.entity_id 
_pdbx_poly_seq_scheme.seq_id 
_pdbx_poly_seq_scheme.mon_id 
_pdbx_poly_seq_scheme.ndb_seq_num 
_pdbx_poly_seq_scheme.pdb_seq_num 
_pdbx_poly_seq_scheme.auth_seq_num 
_pdbx_poly_seq_scheme.pdb_mon_id 
_pdbx_poly_seq_scheme.auth_mon_id 
_pdbx_poly_seq_scheme.pdb_strand_id 
_pdbx_poly_seq_scheme.pdb_ins_code 
_pdbx_poly_seq_scheme.hetero 
A 1 1   GLY 1   -4  ?   ?   ?   A . n 
A 1 2   PRO 2   -3  ?   ?   ?   A . n 
A 1 3   LEU 3   -2  ?   ?   ?   A . n 
A 1 4   GLY 4   -1  ?   ?   ?   A . n 
A 1 5   SER 5   0   ?   ?   ?   A . n 
A 1 6   MET 6   1   ?   ?   ?   A . n 
A 1 7   ALA 7   2   ?   ?   ?   A . n 
A 1 8   HIS 8   3   ?   ?   ?   A . n 
A 1 9   ALA 9   4   ?   ?   ?   A . n 
A 1 10  GLY 10  5   ?   ?   ?   A . n 
A 1 11  ARG 11  6   6   ARG ARG A . n 
A 1 12  THR 12  7   7   THR THR A . n 
A 1 13  GLY 13  8   8   GLY GLY A . n 
A 1 14  TYR 14  9   9   TYR TYR A . n 
A 1 15  ASP 15  10  10  ASP ASP A . n 
A 1 16  ASN 16  11  11  ASN ASN A . n 
A 1 17  ARG 17  12  12  ARG ARG A . n 
A 1 18  GLU 18  13  13  GLU GLU A . n 
A 1 19  ILE 19  14  14  ILE ILE A . n 
A 1 20  VAL 20  15  15  VAL VAL A . n 
A 1 21  MET 21  16  16  MET MET A . n 
A 1 22  LYS 22  17  17  LYS LYS A . n 
A 1 23  TYR 23  18  18  TYR TYR A . n 
A 1 24  ILE 24  19  19  ILE ILE A . n 
A 1 25  HIS 25  20  20  HIS HIS A . n 
A 1 26  TYR 26  21  21  TYR TYR A . n 
A 1 27  LYS 27  22  22  LYS LYS A . n 
A 1 28  LEU 28  23  23  LEU LEU A . n 
A 1 29  SER 29  24  24  SER SER A . n 
A 1 30  GLN 30  25  25  GLN GLN A . n 
A 1 31  ARG 31  26  26  ARG ARG A . n 
A 1 32  GLY 32  27  27  GLY GLY A . n 
A 1 33  TYR 33  28  28  TYR TYR A . n 
A 1 34  GLU 34  29  29  GLU GLU A . n 
A 1 35  TRP 35  30  30  TRP TRP A . n 
A 1 36  ASP 36  31  ?   ?   ?   A . n 
A 1 37  ALA 37  32  ?   ?   ?   A . n 
A 1 38  GLY 38  33  ?   ?   ?   A . n 
A 1 39  ASP 39  34  ?   ?   ?   A . n 
A 1 40  ASP 40  35  ?   ?   ?   A . n 
A 1 41  VAL 41  36  ?   ?   ?   A . n 
A 1 42  GLU 42  37  ?   ?   ?   A . n 
A 1 43  GLU 43  38  ?   ?   ?   A . n 
A 1 44  ASN 44  39  ?   ?   ?   A . n 
A 1 45  ARG 45  40  ?   ?   ?   A . n 
A 1 46  THR 46  41  ?   ?   ?   A . n 
A 1 47  GLU 47  42  ?   ?   ?   A . n 
A 1 48  ALA 48  43  ?   ?   ?   A . n 
A 1 49  PRO 49  44  ?   ?   ?   A . n 
A 1 50  GLU 50  45  ?   ?   ?   A . n 
A 1 51  GLY 51  46  ?   ?   ?   A . n 
A 1 52  THR 52  47  ?   ?   ?   A . n 
A 1 53  GLU 53  48  ?   ?   ?   A . n 
A 1 54  SER 54  49  49  SER SER A . n 
A 1 55  GLU 55  50  50  GLU GLU A . n 
A 1 56  VAL 56  92  92  VAL VAL A . n 
A 1 57  VAL 57  93  93  VAL VAL A . n 
A 1 58  HIS 58  94  94  HIS HIS A . n 
A 1 59  LEU 59  95  95  LEU LEU A . n 
A 1 60  THR 60  96  96  THR THR A . n 
A 1 61  LEU 61  97  97  LEU LEU A . n 
A 1 62  ARG 62  98  98  ARG ARG A . n 
A 1 63  GLN 63  99  99  GLN GLN A . n 
A 1 64  ALA 64  100 100 ALA ALA A . n 
A 1 65  GLY 65  101 101 GLY GLY A . n 
A 1 66  ASP 66  102 102 ASP ASP A . n 
A 1 67  ASP 67  103 103 ASP ASP A . n 
A 1 68  PHE 68  104 104 PHE PHE A . n 
A 1 69  SER 69  105 105 SER SER A . n 
A 1 70  ARG 70  106 106 ARG ARG A . n 
A 1 71  ARG 71  107 107 ARG ARG A . n 
A 1 72  TYR 72  108 108 TYR TYR A . n 
A 1 73  ARG 73  109 109 ARG ARG A . n 
A 1 74  ARG 74  110 110 ARG ARG A . n 
A 1 75  ASP 75  111 111 ASP ASP A . n 
A 1 76  PHE 76  112 112 PHE PHE A . n 
A 1 77  ALA 77  113 113 ALA ALA A . n 
A 1 78  GLU 78  114 114 GLU GLU A . n 
A 1 79  MET 79  115 115 MET MET A . n 
A 1 80  SER 80  116 116 SER SER A . n 
A 1 81  SER 81  117 117 SER SER A . n 
A 1 82  GLN 82  118 118 GLN GLN A . n 
A 1 83  LEU 83  119 119 LEU LEU A . n 
A 1 84  HIS 84  120 120 HIS HIS A . n 
A 1 85  LEU 85  121 121 LEU LEU A . n 
A 1 86  THR 86  122 122 THR THR A . n 
A 1 87  PRO 87  123 123 PRO PRO A . n 
A 1 88  PHE 88  124 124 PHE PHE A . n 
A 1 89  THR 89  125 125 THR THR A . n 
A 1 90  ALA 90  126 126 ALA ALA A . n 
A 1 91  ARG 91  127 127 ARG ARG A . n 
A 1 92  GLY 92  128 128 GLY GLY A . n 
A 1 93  ARG 93  129 129 ARG ARG A . n 
A 1 94  PHE 94  130 130 PHE PHE A . n 
A 1 95  ALA 95  131 131 ALA ALA A . n 
A 1 96  THR 96  132 132 THR THR A . n 
A 1 97  VAL 97  133 133 VAL VAL A . n 
A 1 98  VAL 98  134 134 VAL VAL A . n 
A 1 99  GLU 99  135 135 GLU GLU A . n 
A 1 100 GLU 100 136 136 GLU GLU A . n 
A 1 101 LEU 101 137 137 LEU LEU A . n 
A 1 102 PHE 102 138 138 PHE PHE A . n 
A 1 103 ARG 103 139 139 ARG ARG A . n 
A 1 104 ASP 104 140 140 ASP ASP A . n 
A 1 105 GLY 105 141 141 GLY GLY A . n 
A 1 106 VAL 106 142 142 VAL VAL A . n 
A 1 107 ASN 107 143 143 ASN ASN A . n 
A 1 108 TRP 108 144 144 TRP TRP A . n 
A 1 109 GLY 109 145 145 GLY GLY A . n 
A 1 110 ARG 110 146 146 ARG ARG A . n 
A 1 111 ILE 111 147 147 ILE ILE A . n 
A 1 112 VAL 112 148 148 VAL VAL A . n 
A 1 113 ALA 113 149 149 ALA ALA A . n 
A 1 114 PHE 114 150 150 PHE PHE A . n 
A 1 115 PHE 115 151 151 PHE PHE A . n 
A 1 116 GLU 116 152 152 GLU GLU A . n 
A 1 117 PHE 117 153 153 PHE PHE A . n 
A 1 118 GLY 118 154 154 GLY GLY A . n 
A 1 119 GLY 119 155 155 GLY GLY A . n 
A 1 120 VAL 120 156 156 VAL VAL A . n 
A 1 121 MET 121 157 157 MET MET A . n 
A 1 122 CYS 122 158 158 CYS CYS A . n 
A 1 123 VAL 123 159 159 VAL VAL A . n 
A 1 124 GLU 124 160 160 GLU GLU A . n 
A 1 125 SER 125 161 161 SER SER A . n 
A 1 126 VAL 126 162 162 VAL VAL A . n 
A 1 127 ASN 127 163 163 ASN ASN A . n 
A 1 128 ARG 128 164 164 ARG ARG A . n 
A 1 129 GLU 129 165 165 GLU GLU A . n 
A 1 130 MET 130 166 166 MET MET A . n 
A 1 131 SER 131 167 167 SER SER A . n 
A 1 132 PRO 132 168 168 PRO PRO A . n 
A 1 133 LEU 133 169 169 LEU LEU A . n 
A 1 134 VAL 134 170 170 VAL VAL A . n 
A 1 135 ASP 135 171 171 ASP ASP A . n 
A 1 136 ASN 136 172 172 ASN ASN A . n 
A 1 137 ILE 137 173 173 ILE ILE A . n 
A 1 138 ALA 138 174 174 ALA ALA A . n 
A 1 139 LEU 139 175 175 LEU LEU A . n 
A 1 140 TRP 140 176 176 TRP TRP A . n 
A 1 141 MET 141 177 177 MET MET A . n 
A 1 142 THR 142 178 178 THR THR A . n 
A 1 143 GLU 143 179 179 GLU GLU A . n 
A 1 144 TYR 144 180 180 TYR TYR A . n 
A 1 145 LEU 145 181 181 LEU LEU A . n 
A 1 146 ASN 146 182 182 ASN ASN A . n 
A 1 147 ARG 147 183 183 ARG ARG A . n 
A 1 148 HIS 148 184 184 HIS HIS A . n 
A 1 149 LEU 149 185 185 LEU LEU A . n 
A 1 150 HIS 150 186 186 HIS HIS A . n 
A 1 151 THR 151 187 187 THR THR A . n 
A 1 152 TRP 152 188 188 TRP TRP A . n 
A 1 153 ILE 153 189 189 ILE ILE A . n 
A 1 154 GLN 154 190 190 GLN GLN A . n 
A 1 155 ASP 155 191 191 ASP ASP A . n 
A 1 156 ASN 156 192 192 ASN ASN A . n 
A 1 157 GLY 157 193 193 GLY GLY A . n 
A 1 158 GLY 158 194 194 GLY GLY A . n 
A 1 159 TRP 159 195 195 TRP TRP A . n 
A 1 160 ASP 160 196 196 ASP ASP A . n 
A 1 161 ALA 161 197 197 ALA ALA A . n 
A 1 162 PHE 162 198 198 PHE PHE A . n 
A 1 163 VAL 163 199 199 VAL VAL A . n 
A 1 164 GLU 164 200 200 GLU GLU A . n 
A 1 165 LEU 165 201 201 LEU LEU A . n 
A 1 166 TYR 166 202 202 TYR TYR A . n 
A 1 167 GLY 167 203 203 GLY GLY A . n 
A 1 168 PRO 168 204 204 PRO PRO A . n 
A 1 169 SER 169 205 ?   ?   ?   A . n 
A 1 170 MET 170 206 ?   ?   ?   A . n 
A 1 171 ARG 171 207 ?   ?   ?   A . n 
# 
loop_
_pdbx_nonpoly_scheme.asym_id 
_pdbx_nonpoly_scheme.entity_id 
_pdbx_nonpoly_scheme.mon_id 
_pdbx_nonpoly_scheme.ndb_seq_num 
_pdbx_nonpoly_scheme.pdb_seq_num 
_pdbx_nonpoly_scheme.auth_seq_num 
_pdbx_nonpoly_scheme.pdb_mon_id 
_pdbx_nonpoly_scheme.auth_mon_id 
_pdbx_nonpoly_scheme.pdb_strand_id 
_pdbx_nonpoly_scheme.pdb_ins_code 
B 2 MWH 1  301 301 MWH LIG A . 
C 3 HOH 1  401 56  HOH HOH A . 
C 3 HOH 2  402 47  HOH HOH A . 
C 3 HOH 3  403 45  HOH HOH A . 
C 3 HOH 4  404 35  HOH HOH A . 
C 3 HOH 5  405 15  HOH HOH A . 
C 3 HOH 6  406 20  HOH HOH A . 
C 3 HOH 7  407 38  HOH HOH A . 
C 3 HOH 8  408 13  HOH HOH A . 
C 3 HOH 9  409 6   HOH HOH A . 
C 3 HOH 10 410 1   HOH HOH A . 
C 3 HOH 11 411 43  HOH HOH A . 
C 3 HOH 12 412 8   HOH HOH A . 
C 3 HOH 13 413 22  HOH HOH A . 
C 3 HOH 14 414 37  HOH HOH A . 
C 3 HOH 15 415 62  HOH HOH A . 
C 3 HOH 16 416 4   HOH HOH A . 
C 3 HOH 17 417 25  HOH HOH A . 
C 3 HOH 18 418 14  HOH HOH A . 
C 3 HOH 19 419 7   HOH HOH A . 
C 3 HOH 20 420 24  HOH HOH A . 
C 3 HOH 21 421 18  HOH HOH A . 
C 3 HOH 22 422 44  HOH HOH A . 
C 3 HOH 23 423 29  HOH HOH A . 
C 3 HOH 24 424 54  HOH HOH A . 
C 3 HOH 25 425 12  HOH HOH A . 
C 3 HOH 26 426 9   HOH HOH A . 
C 3 HOH 27 427 10  HOH HOH A . 
C 3 HOH 28 428 5   HOH HOH A . 
C 3 HOH 29 429 3   HOH HOH A . 
C 3 HOH 30 430 23  HOH HOH A . 
C 3 HOH 31 431 49  HOH HOH A . 
C 3 HOH 32 432 30  HOH HOH A . 
C 3 HOH 33 433 2   HOH HOH A . 
C 3 HOH 34 434 34  HOH HOH A . 
C 3 HOH 35 435 50  HOH HOH A . 
C 3 HOH 36 436 42  HOH HOH A . 
C 3 HOH 37 437 28  HOH HOH A . 
C 3 HOH 38 438 17  HOH HOH A . 
C 3 HOH 39 439 55  HOH HOH A . 
C 3 HOH 40 440 59  HOH HOH A . 
C 3 HOH 41 441 21  HOH HOH A . 
C 3 HOH 42 442 36  HOH HOH A . 
C 3 HOH 43 443 26  HOH HOH A . 
C 3 HOH 44 444 11  HOH HOH A . 
C 3 HOH 45 445 31  HOH HOH A . 
C 3 HOH 46 446 27  HOH HOH A . 
C 3 HOH 47 447 46  HOH HOH A . 
C 3 HOH 48 448 52  HOH HOH A . 
C 3 HOH 49 449 39  HOH HOH A . 
C 3 HOH 50 450 19  HOH HOH A . 
C 3 HOH 51 451 53  HOH HOH A . 
C 3 HOH 52 452 57  HOH HOH A . 
C 3 HOH 53 453 61  HOH HOH A . 
C 3 HOH 54 454 58  HOH HOH A . 
C 3 HOH 55 455 60  HOH HOH A . 
C 3 HOH 56 456 48  HOH HOH A . 
C 3 HOH 57 457 51  HOH HOH A . 
C 3 HOH 58 458 41  HOH HOH A . 
C 3 HOH 59 459 16  HOH HOH A . 
C 3 HOH 60 460 33  HOH HOH A . 
# 
_pdbx_unobs_or_zero_occ_atoms.id               1 
_pdbx_unobs_or_zero_occ_atoms.PDB_model_num    1 
_pdbx_unobs_or_zero_occ_atoms.polymer_flag     Y 
_pdbx_unobs_or_zero_occ_atoms.occupancy_flag   0 
_pdbx_unobs_or_zero_occ_atoms.auth_asym_id     A 
_pdbx_unobs_or_zero_occ_atoms.auth_comp_id     SER 
_pdbx_unobs_or_zero_occ_atoms.auth_seq_id      105 
_pdbx_unobs_or_zero_occ_atoms.PDB_ins_code     ? 
_pdbx_unobs_or_zero_occ_atoms.auth_atom_id     OG 
_pdbx_unobs_or_zero_occ_atoms.label_alt_id     B 
_pdbx_unobs_or_zero_occ_atoms.label_asym_id    A 
_pdbx_unobs_or_zero_occ_atoms.label_comp_id    SER 
_pdbx_unobs_or_zero_occ_atoms.label_seq_id     69 
_pdbx_unobs_or_zero_occ_atoms.label_atom_id    OG 
# 
loop_
_software.citation_id 
_software.classification 
_software.compiler_name 
_software.compiler_version 
_software.contact_author 
_software.contact_author_email 
_software.date 
_software.description 
_software.dependencies 
_software.hardware 
_software.language 
_software.location 
_software.mods 
_software.name 
_software.os 
_software.os_version 
_software.type 
_software.version 
_software.pdbx_ordinal 
? 'data scaling'   ? ? ? ? ? ? ? ? ? ? ? Aimless ? ? ? .           1 
? refinement       ? ? ? ? ? ? ? ? ? ? ? PHENIX  ? ? ? 1.19.2_4158 2 
? 'data reduction' ? ? ? ? ? ? ? ? ? ? ? XDS     ? ? ? .           3 
? phasing          ? ? ? ? ? ? ? ? ? ? ? PHENIX  ? ? ? .           4 
# 
_cell.angle_alpha                  90.00 
_cell.angle_alpha_esd              ? 
_cell.angle_beta                   103.66 
_cell.angle_beta_esd               ? 
_cell.angle_gamma                  90.00 
_cell.angle_gamma_esd              ? 
_cell.entry_id                     8HTR 
_cell.details                      ? 
_cell.formula_units_Z              ? 
_cell.length_a                     31.902 
_cell.length_a_esd                 ? 
_cell.length_b                     40.597 
_cell.length_b_esd                 ? 
_cell.length_c                     53.808 
_cell.length_c_esd                 ? 
_cell.volume                       ? 
_cell.volume_esd                   ? 
_cell.Z_PDB                        2 
_cell.reciprocal_angle_alpha       ? 
_cell.reciprocal_angle_beta        ? 
_cell.reciprocal_angle_gamma       ? 
_cell.reciprocal_angle_alpha_esd   ? 
_cell.reciprocal_angle_beta_esd    ? 
_cell.reciprocal_angle_gamma_esd   ? 
_cell.reciprocal_length_a          ? 
_cell.reciprocal_length_b          ? 
_cell.reciprocal_length_c          ? 
_cell.reciprocal_length_a_esd      ? 
_cell.reciprocal_length_b_esd      ? 
_cell.reciprocal_length_c_esd      ? 
_cell.pdbx_unique_axis             ? 
_cell.pdbx_esd_method              ? 
# 
_symmetry.entry_id                         8HTR 
_symmetry.cell_setting                     ? 
_symmetry.Int_Tables_number                4 
_symmetry.space_group_name_Hall            ? 
_symmetry.space_group_name_H-M             'P 1 21 1' 
_symmetry.pdbx_full_space_group_name_H-M   ? 
# 
_exptl.absorpt_coefficient_mu     ? 
_exptl.absorpt_correction_T_max   ? 
_exptl.absorpt_correction_T_min   ? 
_exptl.absorpt_correction_type    ? 
_exptl.absorpt_process_details    ? 
_exptl.entry_id                   8HTR 
_exptl.crystals_number            1 
_exptl.details                    ? 
_exptl.method                     'X-RAY DIFFRACTION' 
_exptl.method_details             ? 
# 
_exptl_crystal.colour                       ? 
_exptl_crystal.density_diffrn               ? 
_exptl_crystal.density_Matthews             1.71 
_exptl_crystal.density_method               ? 
_exptl_crystal.density_percent_sol          28.18 
_exptl_crystal.description                  ? 
_exptl_crystal.F_000                        ? 
_exptl_crystal.id                           1 
_exptl_crystal.preparation                  ? 
_exptl_crystal.size_max                     ? 
_exptl_crystal.size_mid                     ? 
_exptl_crystal.size_min                     ? 
_exptl_crystal.size_rad                     ? 
_exptl_crystal.colour_lustre                ? 
_exptl_crystal.colour_modifier              ? 
_exptl_crystal.colour_primary               ? 
_exptl_crystal.density_meas                 ? 
_exptl_crystal.density_meas_esd             ? 
_exptl_crystal.density_meas_gt              ? 
_exptl_crystal.density_meas_lt              ? 
_exptl_crystal.density_meas_temp            ? 
_exptl_crystal.density_meas_temp_esd        ? 
_exptl_crystal.density_meas_temp_gt         ? 
_exptl_crystal.density_meas_temp_lt         ? 
_exptl_crystal.pdbx_crystal_image_url       ? 
_exptl_crystal.pdbx_crystal_image_format    ? 
_exptl_crystal.pdbx_mosaicity               ? 
_exptl_crystal.pdbx_mosaicity_esd           ? 
_exptl_crystal.pdbx_mosaic_method           ? 
_exptl_crystal.pdbx_mosaic_block_size       ? 
_exptl_crystal.pdbx_mosaic_block_size_esd   ? 
# 
_exptl_crystal_grow.apparatus       ? 
_exptl_crystal_grow.atmosphere      ? 
_exptl_crystal_grow.crystal_id      1 
_exptl_crystal_grow.details         ? 
_exptl_crystal_grow.method          'VAPOR DIFFUSION, HANGING DROP' 
_exptl_crystal_grow.method_ref      ? 
_exptl_crystal_grow.pH              ? 
_exptl_crystal_grow.pressure        ? 
_exptl_crystal_grow.pressure_esd    ? 
_exptl_crystal_grow.seeding         ? 
_exptl_crystal_grow.seeding_ref     ? 
_exptl_crystal_grow.temp_details    ? 
_exptl_crystal_grow.temp_esd        ? 
_exptl_crystal_grow.time            ? 
_exptl_crystal_grow.pdbx_details    '0.1 M ammonium acetate, 0.1 M bis-tris pH 5.5, 17% PEG 10000' 
_exptl_crystal_grow.pdbx_pH_range   ? 
_exptl_crystal_grow.temp            293 
# 
_diffrn.ambient_environment              ? 
_diffrn.ambient_temp                     100 
_diffrn.ambient_temp_details             ? 
_diffrn.ambient_temp_esd                 ? 
_diffrn.crystal_id                       1 
_diffrn.crystal_support                  ? 
_diffrn.crystal_treatment                ? 
_diffrn.details                          ? 
_diffrn.id                               1 
_diffrn.ambient_pressure                 ? 
_diffrn.ambient_pressure_esd             ? 
_diffrn.ambient_pressure_gt              ? 
_diffrn.ambient_pressure_lt              ? 
_diffrn.ambient_temp_gt                  ? 
_diffrn.ambient_temp_lt                  ? 
_diffrn.pdbx_serial_crystal_experiment   N 
# 
_diffrn_detector.details                      ? 
_diffrn_detector.detector                     PIXEL 
_diffrn_detector.diffrn_id                    1 
_diffrn_detector.type                         'DECTRIS EIGER X 16M' 
_diffrn_detector.area_resol_mean              ? 
_diffrn_detector.dtime                        ? 
_diffrn_detector.pdbx_frames_total            ? 
_diffrn_detector.pdbx_collection_time_total   ? 
_diffrn_detector.pdbx_collection_date         2018-03-23 
_diffrn_detector.pdbx_frequency               ? 
# 
_diffrn_radiation.collimation                      ? 
_diffrn_radiation.diffrn_id                        1 
_diffrn_radiation.filter_edge                      ? 
_diffrn_radiation.inhomogeneity                    ? 
_diffrn_radiation.monochromator                    ? 
_diffrn_radiation.polarisn_norm                    ? 
_diffrn_radiation.polarisn_ratio                   ? 
_diffrn_radiation.probe                            ? 
_diffrn_radiation.type                             ? 
_diffrn_radiation.xray_symbol                      ? 
_diffrn_radiation.wavelength_id                    1 
_diffrn_radiation.pdbx_monochromatic_or_laue_m_l   M 
_diffrn_radiation.pdbx_wavelength_list             ? 
_diffrn_radiation.pdbx_wavelength                  ? 
_diffrn_radiation.pdbx_diffrn_protocol             'SINGLE WAVELENGTH' 
_diffrn_radiation.pdbx_analyzer                    ? 
_diffrn_radiation.pdbx_scattering_type             x-ray 
# 
_diffrn_radiation_wavelength.id           1 
_diffrn_radiation_wavelength.wavelength   1.0000 
_diffrn_radiation_wavelength.wt           1.0 
# 
_diffrn_source.current                     ? 
_diffrn_source.details                     ? 
_diffrn_source.diffrn_id                   1 
_diffrn_source.power                       ? 
_diffrn_source.size                        ? 
_diffrn_source.source                      SYNCHROTRON 
_diffrn_source.target                      ? 
_diffrn_source.type                        'SSRF BEAMLINE BL17U' 
_diffrn_source.voltage                     ? 
_diffrn_source.take-off_angle              ? 
_diffrn_source.pdbx_wavelength_list        1.0000 
_diffrn_source.pdbx_wavelength             ? 
_diffrn_source.pdbx_synchrotron_beamline   BL17U 
_diffrn_source.pdbx_synchrotron_site       SSRF 
# 
_reflns.B_iso_Wilson_estimate                          ? 
_reflns.entry_id                                       8HTR 
_reflns.data_reduction_details                         ? 
_reflns.data_reduction_method                          ? 
_reflns.d_resolution_high                              1.60 
_reflns.d_resolution_low                               32.07 
_reflns.details                                        ? 
_reflns.limit_h_max                                    ? 
_reflns.limit_h_min                                    ? 
_reflns.limit_k_max                                    ? 
_reflns.limit_k_min                                    ? 
_reflns.limit_l_max                                    ? 
_reflns.limit_l_min                                    ? 
_reflns.number_all                                     ? 
_reflns.number_obs                                     17216 
_reflns.observed_criterion                             ? 
_reflns.observed_criterion_F_max                       ? 
_reflns.observed_criterion_F_min                       ? 
_reflns.observed_criterion_I_max                       ? 
_reflns.observed_criterion_I_min                       ? 
_reflns.observed_criterion_sigma_F                     ? 
_reflns.observed_criterion_sigma_I                     ? 
_reflns.percent_possible_obs                           96.7 
_reflns.R_free_details                                 ? 
_reflns.Rmerge_F_all                                   ? 
_reflns.Rmerge_F_obs                                   ? 
_reflns.Friedel_coverage                               ? 
_reflns.number_gt                                      ? 
_reflns.threshold_expression                           ? 
_reflns.pdbx_redundancy                                6.5 
_reflns.pdbx_netI_over_av_sigmaI                       ? 
_reflns.pdbx_netI_over_sigmaI                          12.5 
_reflns.pdbx_res_netI_over_av_sigmaI_2                 ? 
_reflns.pdbx_res_netI_over_sigmaI_2                    ? 
_reflns.pdbx_chi_squared                               ? 
_reflns.pdbx_scaling_rejects                           ? 
_reflns.pdbx_d_res_high_opt                            ? 
_reflns.pdbx_d_res_low_opt                             ? 
_reflns.pdbx_d_res_opt_method                          ? 
_reflns.phase_calculation_details                      ? 
_reflns.pdbx_Rrim_I_all                                0.086 
_reflns.pdbx_Rpim_I_all                                0.033 
_reflns.pdbx_d_opt                                     ? 
_reflns.pdbx_number_measured_all                       111450 
_reflns.pdbx_diffrn_id                                 1 
_reflns.pdbx_ordinal                                   1 
_reflns.pdbx_CC_half                                   0.997 
_reflns.pdbx_CC_star                                   ? 
_reflns.pdbx_R_split                                   ? 
_reflns.pdbx_Rmerge_I_obs                              0.080 
_reflns.pdbx_Rmerge_I_all                              ? 
_reflns.pdbx_Rsym_value                                ? 
_reflns.pdbx_CC_split_method                           ? 
_reflns.pdbx_aniso_diffraction_limit_axis_1_ortho[1]   ? 
_reflns.pdbx_aniso_diffraction_limit_axis_1_ortho[2]   ? 
_reflns.pdbx_aniso_diffraction_limit_axis_1_ortho[3]   ? 
_reflns.pdbx_aniso_diffraction_limit_axis_2_ortho[1]   ? 
_reflns.pdbx_aniso_diffraction_limit_axis_2_ortho[2]   ? 
_reflns.pdbx_aniso_diffraction_limit_axis_2_ortho[3]   ? 
_reflns.pdbx_aniso_diffraction_limit_axis_3_ortho[1]   ? 
_reflns.pdbx_aniso_diffraction_limit_axis_3_ortho[2]   ? 
_reflns.pdbx_aniso_diffraction_limit_axis_3_ortho[3]   ? 
_reflns.pdbx_aniso_diffraction_limit_1                 ? 
_reflns.pdbx_aniso_diffraction_limit_2                 ? 
_reflns.pdbx_aniso_diffraction_limit_3                 ? 
_reflns.pdbx_aniso_B_tensor_eigenvector_1_ortho[1]     ? 
_reflns.pdbx_aniso_B_tensor_eigenvector_1_ortho[2]     ? 
_reflns.pdbx_aniso_B_tensor_eigenvector_1_ortho[3]     ? 
_reflns.pdbx_aniso_B_tensor_eigenvector_2_ortho[1]     ? 
_reflns.pdbx_aniso_B_tensor_eigenvector_2_ortho[2]     ? 
_reflns.pdbx_aniso_B_tensor_eigenvector_2_ortho[3]     ? 
_reflns.pdbx_aniso_B_tensor_eigenvector_3_ortho[1]     ? 
_reflns.pdbx_aniso_B_tensor_eigenvector_3_ortho[2]     ? 
_reflns.pdbx_aniso_B_tensor_eigenvector_3_ortho[3]     ? 
_reflns.pdbx_aniso_B_tensor_eigenvalue_1               ? 
_reflns.pdbx_aniso_B_tensor_eigenvalue_2               ? 
_reflns.pdbx_aniso_B_tensor_eigenvalue_3               ? 
_reflns.pdbx_orthogonalization_convention              ? 
_reflns.pdbx_percent_possible_ellipsoidal              ? 
_reflns.pdbx_percent_possible_spherical                ? 
_reflns.pdbx_percent_possible_ellipsoidal_anomalous    ? 
_reflns.pdbx_percent_possible_spherical_anomalous      ? 
_reflns.pdbx_redundancy_anomalous                      ? 
_reflns.pdbx_CC_half_anomalous                         ? 
_reflns.pdbx_absDiff_over_sigma_anomalous              ? 
_reflns.pdbx_percent_possible_anomalous                ? 
_reflns.pdbx_observed_signal_threshold                 ? 
_reflns.pdbx_signal_type                               ? 
_reflns.pdbx_signal_details                            ? 
_reflns.pdbx_signal_software_id                        ? 
# 
_reflns_shell.d_res_high                                    1.60 
_reflns_shell.d_res_low                                     1.63 
_reflns_shell.meanI_over_sigI_all                           ? 
_reflns_shell.meanI_over_sigI_obs                           ? 
_reflns_shell.number_measured_all                           3130 
_reflns_shell.number_measured_obs                           ? 
_reflns_shell.number_possible                               ? 
_reflns_shell.number_unique_all                             ? 
_reflns_shell.number_unique_obs                             709 
_reflns_shell.percent_possible_obs                          82.3 
_reflns_shell.Rmerge_F_all                                  ? 
_reflns_shell.Rmerge_F_obs                                  ? 
_reflns_shell.meanI_over_sigI_gt                            ? 
_reflns_shell.meanI_over_uI_all                             ? 
_reflns_shell.meanI_over_uI_gt                              ? 
_reflns_shell.number_measured_gt                            ? 
_reflns_shell.number_unique_gt                              ? 
_reflns_shell.percent_possible_gt                           ? 
_reflns_shell.Rmerge_F_gt                                   ? 
_reflns_shell.Rmerge_I_gt                                   ? 
_reflns_shell.pdbx_redundancy                               4.4 
_reflns_shell.pdbx_chi_squared                              ? 
_reflns_shell.pdbx_netI_over_sigmaI_all                     ? 
_reflns_shell.pdbx_netI_over_sigmaI_obs                     1.9 
_reflns_shell.pdbx_Rrim_I_all                               0.779 
_reflns_shell.pdbx_Rpim_I_all                               0.367 
_reflns_shell.pdbx_rejects                                  ? 
_reflns_shell.pdbx_ordinal                                  1 
_reflns_shell.pdbx_diffrn_id                                1 
_reflns_shell.pdbx_CC_half                                  0.681 
_reflns_shell.pdbx_CC_star                                  ? 
_reflns_shell.pdbx_R_split                                  ? 
_reflns_shell.percent_possible_all                          ? 
_reflns_shell.Rmerge_I_all                                  ? 
_reflns_shell.Rmerge_I_obs                                  0.683 
_reflns_shell.pdbx_Rsym_value                               ? 
_reflns_shell.pdbx_percent_possible_ellipsoidal             ? 
_reflns_shell.pdbx_percent_possible_spherical               ? 
_reflns_shell.pdbx_percent_possible_ellipsoidal_anomalous   ? 
_reflns_shell.pdbx_percent_possible_spherical_anomalous     ? 
_reflns_shell.pdbx_redundancy_anomalous                     ? 
_reflns_shell.pdbx_CC_half_anomalous                        ? 
_reflns_shell.pdbx_absDiff_over_sigma_anomalous             ? 
_reflns_shell.pdbx_percent_possible_anomalous               ? 
# 
_refine.aniso_B[1][1]                            ? 
_refine.aniso_B[1][2]                            ? 
_refine.aniso_B[1][3]                            ? 
_refine.aniso_B[2][2]                            ? 
_refine.aniso_B[2][3]                            ? 
_refine.aniso_B[3][3]                            ? 
_refine.B_iso_max                                ? 
_refine.B_iso_mean                               ? 
_refine.B_iso_min                                ? 
_refine.correlation_coeff_Fo_to_Fc               ? 
_refine.correlation_coeff_Fo_to_Fc_free          ? 
_refine.details                                  ? 
_refine.diff_density_max                         ? 
_refine.diff_density_max_esd                     ? 
_refine.diff_density_min                         ? 
_refine.diff_density_min_esd                     ? 
_refine.diff_density_rms                         ? 
_refine.diff_density_rms_esd                     ? 
_refine.entry_id                                 8HTR 
_refine.pdbx_refine_id                           'X-RAY DIFFRACTION' 
_refine.ls_abs_structure_details                 ? 
_refine.ls_abs_structure_Flack                   ? 
_refine.ls_abs_structure_Flack_esd               ? 
_refine.ls_abs_structure_Rogers                  ? 
_refine.ls_abs_structure_Rogers_esd              ? 
_refine.ls_d_res_high                            1.60 
_refine.ls_d_res_low                             31.00 
_refine.ls_extinction_coef                       ? 
_refine.ls_extinction_coef_esd                   ? 
_refine.ls_extinction_expression                 ? 
_refine.ls_extinction_method                     ? 
_refine.ls_goodness_of_fit_all                   ? 
_refine.ls_goodness_of_fit_all_esd               ? 
_refine.ls_goodness_of_fit_obs                   ? 
_refine.ls_goodness_of_fit_obs_esd               ? 
_refine.ls_hydrogen_treatment                    ? 
_refine.ls_matrix_type                           ? 
_refine.ls_number_constraints                    ? 
_refine.ls_number_parameters                     ? 
_refine.ls_number_reflns_all                     ? 
_refine.ls_number_reflns_obs                     17202 
_refine.ls_number_reflns_R_free                  1782 
_refine.ls_number_reflns_R_work                  ? 
_refine.ls_number_restraints                     ? 
_refine.ls_percent_reflns_obs                    96.52 
_refine.ls_percent_reflns_R_free                 10.36 
_refine.ls_R_factor_all                          ? 
_refine.ls_R_factor_obs                          0.1986 
_refine.ls_R_factor_R_free                       0.2331 
_refine.ls_R_factor_R_free_error                 ? 
_refine.ls_R_factor_R_free_error_details         ? 
_refine.ls_R_factor_R_work                       0.1948 
_refine.ls_R_Fsqd_factor_obs                     ? 
_refine.ls_R_I_factor_obs                        ? 
_refine.ls_redundancy_reflns_all                 ? 
_refine.ls_redundancy_reflns_obs                 ? 
_refine.ls_restrained_S_all                      ? 
_refine.ls_restrained_S_obs                      ? 
_refine.ls_shift_over_esd_max                    ? 
_refine.ls_shift_over_esd_mean                   ? 
_refine.ls_structure_factor_coef                 ? 
_refine.ls_weighting_details                     ? 
_refine.ls_weighting_scheme                      ? 
_refine.ls_wR_factor_all                         ? 
_refine.ls_wR_factor_obs                         ? 
_refine.ls_wR_factor_R_free                      ? 
_refine.ls_wR_factor_R_work                      ? 
_refine.occupancy_max                            ? 
_refine.occupancy_min                            ? 
_refine.solvent_model_details                    'FLAT BULK SOLVENT MODEL' 
_refine.solvent_model_param_bsol                 ? 
_refine.solvent_model_param_ksol                 ? 
_refine.pdbx_R_complete                          ? 
_refine.ls_R_factor_gt                           ? 
_refine.ls_goodness_of_fit_gt                    ? 
_refine.ls_goodness_of_fit_ref                   ? 
_refine.ls_shift_over_su_max                     ? 
_refine.ls_shift_over_su_max_lt                  ? 
_refine.ls_shift_over_su_mean                    ? 
_refine.ls_shift_over_su_mean_lt                 ? 
_refine.pdbx_ls_sigma_I                          ? 
_refine.pdbx_ls_sigma_F                          1.37 
_refine.pdbx_ls_sigma_Fsqd                       ? 
_refine.pdbx_data_cutoff_high_absF               ? 
_refine.pdbx_data_cutoff_high_rms_absF           ? 
_refine.pdbx_data_cutoff_low_absF                ? 
_refine.pdbx_isotropic_thermal_model             ? 
_refine.pdbx_ls_cross_valid_method               'FREE R-VALUE' 
_refine.pdbx_method_to_determine_struct          'MOLECULAR REPLACEMENT' 
_refine.pdbx_starting_model                      5VAU 
_refine.pdbx_stereochemistry_target_values       ML 
_refine.pdbx_R_Free_selection_details            ? 
_refine.pdbx_stereochem_target_val_spec_case     ? 
_refine.pdbx_overall_ESU_R                       ? 
_refine.pdbx_overall_ESU_R_Free                  ? 
_refine.pdbx_solvent_vdw_probe_radii             1.11 
_refine.pdbx_solvent_ion_probe_radii             ? 
_refine.pdbx_solvent_shrinkage_radii             0.90 
_refine.pdbx_real_space_R                        ? 
_refine.pdbx_density_correlation                 ? 
_refine.pdbx_pd_number_of_powder_patterns        ? 
_refine.pdbx_pd_number_of_points                 ? 
_refine.pdbx_pd_meas_number_of_points            ? 
_refine.pdbx_pd_proc_ls_prof_R_factor            ? 
_refine.pdbx_pd_proc_ls_prof_wR_factor           ? 
_refine.pdbx_pd_Marquardt_correlation_coeff      ? 
_refine.pdbx_pd_Fsqrd_R_factor                   ? 
_refine.pdbx_pd_ls_matrix_band_width             ? 
_refine.pdbx_overall_phase_error                 27.01 
_refine.pdbx_overall_SU_R_free_Cruickshank_DPI   ? 
_refine.pdbx_overall_SU_R_free_Blow_DPI          ? 
_refine.pdbx_overall_SU_R_Blow_DPI               ? 
_refine.pdbx_TLS_residual_ADP_flag               ? 
_refine.pdbx_diffrn_id                           1 
_refine.overall_SU_B                             ? 
_refine.overall_SU_ML                            0.17 
_refine.overall_SU_R_Cruickshank_DPI             ? 
_refine.overall_SU_R_free                        ? 
_refine.overall_FOM_free_R_set                   ? 
_refine.overall_FOM_work_R_set                   ? 
_refine.pdbx_average_fsc_overall                 ? 
_refine.pdbx_average_fsc_work                    ? 
_refine.pdbx_average_fsc_free                    ? 
# 
_refine_hist.pdbx_refine_id                   'X-RAY DIFFRACTION' 
_refine_hist.cycle_id                         LAST 
_refine_hist.pdbx_number_atoms_protein        1171 
_refine_hist.pdbx_number_atoms_nucleic_acid   0 
_refine_hist.pdbx_number_atoms_ligand         57 
_refine_hist.number_atoms_solvent             60 
_refine_hist.number_atoms_total               1288 
_refine_hist.d_res_high                       1.60 
_refine_hist.d_res_low                        31.00 
# 
loop_
_refine_ls_restr.pdbx_refine_id 
_refine_ls_restr.criterion 
_refine_ls_restr.dev_ideal 
_refine_ls_restr.dev_ideal_target 
_refine_ls_restr.number 
_refine_ls_restr.rejects 
_refine_ls_restr.type 
_refine_ls_restr.weight 
_refine_ls_restr.pdbx_restraint_function 
'X-RAY DIFFRACTION' ? 0.007 ? 1269 ? f_bond_d           ? ? 
'X-RAY DIFFRACTION' ? 0.873 ? 1720 ? f_angle_d          ? ? 
'X-RAY DIFFRACTION' ? 8.963 ? 217  ? f_dihedral_angle_d ? ? 
'X-RAY DIFFRACTION' ? 0.052 ? 167  ? f_chiral_restr     ? ? 
'X-RAY DIFFRACTION' ? 0.011 ? 217  ? f_plane_restr      ? ? 
# 
loop_
_refine_ls_shell.pdbx_refine_id 
_refine_ls_shell.d_res_high 
_refine_ls_shell.d_res_low 
_refine_ls_shell.number_reflns_all 
_refine_ls_shell.number_reflns_obs 
_refine_ls_shell.number_reflns_R_free 
_refine_ls_shell.number_reflns_R_work 
_refine_ls_shell.percent_reflns_obs 
_refine_ls_shell.percent_reflns_R_free 
_refine_ls_shell.R_factor_all 
_refine_ls_shell.R_factor_obs 
_refine_ls_shell.R_factor_R_free_error 
_refine_ls_shell.R_factor_R_work 
_refine_ls_shell.redundancy_reflns_all 
_refine_ls_shell.redundancy_reflns_obs 
_refine_ls_shell.wR_factor_all 
_refine_ls_shell.wR_factor_obs 
_refine_ls_shell.wR_factor_R_free 
_refine_ls_shell.wR_factor_R_work 
_refine_ls_shell.pdbx_R_complete 
_refine_ls_shell.pdbx_total_number_of_bins_used 
_refine_ls_shell.pdbx_phase_error 
_refine_ls_shell.pdbx_fsc_work 
_refine_ls_shell.pdbx_fsc_free 
_refine_ls_shell.R_factor_R_free 
'X-RAY DIFFRACTION' 1.60 1.64  . . 103 1009 82.00 . . . . 0.2706 . . . . . . . . . . . 0.3525 
'X-RAY DIFFRACTION' 1.64 1.69  . . 145 1087 90.00 . . . . 0.2589 . . . . . . . . . . . 0.2872 
'X-RAY DIFFRACTION' 1.69 1.75  . . 143 1193 98.00 . . . . 0.2231 . . . . . . . . . . . 0.2577 
'X-RAY DIFFRACTION' 1.75 1.81  . . 130 1209 99.00 . . . . 0.2167 . . . . . . . . . . . 0.3258 
'X-RAY DIFFRACTION' 1.81 1.88  . . 128 1224 99.00 . . . . 0.2059 . . . . . . . . . . . 0.2201 
'X-RAY DIFFRACTION' 1.88 1.97  . . 144 1199 99.00 . . . . 0.2008 . . . . . . . . . . . 0.2570 
'X-RAY DIFFRACTION' 1.97 2.07  . . 151 1204 99.00 . . . . 0.1957 . . . . . . . . . . . 0.2268 
'X-RAY DIFFRACTION' 2.07 2.20  . . 124 1199 97.00 . . . . 0.1962 . . . . . . . . . . . 0.2520 
'X-RAY DIFFRACTION' 2.20 2.37  . . 158 1214 99.00 . . . . 0.1905 . . . . . . . . . . . 0.2361 
'X-RAY DIFFRACTION' 2.37 2.61  . . 154 1192 99.00 . . . . 0.2061 . . . . . . . . . . . 0.2243 
'X-RAY DIFFRACTION' 2.61 2.99  . . 135 1217 98.00 . . . . 0.2049 . . . . . . . . . . . 0.2542 
'X-RAY DIFFRACTION' 2.99 3.76  . . 140 1213 98.00 . . . . 0.1827 . . . . . . . . . . . 0.2110 
'X-RAY DIFFRACTION' 3.76 31.00 . . 127 1260 97.00 . . . . 0.1834 . . . . . . . . . . . 0.2179 
# 
_struct.entry_id                     8HTR 
_struct.title                        'Crystal structure of Bcl2 in complex with S-9c' 
_struct.pdbx_model_details           ? 
_struct.pdbx_formula_weight          ? 
_struct.pdbx_formula_weight_method   ? 
_struct.pdbx_model_type_details      ? 
_struct.pdbx_CASP_flag               N 
# 
_struct_keywords.entry_id        8HTR 
_struct_keywords.text            'Inhibitor, APOPTOSIS' 
_struct_keywords.pdbx_keywords   APOPTOSIS 
# 
loop_
_struct_asym.id 
_struct_asym.pdbx_blank_PDB_chainid_flag 
_struct_asym.pdbx_modified 
_struct_asym.entity_id 
_struct_asym.details 
A N N 1 ? 
B N N 2 ? 
C N N 3 ? 
# 
_struct_ref.id                         1 
_struct_ref.db_name                    PDB 
_struct_ref.db_code                    8HTR 
_struct_ref.pdbx_db_accession          8HTR 
_struct_ref.pdbx_db_isoform            ? 
_struct_ref.entity_id                  1 
_struct_ref.pdbx_seq_one_letter_code   ? 
_struct_ref.pdbx_align_begin           1 
# 
_struct_ref_seq.align_id                      1 
_struct_ref_seq.ref_id                        1 
_struct_ref_seq.pdbx_PDB_id_code              8HTR 
_struct_ref_seq.pdbx_strand_id                A 
_struct_ref_seq.seq_align_beg                 1 
_struct_ref_seq.pdbx_seq_align_beg_ins_code   ? 
_struct_ref_seq.seq_align_end                 171 
_struct_ref_seq.pdbx_seq_align_end_ins_code   ? 
_struct_ref_seq.pdbx_db_accession             8HTR 
_struct_ref_seq.db_align_beg                  -4 
_struct_ref_seq.pdbx_db_align_beg_ins_code    ? 
_struct_ref_seq.db_align_end                  207 
_struct_ref_seq.pdbx_db_align_end_ins_code    ? 
_struct_ref_seq.pdbx_auth_seq_align_beg       -4 
_struct_ref_seq.pdbx_auth_seq_align_end       207 
# 
_pdbx_struct_assembly.id                   1 
_pdbx_struct_assembly.details              author_defined_assembly 
_pdbx_struct_assembly.method_details       ? 
_pdbx_struct_assembly.oligomeric_details   monomeric 
_pdbx_struct_assembly.oligomeric_count     1 
# 
_pdbx_struct_assembly_gen.assembly_id       1 
_pdbx_struct_assembly_gen.oper_expression   1 
_pdbx_struct_assembly_gen.asym_id_list      A,B,C 
# 
_pdbx_struct_assembly_auth_evidence.id                     1 
_pdbx_struct_assembly_auth_evidence.assembly_id            1 
_pdbx_struct_assembly_auth_evidence.experimental_support   'gel filtration' 
_pdbx_struct_assembly_auth_evidence.details                ? 
# 
_pdbx_struct_oper_list.id                   1 
_pdbx_struct_oper_list.type                 'identity operation' 
_pdbx_struct_oper_list.name                 1_555 
_pdbx_struct_oper_list.symmetry_operation   x,y,z 
_pdbx_struct_oper_list.matrix[1][1]         1.0000000000 
_pdbx_struct_oper_list.matrix[1][2]         0.0000000000 
_pdbx_struct_oper_list.matrix[1][3]         0.0000000000 
_pdbx_struct_oper_list.vector[1]            0.0000000000 
_pdbx_struct_oper_list.matrix[2][1]         0.0000000000 
_pdbx_struct_oper_list.matrix[2][2]         1.0000000000 
_pdbx_struct_oper_list.matrix[2][3]         0.0000000000 
_pdbx_struct_oper_list.vector[2]            0.0000000000 
_pdbx_struct_oper_list.matrix[3][1]         0.0000000000 
_pdbx_struct_oper_list.matrix[3][2]         0.0000000000 
_pdbx_struct_oper_list.matrix[3][3]         1.0000000000 
_pdbx_struct_oper_list.vector[3]            0.0000000000 
# 
loop_
_struct_conf.conf_type_id 
_struct_conf.id 
_struct_conf.pdbx_PDB_helix_id 
_struct_conf.beg_label_comp_id 
_struct_conf.beg_label_asym_id 
_struct_conf.beg_label_seq_id 
_struct_conf.pdbx_beg_PDB_ins_code 
_struct_conf.end_label_comp_id 
_struct_conf.end_label_asym_id 
_struct_conf.end_label_seq_id 
_struct_conf.pdbx_end_PDB_ins_code 
_struct_conf.beg_auth_comp_id 
_struct_conf.beg_auth_asym_id 
_struct_conf.beg_auth_seq_id 
_struct_conf.end_auth_comp_id 
_struct_conf.end_auth_asym_id 
_struct_conf.end_auth_seq_id 
_struct_conf.pdbx_PDB_helix_class 
_struct_conf.details 
_struct_conf.pdbx_PDB_helix_length 
HELX_P HELX_P1 AA1 ARG A 11  ? ARG A 31  ? ARG A 6   ARG A 26  1 ? 21 
HELX_P HELX_P2 AA2 GLU A 55  ? TYR A 72  ? GLU A 50  TYR A 108 1 ? 18 
HELX_P HELX_P3 AA3 TYR A 72  ? HIS A 84  ? TYR A 108 HIS A 120 1 ? 13 
HELX_P HELX_P4 AA4 THR A 89  ? PHE A 102 ? THR A 125 PHE A 138 1 ? 14 
HELX_P HELX_P5 AA5 ASN A 107 ? ARG A 128 ? ASN A 143 ARG A 164 1 ? 22 
HELX_P HELX_P6 AA6 PRO A 132 ? LEU A 149 ? PRO A 168 LEU A 185 1 ? 18 
HELX_P HELX_P7 AA7 LEU A 149 ? ASN A 156 ? LEU A 185 ASN A 192 1 ? 8  
HELX_P HELX_P8 AA8 GLY A 157 ? GLY A 167 ? GLY A 193 GLY A 203 1 ? 11 
# 
_struct_conf_type.id          HELX_P 
_struct_conf_type.criteria    ? 
_struct_conf_type.reference   ? 
# 
_pdbx_entry_details.entry_id                 8HTR 
_pdbx_entry_details.has_ligand_of_interest   Y 
_pdbx_entry_details.compound_details         ? 
_pdbx_entry_details.source_details           ? 
_pdbx_entry_details.nonpolymer_details       ? 
_pdbx_entry_details.sequence_details         ? 
# 
loop_
_pdbx_unobs_or_zero_occ_residues.id 
_pdbx_unobs_or_zero_occ_residues.PDB_model_num 
_pdbx_unobs_or_zero_occ_residues.polymer_flag 
_pdbx_unobs_or_zero_occ_residues.occupancy_flag 
_pdbx_unobs_or_zero_occ_residues.auth_asym_id 
_pdbx_unobs_or_zero_occ_residues.auth_comp_id 
_pdbx_unobs_or_zero_occ_residues.auth_seq_id 
_pdbx_unobs_or_zero_occ_residues.PDB_ins_code 
_pdbx_unobs_or_zero_occ_residues.label_asym_id 
_pdbx_unobs_or_zero_occ_residues.label_comp_id 
_pdbx_unobs_or_zero_occ_residues.label_seq_id 
1  1 Y 1 A GLY -4  ? A GLY 1   
2  1 Y 1 A PRO -3  ? A PRO 2   
3  1 Y 1 A LEU -2  ? A LEU 3   
4  1 Y 1 A GLY -1  ? A GLY 4   
5  1 Y 1 A SER 0   ? A SER 5   
6  1 Y 1 A MET 1   ? A MET 6   
7  1 Y 1 A ALA 2   ? A ALA 7   
8  1 Y 1 A HIS 3   ? A HIS 8   
9  1 Y 1 A ALA 4   ? A ALA 9   
10 1 Y 1 A GLY 5   ? A GLY 10  
11 1 Y 1 A ASP 31  ? A ASP 36  
12 1 Y 1 A ALA 32  ? A ALA 37  
13 1 Y 1 A GLY 33  ? A GLY 38  
14 1 Y 1 A ASP 34  ? A ASP 39  
15 1 Y 1 A ASP 35  ? A ASP 40  
16 1 Y 1 A VAL 36  ? A VAL 41  
17 1 Y 1 A GLU 37  ? A GLU 42  
18 1 Y 1 A GLU 38  ? A GLU 43  
19 1 Y 1 A ASN 39  ? A ASN 44  
20 1 Y 1 A ARG 40  ? A ARG 45  
21 1 Y 1 A THR 41  ? A THR 46  
22 1 Y 1 A GLU 42  ? A GLU 47  
23 1 Y 1 A ALA 43  ? A ALA 48  
24 1 Y 1 A PRO 44  ? A PRO 49  
25 1 Y 1 A GLU 45  ? A GLU 50  
26 1 Y 1 A GLY 46  ? A GLY 51  
27 1 Y 1 A THR 47  ? A THR 52  
28 1 Y 1 A GLU 48  ? A GLU 53  
29 1 Y 1 A SER 205 ? A SER 169 
30 1 Y 1 A MET 206 ? A MET 170 
31 1 Y 1 A ARG 207 ? A ARG 171 
# 
loop_
_chem_comp_atom.comp_id 
_chem_comp_atom.atom_id 
_chem_comp_atom.type_symbol 
_chem_comp_atom.pdbx_aromatic_flag 
_chem_comp_atom.pdbx_stereo_config 
_chem_comp_atom.pdbx_ordinal 
ALA N    N  N N 1   
ALA CA   C  N S 2   
ALA C    C  N N 3   
ALA O    O  N N 4   
ALA CB   C  N N 5   
ALA OXT  O  N N 6   
ALA H    H  N N 7   
ALA H2   H  N N 8   
ALA HA   H  N N 9   
ALA HB1  H  N N 10  
ALA HB2  H  N N 11  
ALA HB3  H  N N 12  
ALA HXT  H  N N 13  
ARG N    N  N N 14  
ARG CA   C  N S 15  
ARG C    C  N N 16  
ARG O    O  N N 17  
ARG CB   C  N N 18  
ARG CG   C  N N 19  
ARG CD   C  N N 20  
ARG NE   N  N N 21  
ARG CZ   C  N N 22  
ARG NH1  N  N N 23  
ARG NH2  N  N N 24  
ARG OXT  O  N N 25  
ARG H    H  N N 26  
ARG H2   H  N N 27  
ARG HA   H  N N 28  
ARG HB2  H  N N 29  
ARG HB3  H  N N 30  
ARG HG2  H  N N 31  
ARG HG3  H  N N 32  
ARG HD2  H  N N 33  
ARG HD3  H  N N 34  
ARG HE   H  N N 35  
ARG HH11 H  N N 36  
ARG HH12 H  N N 37  
ARG HH21 H  N N 38  
ARG HH22 H  N N 39  
ARG HXT  H  N N 40  
ASN N    N  N N 41  
ASN CA   C  N S 42  
ASN C    C  N N 43  
ASN O    O  N N 44  
ASN CB   C  N N 45  
ASN CG   C  N N 46  
ASN OD1  O  N N 47  
ASN ND2  N  N N 48  
ASN OXT  O  N N 49  
ASN H    H  N N 50  
ASN H2   H  N N 51  
ASN HA   H  N N 52  
ASN HB2  H  N N 53  
ASN HB3  H  N N 54  
ASN HD21 H  N N 55  
ASN HD22 H  N N 56  
ASN HXT  H  N N 57  
ASP N    N  N N 58  
ASP CA   C  N S 59  
ASP C    C  N N 60  
ASP O    O  N N 61  
ASP CB   C  N N 62  
ASP CG   C  N N 63  
ASP OD1  O  N N 64  
ASP OD2  O  N N 65  
ASP OXT  O  N N 66  
ASP H    H  N N 67  
ASP H2   H  N N 68  
ASP HA   H  N N 69  
ASP HB2  H  N N 70  
ASP HB3  H  N N 71  
ASP HD2  H  N N 72  
ASP HXT  H  N N 73  
CYS N    N  N N 74  
CYS CA   C  N R 75  
CYS C    C  N N 76  
CYS O    O  N N 77  
CYS CB   C  N N 78  
CYS SG   S  N N 79  
CYS OXT  O  N N 80  
CYS H    H  N N 81  
CYS H2   H  N N 82  
CYS HA   H  N N 83  
CYS HB2  H  N N 84  
CYS HB3  H  N N 85  
CYS HG   H  N N 86  
CYS HXT  H  N N 87  
GLN N    N  N N 88  
GLN CA   C  N S 89  
GLN C    C  N N 90  
GLN O    O  N N 91  
GLN CB   C  N N 92  
GLN CG   C  N N 93  
GLN CD   C  N N 94  
GLN OE1  O  N N 95  
GLN NE2  N  N N 96  
GLN OXT  O  N N 97  
GLN H    H  N N 98  
GLN H2   H  N N 99  
GLN HA   H  N N 100 
GLN HB2  H  N N 101 
GLN HB3  H  N N 102 
GLN HG2  H  N N 103 
GLN HG3  H  N N 104 
GLN HE21 H  N N 105 
GLN HE22 H  N N 106 
GLN HXT  H  N N 107 
GLU N    N  N N 108 
GLU CA   C  N S 109 
GLU C    C  N N 110 
GLU O    O  N N 111 
GLU CB   C  N N 112 
GLU CG   C  N N 113 
GLU CD   C  N N 114 
GLU OE1  O  N N 115 
GLU OE2  O  N N 116 
GLU OXT  O  N N 117 
GLU H    H  N N 118 
GLU H2   H  N N 119 
GLU HA   H  N N 120 
GLU HB2  H  N N 121 
GLU HB3  H  N N 122 
GLU HG2  H  N N 123 
GLU HG3  H  N N 124 
GLU HE2  H  N N 125 
GLU HXT  H  N N 126 
GLY N    N  N N 127 
GLY CA   C  N N 128 
GLY C    C  N N 129 
GLY O    O  N N 130 
GLY OXT  O  N N 131 
GLY H    H  N N 132 
GLY H2   H  N N 133 
GLY HA2  H  N N 134 
GLY HA3  H  N N 135 
GLY HXT  H  N N 136 
HIS N    N  N N 137 
HIS CA   C  N S 138 
HIS C    C  N N 139 
HIS O    O  N N 140 
HIS CB   C  N N 141 
HIS CG   C  Y N 142 
HIS ND1  N  Y N 143 
HIS CD2  C  Y N 144 
HIS CE1  C  Y N 145 
HIS NE2  N  Y N 146 
HIS OXT  O  N N 147 
HIS H    H  N N 148 
HIS H2   H  N N 149 
HIS HA   H  N N 150 
HIS HB2  H  N N 151 
HIS HB3  H  N N 152 
HIS HD1  H  N N 153 
HIS HD2  H  N N 154 
HIS HE1  H  N N 155 
HIS HE2  H  N N 156 
HIS HXT  H  N N 157 
HOH O    O  N N 158 
HOH H1   H  N N 159 
HOH H2   H  N N 160 
ILE N    N  N N 161 
ILE CA   C  N S 162 
ILE C    C  N N 163 
ILE O    O  N N 164 
ILE CB   C  N S 165 
ILE CG1  C  N N 166 
ILE CG2  C  N N 167 
ILE CD1  C  N N 168 
ILE OXT  O  N N 169 
ILE H    H  N N 170 
ILE H2   H  N N 171 
ILE HA   H  N N 172 
ILE HB   H  N N 173 
ILE HG12 H  N N 174 
ILE HG13 H  N N 175 
ILE HG21 H  N N 176 
ILE HG22 H  N N 177 
ILE HG23 H  N N 178 
ILE HD11 H  N N 179 
ILE HD12 H  N N 180 
ILE HD13 H  N N 181 
ILE HXT  H  N N 182 
LEU N    N  N N 183 
LEU CA   C  N S 184 
LEU C    C  N N 185 
LEU O    O  N N 186 
LEU CB   C  N N 187 
LEU CG   C  N N 188 
LEU CD1  C  N N 189 
LEU CD2  C  N N 190 
LEU OXT  O  N N 191 
LEU H    H  N N 192 
LEU H2   H  N N 193 
LEU HA   H  N N 194 
LEU HB2  H  N N 195 
LEU HB3  H  N N 196 
LEU HG   H  N N 197 
LEU HD11 H  N N 198 
LEU HD12 H  N N 199 
LEU HD13 H  N N 200 
LEU HD21 H  N N 201 
LEU HD22 H  N N 202 
LEU HD23 H  N N 203 
LEU HXT  H  N N 204 
LYS N    N  N N 205 
LYS CA   C  N S 206 
LYS C    C  N N 207 
LYS O    O  N N 208 
LYS CB   C  N N 209 
LYS CG   C  N N 210 
LYS CD   C  N N 211 
LYS CE   C  N N 212 
LYS NZ   N  N N 213 
LYS OXT  O  N N 214 
LYS H    H  N N 215 
LYS H2   H  N N 216 
LYS HA   H  N N 217 
LYS HB2  H  N N 218 
LYS HB3  H  N N 219 
LYS HG2  H  N N 220 
LYS HG3  H  N N 221 
LYS HD2  H  N N 222 
LYS HD3  H  N N 223 
LYS HE2  H  N N 224 
LYS HE3  H  N N 225 
LYS HZ1  H  N N 226 
LYS HZ2  H  N N 227 
LYS HZ3  H  N N 228 
LYS HXT  H  N N 229 
MET N    N  N N 230 
MET CA   C  N S 231 
MET C    C  N N 232 
MET O    O  N N 233 
MET CB   C  N N 234 
MET CG   C  N N 235 
MET SD   S  N N 236 
MET CE   C  N N 237 
MET OXT  O  N N 238 
MET H    H  N N 239 
MET H2   H  N N 240 
MET HA   H  N N 241 
MET HB2  H  N N 242 
MET HB3  H  N N 243 
MET HG2  H  N N 244 
MET HG3  H  N N 245 
MET HE1  H  N N 246 
MET HE2  H  N N 247 
MET HE3  H  N N 248 
MET HXT  H  N N 249 
MWH N1   N  N N 250 
MWH N3   N  N N 251 
MWH C4   C  Y N 252 
MWH C5   C  Y N 253 
MWH C6   C  Y N 254 
MWH C7   C  N N 255 
MWH C8   C  N N 256 
MWH C10  C  N N 257 
MWH C13  C  N N 258 
MWH C15  C  Y N 259 
MWH C17  C  Y N 260 
MWH C20  C  Y N 261 
MWH C21  C  Y N 262 
MWH C22  C  Y N 263 
MWH C24  C  Y N 264 
MWH C26  C  Y N 265 
MWH C28  C  Y N 266 
MWH C1   C  Y N 267 
MWH C11  C  N N 268 
MWH C12  C  N N 269 
MWH C14  C  Y N 270 
MWH C16  C  Y N 271 
MWH C18  C  Y N 272 
MWH C19  C  Y N 273 
MWH C2   C  Y N 274 
MWH C23  C  Y N 275 
MWH C25  C  Y N 276 
MWH C27  C  Y N 277 
MWH C29  C  Y N 278 
MWH C3   C  Y N 279 
MWH C30  C  Y N 280 
MWH C31  C  Y N 281 
MWH C32  C  Y N 282 
MWH C33  C  N N 283 
MWH C34  C  N N 284 
MWH C35  C  N N 285 
MWH C36  C  N S 286 
MWH C37  C  Y N 287 
MWH C38  C  Y N 288 
MWH C39  C  Y N 289 
MWH C40  C  Y N 290 
MWH C41  C  Y N 291 
MWH C42  C  Y N 292 
MWH C9   C  N N 293 
MWH N2   N  N N 294 
MWH N4   N  Y N 295 
MWH N5   N  Y N 296 
MWH N6   N  N N 297 
MWH O1   O  N N 298 
MWH O2   O  N N 299 
MWH O3   O  N N 300 
MWH O4   O  N N 301 
MWH O5   O  N N 302 
MWH O6   O  N N 303 
MWH O7   O  N N 304 
MWH S1   S  N N 305 
MWH CL1  CL N N 306 
MWH H1   H  N N 307 
MWH H2   H  N N 308 
MWH H3   H  N N 309 
MWH H4   H  N N 310 
MWH H5   H  N N 311 
MWH H6   H  N N 312 
MWH H7   H  N N 313 
MWH H8   H  N N 314 
MWH H9   H  N N 315 
MWH H10  H  N N 316 
MWH H11  H  N N 317 
MWH H12  H  N N 318 
MWH H13  H  N N 319 
MWH H14  H  N N 320 
MWH H15  H  N N 321 
MWH H16  H  N N 322 
MWH H17  H  N N 323 
MWH H18  H  N N 324 
MWH H19  H  N N 325 
MWH H20  H  N N 326 
MWH H21  H  N N 327 
MWH H22  H  N N 328 
MWH H23  H  N N 329 
MWH H24  H  N N 330 
MWH H25  H  N N 331 
MWH H26  H  N N 332 
MWH H27  H  N N 333 
MWH H28  H  N N 334 
MWH H29  H  N N 335 
MWH H30  H  N N 336 
MWH H31  H  N N 337 
MWH H32  H  N N 338 
MWH H33  H  N N 339 
MWH H34  H  N N 340 
MWH H35  H  N N 341 
MWH H36  H  N N 342 
MWH H37  H  N N 343 
MWH H38  H  N N 344 
MWH H39  H  N N 345 
PHE N    N  N N 346 
PHE CA   C  N S 347 
PHE C    C  N N 348 
PHE O    O  N N 349 
PHE CB   C  N N 350 
PHE CG   C  Y N 351 
PHE CD1  C  Y N 352 
PHE CD2  C  Y N 353 
PHE CE1  C  Y N 354 
PHE CE2  C  Y N 355 
PHE CZ   C  Y N 356 
PHE OXT  O  N N 357 
PHE H    H  N N 358 
PHE H2   H  N N 359 
PHE HA   H  N N 360 
PHE HB2  H  N N 361 
PHE HB3  H  N N 362 
PHE HD1  H  N N 363 
PHE HD2  H  N N 364 
PHE HE1  H  N N 365 
PHE HE2  H  N N 366 
PHE HZ   H  N N 367 
PHE HXT  H  N N 368 
PRO N    N  N N 369 
PRO CA   C  N S 370 
PRO C    C  N N 371 
PRO O    O  N N 372 
PRO CB   C  N N 373 
PRO CG   C  N N 374 
PRO CD   C  N N 375 
PRO OXT  O  N N 376 
PRO H    H  N N 377 
PRO HA   H  N N 378 
PRO HB2  H  N N 379 
PRO HB3  H  N N 380 
PRO HG2  H  N N 381 
PRO HG3  H  N N 382 
PRO HD2  H  N N 383 
PRO HD3  H  N N 384 
PRO HXT  H  N N 385 
SER N    N  N N 386 
SER CA   C  N S 387 
SER C    C  N N 388 
SER O    O  N N 389 
SER CB   C  N N 390 
SER OG   O  N N 391 
SER OXT  O  N N 392 
SER H    H  N N 393 
SER H2   H  N N 394 
SER HA   H  N N 395 
SER HB2  H  N N 396 
SER HB3  H  N N 397 
SER HG   H  N N 398 
SER HXT  H  N N 399 
THR N    N  N N 400 
THR CA   C  N S 401 
THR C    C  N N 402 
THR O    O  N N 403 
THR CB   C  N R 404 
THR OG1  O  N N 405 
THR CG2  C  N N 406 
THR OXT  O  N N 407 
THR H    H  N N 408 
THR H2   H  N N 409 
THR HA   H  N N 410 
THR HB   H  N N 411 
THR HG1  H  N N 412 
THR HG21 H  N N 413 
THR HG22 H  N N 414 
THR HG23 H  N N 415 
THR HXT  H  N N 416 
TRP N    N  N N 417 
TRP CA   C  N S 418 
TRP C    C  N N 419 
TRP O    O  N N 420 
TRP CB   C  N N 421 
TRP CG   C  Y N 422 
TRP CD1  C  Y N 423 
TRP CD2  C  Y N 424 
TRP NE1  N  Y N 425 
TRP CE2  C  Y N 426 
TRP CE3  C  Y N 427 
TRP CZ2  C  Y N 428 
TRP CZ3  C  Y N 429 
TRP CH2  C  Y N 430 
TRP OXT  O  N N 431 
TRP H    H  N N 432 
TRP H2   H  N N 433 
TRP HA   H  N N 434 
TRP HB2  H  N N 435 
TRP HB3  H  N N 436 
TRP HD1  H  N N 437 
TRP HE1  H  N N 438 
TRP HE3  H  N N 439 
TRP HZ2  H  N N 440 
TRP HZ3  H  N N 441 
TRP HH2  H  N N 442 
TRP HXT  H  N N 443 
TYR N    N  N N 444 
TYR CA   C  N S 445 
TYR C    C  N N 446 
TYR O    O  N N 447 
TYR CB   C  N N 448 
TYR CG   C  Y N 449 
TYR CD1  C  Y N 450 
TYR CD2  C  Y N 451 
TYR CE1  C  Y N 452 
TYR CE2  C  Y N 453 
TYR CZ   C  Y N 454 
TYR OH   O  N N 455 
TYR OXT  O  N N 456 
TYR H    H  N N 457 
TYR H2   H  N N 458 
TYR HA   H  N N 459 
TYR HB2  H  N N 460 
TYR HB3  H  N N 461 
TYR HD1  H  N N 462 
TYR HD2  H  N N 463 
TYR HE1  H  N N 464 
TYR HE2  H  N N 465 
TYR HH   H  N N 466 
TYR HXT  H  N N 467 
VAL N    N  N N 468 
VAL CA   C  N S 469 
VAL C    C  N N 470 
VAL O    O  N N 471 
VAL CB   C  N N 472 
VAL CG1  C  N N 473 
VAL CG2  C  N N 474 
VAL OXT  O  N N 475 
VAL H    H  N N 476 
VAL H2   H  N N 477 
VAL HA   H  N N 478 
VAL HB   H  N N 479 
VAL HG11 H  N N 480 
VAL HG12 H  N N 481 
VAL HG13 H  N N 482 
VAL HG21 H  N N 483 
VAL HG22 H  N N 484 
VAL HG23 H  N N 485 
VAL HXT  H  N N 486 
# 
loop_
_chem_comp_bond.comp_id 
_chem_comp_bond.atom_id_1 
_chem_comp_bond.atom_id_2 
_chem_comp_bond.value_order 
_chem_comp_bond.pdbx_aromatic_flag 
_chem_comp_bond.pdbx_stereo_config 
_chem_comp_bond.pdbx_ordinal 
ALA N   CA   sing N N 1   
ALA N   H    sing N N 2   
ALA N   H2   sing N N 3   
ALA CA  C    sing N N 4   
ALA CA  CB   sing N N 5   
ALA CA  HA   sing N N 6   
ALA C   O    doub N N 7   
ALA C   OXT  sing N N 8   
ALA CB  HB1  sing N N 9   
ALA CB  HB2  sing N N 10  
ALA CB  HB3  sing N N 11  
ALA OXT HXT  sing N N 12  
ARG N   CA   sing N N 13  
ARG N   H    sing N N 14  
ARG N   H2   sing N N 15  
ARG CA  C    sing N N 16  
ARG CA  CB   sing N N 17  
ARG CA  HA   sing N N 18  
ARG C   O    doub N N 19  
ARG C   OXT  sing N N 20  
ARG CB  CG   sing N N 21  
ARG CB  HB2  sing N N 22  
ARG CB  HB3  sing N N 23  
ARG CG  CD   sing N N 24  
ARG CG  HG2  sing N N 25  
ARG CG  HG3  sing N N 26  
ARG CD  NE   sing N N 27  
ARG CD  HD2  sing N N 28  
ARG CD  HD3  sing N N 29  
ARG NE  CZ   sing N N 30  
ARG NE  HE   sing N N 31  
ARG CZ  NH1  sing N N 32  
ARG CZ  NH2  doub N N 33  
ARG NH1 HH11 sing N N 34  
ARG NH1 HH12 sing N N 35  
ARG NH2 HH21 sing N N 36  
ARG NH2 HH22 sing N N 37  
ARG OXT HXT  sing N N 38  
ASN N   CA   sing N N 39  
ASN N   H    sing N N 40  
ASN N   H2   sing N N 41  
ASN CA  C    sing N N 42  
ASN CA  CB   sing N N 43  
ASN CA  HA   sing N N 44  
ASN C   O    doub N N 45  
ASN C   OXT  sing N N 46  
ASN CB  CG   sing N N 47  
ASN CB  HB2  sing N N 48  
ASN CB  HB3  sing N N 49  
ASN CG  OD1  doub N N 50  
ASN CG  ND2  sing N N 51  
ASN ND2 HD21 sing N N 52  
ASN ND2 HD22 sing N N 53  
ASN OXT HXT  sing N N 54  
ASP N   CA   sing N N 55  
ASP N   H    sing N N 56  
ASP N   H2   sing N N 57  
ASP CA  C    sing N N 58  
ASP CA  CB   sing N N 59  
ASP CA  HA   sing N N 60  
ASP C   O    doub N N 61  
ASP C   OXT  sing N N 62  
ASP CB  CG   sing N N 63  
ASP CB  HB2  sing N N 64  
ASP CB  HB3  sing N N 65  
ASP CG  OD1  doub N N 66  
ASP CG  OD2  sing N N 67  
ASP OD2 HD2  sing N N 68  
ASP OXT HXT  sing N N 69  
CYS N   CA   sing N N 70  
CYS N   H    sing N N 71  
CYS N   H2   sing N N 72  
CYS CA  C    sing N N 73  
CYS CA  CB   sing N N 74  
CYS CA  HA   sing N N 75  
CYS C   O    doub N N 76  
CYS C   OXT  sing N N 77  
CYS CB  SG   sing N N 78  
CYS CB  HB2  sing N N 79  
CYS CB  HB3  sing N N 80  
CYS SG  HG   sing N N 81  
CYS OXT HXT  sing N N 82  
GLN N   CA   sing N N 83  
GLN N   H    sing N N 84  
GLN N   H2   sing N N 85  
GLN CA  C    sing N N 86  
GLN CA  CB   sing N N 87  
GLN CA  HA   sing N N 88  
GLN C   O    doub N N 89  
GLN C   OXT  sing N N 90  
GLN CB  CG   sing N N 91  
GLN CB  HB2  sing N N 92  
GLN CB  HB3  sing N N 93  
GLN CG  CD   sing N N 94  
GLN CG  HG2  sing N N 95  
GLN CG  HG3  sing N N 96  
GLN CD  OE1  doub N N 97  
GLN CD  NE2  sing N N 98  
GLN NE2 HE21 sing N N 99  
GLN NE2 HE22 sing N N 100 
GLN OXT HXT  sing N N 101 
GLU N   CA   sing N N 102 
GLU N   H    sing N N 103 
GLU N   H2   sing N N 104 
GLU CA  C    sing N N 105 
GLU CA  CB   sing N N 106 
GLU CA  HA   sing N N 107 
GLU C   O    doub N N 108 
GLU C   OXT  sing N N 109 
GLU CB  CG   sing N N 110 
GLU CB  HB2  sing N N 111 
GLU CB  HB3  sing N N 112 
GLU CG  CD   sing N N 113 
GLU CG  HG2  sing N N 114 
GLU CG  HG3  sing N N 115 
GLU CD  OE1  doub N N 116 
GLU CD  OE2  sing N N 117 
GLU OE2 HE2  sing N N 118 
GLU OXT HXT  sing N N 119 
GLY N   CA   sing N N 120 
GLY N   H    sing N N 121 
GLY N   H2   sing N N 122 
GLY CA  C    sing N N 123 
GLY CA  HA2  sing N N 124 
GLY CA  HA3  sing N N 125 
GLY C   O    doub N N 126 
GLY C   OXT  sing N N 127 
GLY OXT HXT  sing N N 128 
HIS N   CA   sing N N 129 
HIS N   H    sing N N 130 
HIS N   H2   sing N N 131 
HIS CA  C    sing N N 132 
HIS CA  CB   sing N N 133 
HIS CA  HA   sing N N 134 
HIS C   O    doub N N 135 
HIS C   OXT  sing N N 136 
HIS CB  CG   sing N N 137 
HIS CB  HB2  sing N N 138 
HIS CB  HB3  sing N N 139 
HIS CG  ND1  sing Y N 140 
HIS CG  CD2  doub Y N 141 
HIS ND1 CE1  doub Y N 142 
HIS ND1 HD1  sing N N 143 
HIS CD2 NE2  sing Y N 144 
HIS CD2 HD2  sing N N 145 
HIS CE1 NE2  sing Y N 146 
HIS CE1 HE1  sing N N 147 
HIS NE2 HE2  sing N N 148 
HIS OXT HXT  sing N N 149 
HOH O   H1   sing N N 150 
HOH O   H2   sing N N 151 
ILE N   CA   sing N N 152 
ILE N   H    sing N N 153 
ILE N   H2   sing N N 154 
ILE CA  C    sing N N 155 
ILE CA  CB   sing N N 156 
ILE CA  HA   sing N N 157 
ILE C   O    doub N N 158 
ILE C   OXT  sing N N 159 
ILE CB  CG1  sing N N 160 
ILE CB  CG2  sing N N 161 
ILE CB  HB   sing N N 162 
ILE CG1 CD1  sing N N 163 
ILE CG1 HG12 sing N N 164 
ILE CG1 HG13 sing N N 165 
ILE CG2 HG21 sing N N 166 
ILE CG2 HG22 sing N N 167 
ILE CG2 HG23 sing N N 168 
ILE CD1 HD11 sing N N 169 
ILE CD1 HD12 sing N N 170 
ILE CD1 HD13 sing N N 171 
ILE OXT HXT  sing N N 172 
LEU N   CA   sing N N 173 
LEU N   H    sing N N 174 
LEU N   H2   sing N N 175 
LEU CA  C    sing N N 176 
LEU CA  CB   sing N N 177 
LEU CA  HA   sing N N 178 
LEU C   O    doub N N 179 
LEU C   OXT  sing N N 180 
LEU CB  CG   sing N N 181 
LEU CB  HB2  sing N N 182 
LEU CB  HB3  sing N N 183 
LEU CG  CD1  sing N N 184 
LEU CG  CD2  sing N N 185 
LEU CG  HG   sing N N 186 
LEU CD1 HD11 sing N N 187 
LEU CD1 HD12 sing N N 188 
LEU CD1 HD13 sing N N 189 
LEU CD2 HD21 sing N N 190 
LEU CD2 HD22 sing N N 191 
LEU CD2 HD23 sing N N 192 
LEU OXT HXT  sing N N 193 
LYS N   CA   sing N N 194 
LYS N   H    sing N N 195 
LYS N   H2   sing N N 196 
LYS CA  C    sing N N 197 
LYS CA  CB   sing N N 198 
LYS CA  HA   sing N N 199 
LYS C   O    doub N N 200 
LYS C   OXT  sing N N 201 
LYS CB  CG   sing N N 202 
LYS CB  HB2  sing N N 203 
LYS CB  HB3  sing N N 204 
LYS CG  CD   sing N N 205 
LYS CG  HG2  sing N N 206 
LYS CG  HG3  sing N N 207 
LYS CD  CE   sing N N 208 
LYS CD  HD2  sing N N 209 
LYS CD  HD3  sing N N 210 
LYS CE  NZ   sing N N 211 
LYS CE  HE2  sing N N 212 
LYS CE  HE3  sing N N 213 
LYS NZ  HZ1  sing N N 214 
LYS NZ  HZ2  sing N N 215 
LYS NZ  HZ3  sing N N 216 
LYS OXT HXT  sing N N 217 
MET N   CA   sing N N 218 
MET N   H    sing N N 219 
MET N   H2   sing N N 220 
MET CA  C    sing N N 221 
MET CA  CB   sing N N 222 
MET CA  HA   sing N N 223 
MET C   O    doub N N 224 
MET C   OXT  sing N N 225 
MET CB  CG   sing N N 226 
MET CB  HB2  sing N N 227 
MET CB  HB3  sing N N 228 
MET CG  SD   sing N N 229 
MET CG  HG2  sing N N 230 
MET CG  HG3  sing N N 231 
MET SD  CE   sing N N 232 
MET CE  HE1  sing N N 233 
MET CE  HE2  sing N N 234 
MET CE  HE3  sing N N 235 
MET OXT HXT  sing N N 236 
MWH O1  N1   doub N N 237 
MWH N1  O2   sing N N 238 
MWH N1  C1   sing N N 239 
MWH O5  S1   doub N N 240 
MWH C2  C1   doub Y N 241 
MWH C2  C3   sing Y N 242 
MWH C1  C6   sing Y N 243 
MWH S1  C3   sing N N 244 
MWH S1  O4   doub N N 245 
MWH S1  N3   sing N N 246 
MWH C3  C4   doub Y N 247 
MWH C11 C12  sing N N 248 
MWH C11 O3   sing N N 249 
MWH C6  N2   sing N N 250 
MWH C6  C5   doub Y N 251 
MWH N2  C7   sing N N 252 
MWH C12 C8   sing N N 253 
MWH N3  C13  sing N N 254 
MWH O6  C13  doub N N 255 
MWH C4  C5   sing Y N 256 
MWH C24 C23  doub Y N 257 
MWH C24 C25  sing Y N 258 
MWH C13 C14  sing N N 259 
MWH C8  C7   sing N N 260 
MWH C8  C9   sing N N 261 
MWH O3  C10  sing N N 262 
MWH C15 C14  doub Y N 263 
MWH C15 C16  sing Y N 264 
MWH C23 N5   sing Y N 265 
MWH CL1 C42  sing N N 266 
MWH C14 C19  sing Y N 267 
MWH C16 C17  doub Y N 268 
MWH C25 C26  sing Y N 269 
MWH C25 C22  doub Y N 270 
MWH C26 C20  doub Y N 271 
MWH C10 C9   sing N N 272 
MWH C41 C42  doub Y N 273 
MWH C41 C40  sing Y N 274 
MWH C42 C37  sing Y N 275 
MWH N5  C22  sing Y N 276 
MWH C28 C29  doub Y N 277 
MWH C28 C27  sing Y N 278 
MWH C19 O7   sing N N 279 
MWH C19 C18  doub Y N 280 
MWH C22 N4   sing Y N 281 
MWH C17 C18  sing Y N 282 
MWH C17 C27  sing N N 283 
MWH C40 C39  doub Y N 284 
MWH C20 O7   sing N N 285 
MWH C20 C21  sing Y N 286 
MWH C29 C30  sing Y N 287 
MWH C27 C32  doub Y N 288 
MWH C37 C36  sing N N 289 
MWH C37 C38  doub Y N 290 
MWH N4  C21  doub Y N 291 
MWH C36 C35  sing N N 292 
MWH C36 N6   sing N N 293 
MWH C39 C38  sing Y N 294 
MWH C30 N6   sing N N 295 
MWH C30 C31  doub Y N 296 
MWH C32 C31  sing Y N 297 
MWH C35 C34  sing N N 298 
MWH N6  C33  sing N N 299 
MWH C33 C34  sing N N 300 
MWH N3  H1   sing N N 301 
MWH C4  H2   sing N N 302 
MWH C5  H3   sing N N 303 
MWH C7  H4   sing N N 304 
MWH C7  H5   sing N N 305 
MWH C8  H6   sing N N 306 
MWH C10 H7   sing N N 307 
MWH C10 H8   sing N N 308 
MWH C15 H9   sing N N 309 
MWH C21 H10  sing N N 310 
MWH C24 H11  sing N N 311 
MWH C26 H12  sing N N 312 
MWH C28 H13  sing N N 313 
MWH C11 H14  sing N N 314 
MWH C11 H15  sing N N 315 
MWH C12 H16  sing N N 316 
MWH C12 H17  sing N N 317 
MWH C16 H18  sing N N 318 
MWH C18 H19  sing N N 319 
MWH C2  H20  sing N N 320 
MWH C23 H21  sing N N 321 
MWH C29 H22  sing N N 322 
MWH C31 H23  sing N N 323 
MWH C32 H24  sing N N 324 
MWH C33 H25  sing N N 325 
MWH C33 H26  sing N N 326 
MWH C34 H27  sing N N 327 
MWH C34 H28  sing N N 328 
MWH C35 H29  sing N N 329 
MWH C35 H30  sing N N 330 
MWH C36 H31  sing N N 331 
MWH C38 H32  sing N N 332 
MWH C39 H33  sing N N 333 
MWH C40 H34  sing N N 334 
MWH C41 H35  sing N N 335 
MWH C9  H36  sing N N 336 
MWH C9  H37  sing N N 337 
MWH N2  H38  sing N N 338 
MWH N5  H39  sing N N 339 
PHE N   CA   sing N N 340 
PHE N   H    sing N N 341 
PHE N   H2   sing N N 342 
PHE CA  C    sing N N 343 
PHE CA  CB   sing N N 344 
PHE CA  HA   sing N N 345 
PHE C   O    doub N N 346 
PHE C   OXT  sing N N 347 
PHE CB  CG   sing N N 348 
PHE CB  HB2  sing N N 349 
PHE CB  HB3  sing N N 350 
PHE CG  CD1  doub Y N 351 
PHE CG  CD2  sing Y N 352 
PHE CD1 CE1  sing Y N 353 
PHE CD1 HD1  sing N N 354 
PHE CD2 CE2  doub Y N 355 
PHE CD2 HD2  sing N N 356 
PHE CE1 CZ   doub Y N 357 
PHE CE1 HE1  sing N N 358 
PHE CE2 CZ   sing Y N 359 
PHE CE2 HE2  sing N N 360 
PHE CZ  HZ   sing N N 361 
PHE OXT HXT  sing N N 362 
PRO N   CA   sing N N 363 
PRO N   CD   sing N N 364 
PRO N   H    sing N N 365 
PRO CA  C    sing N N 366 
PRO CA  CB   sing N N 367 
PRO CA  HA   sing N N 368 
PRO C   O    doub N N 369 
PRO C   OXT  sing N N 370 
PRO CB  CG   sing N N 371 
PRO CB  HB2  sing N N 372 
PRO CB  HB3  sing N N 373 
PRO CG  CD   sing N N 374 
PRO CG  HG2  sing N N 375 
PRO CG  HG3  sing N N 376 
PRO CD  HD2  sing N N 377 
PRO CD  HD3  sing N N 378 
PRO OXT HXT  sing N N 379 
SER N   CA   sing N N 380 
SER N   H    sing N N 381 
SER N   H2   sing N N 382 
SER CA  C    sing N N 383 
SER CA  CB   sing N N 384 
SER CA  HA   sing N N 385 
SER C   O    doub N N 386 
SER C   OXT  sing N N 387 
SER CB  OG   sing N N 388 
SER CB  HB2  sing N N 389 
SER CB  HB3  sing N N 390 
SER OG  HG   sing N N 391 
SER OXT HXT  sing N N 392 
THR N   CA   sing N N 393 
THR N   H    sing N N 394 
THR N   H2   sing N N 395 
THR CA  C    sing N N 396 
THR CA  CB   sing N N 397 
THR CA  HA   sing N N 398 
THR C   O    doub N N 399 
THR C   OXT  sing N N 400 
THR CB  OG1  sing N N 401 
THR CB  CG2  sing N N 402 
THR CB  HB   sing N N 403 
THR OG1 HG1  sing N N 404 
THR CG2 HG21 sing N N 405 
THR CG2 HG22 sing N N 406 
THR CG2 HG23 sing N N 407 
THR OXT HXT  sing N N 408 
TRP N   CA   sing N N 409 
TRP N   H    sing N N 410 
TRP N   H2   sing N N 411 
TRP CA  C    sing N N 412 
TRP CA  CB   sing N N 413 
TRP CA  HA   sing N N 414 
TRP C   O    doub N N 415 
TRP C   OXT  sing N N 416 
TRP CB  CG   sing N N 417 
TRP CB  HB2  sing N N 418 
TRP CB  HB3  sing N N 419 
TRP CG  CD1  doub Y N 420 
TRP CG  CD2  sing Y N 421 
TRP CD1 NE1  sing Y N 422 
TRP CD1 HD1  sing N N 423 
TRP CD2 CE2  doub Y N 424 
TRP CD2 CE3  sing Y N 425 
TRP NE1 CE2  sing Y N 426 
TRP NE1 HE1  sing N N 427 
TRP CE2 CZ2  sing Y N 428 
TRP CE3 CZ3  doub Y N 429 
TRP CE3 HE3  sing N N 430 
TRP CZ2 CH2  doub Y N 431 
TRP CZ2 HZ2  sing N N 432 
TRP CZ3 CH2  sing Y N 433 
TRP CZ3 HZ3  sing N N 434 
TRP CH2 HH2  sing N N 435 
TRP OXT HXT  sing N N 436 
TYR N   CA   sing N N 437 
TYR N   H    sing N N 438 
TYR N   H2   sing N N 439 
TYR CA  C    sing N N 440 
TYR CA  CB   sing N N 441 
TYR CA  HA   sing N N 442 
TYR C   O    doub N N 443 
TYR C   OXT  sing N N 444 
TYR CB  CG   sing N N 445 
TYR CB  HB2  sing N N 446 
TYR CB  HB3  sing N N 447 
TYR CG  CD1  doub Y N 448 
TYR CG  CD2  sing Y N 449 
TYR CD1 CE1  sing Y N 450 
TYR CD1 HD1  sing N N 451 
TYR CD2 CE2  doub Y N 452 
TYR CD2 HD2  sing N N 453 
TYR CE1 CZ   doub Y N 454 
TYR CE1 HE1  sing N N 455 
TYR CE2 CZ   sing Y N 456 
TYR CE2 HE2  sing N N 457 
TYR CZ  OH   sing N N 458 
TYR OH  HH   sing N N 459 
TYR OXT HXT  sing N N 460 
VAL N   CA   sing N N 461 
VAL N   H    sing N N 462 
VAL N   H2   sing N N 463 
VAL CA  C    sing N N 464 
VAL CA  CB   sing N N 465 
VAL CA  HA   sing N N 466 
VAL C   O    doub N N 467 
VAL C   OXT  sing N N 468 
VAL CB  CG1  sing N N 469 
VAL CB  CG2  sing N N 470 
VAL CB  HB   sing N N 471 
VAL CG1 HG11 sing N N 472 
VAL CG1 HG12 sing N N 473 
VAL CG1 HG13 sing N N 474 
VAL CG2 HG21 sing N N 475 
VAL CG2 HG22 sing N N 476 
VAL CG2 HG23 sing N N 477 
VAL OXT HXT  sing N N 478 
# 
_pdbx_audit_support.funding_organization   'Not funded' 
_pdbx_audit_support.country                ? 
_pdbx_audit_support.grant_number           ? 
_pdbx_audit_support.ordinal                1 
# 
_pdbx_entity_instance_feature.ordinal        1 
_pdbx_entity_instance_feature.comp_id        MWH 
_pdbx_entity_instance_feature.asym_id        ? 
_pdbx_entity_instance_feature.seq_num        ? 
_pdbx_entity_instance_feature.auth_comp_id   MWH 
_pdbx_entity_instance_feature.auth_asym_id   ? 
_pdbx_entity_instance_feature.auth_seq_num   ? 
_pdbx_entity_instance_feature.feature_type   'SUBJECT OF INVESTIGATION' 
_pdbx_entity_instance_feature.details        ? 
# 
_pdbx_initial_refinement_model.id               1 
_pdbx_initial_refinement_model.entity_id_list   ? 
_pdbx_initial_refinement_model.type             other 
_pdbx_initial_refinement_model.source_name      PDB 
_pdbx_initial_refinement_model.accession_code   5VAU 
_pdbx_initial_refinement_model.details          ? 
# 
_atom_sites.entry_id                    8HTR 
_atom_sites.Cartn_transf_matrix[1][1]   ? 
_atom_sites.Cartn_transf_matrix[1][2]   ? 
_atom_sites.Cartn_transf_matrix[1][3]   ? 
_atom_sites.Cartn_transf_matrix[2][1]   ? 
_atom_sites.Cartn_transf_matrix[2][2]   ? 
_atom_sites.Cartn_transf_matrix[2][3]   ? 
_atom_sites.Cartn_transf_matrix[3][1]   ? 
_atom_sites.Cartn_transf_matrix[3][2]   ? 
_atom_sites.Cartn_transf_matrix[3][3]   ? 
_atom_sites.Cartn_transf_vector[1]      ? 
_atom_sites.Cartn_transf_vector[2]      ? 
_atom_sites.Cartn_transf_vector[3]      ? 
_atom_sites.fract_transf_matrix[1][1]   0.01934513 
_atom_sites.fract_transf_matrix[1][2]   -0.01888723 
_atom_sites.fract_transf_matrix[1][3]   -0.01759714 
_atom_sites.fract_transf_matrix[2][1]   -0.01252385 
_atom_sites.fract_transf_matrix[2][2]   0.00609955 
_atom_sites.fract_transf_matrix[2][3]   -0.02031463 
_atom_sites.fract_transf_matrix[3][1]   0.01419352 
_atom_sites.fract_transf_matrix[3][2]   0.01170143 
_atom_sites.fract_transf_matrix[3][3]   -0.00523682 
_atom_sites.fract_transf_vector[1]      0.158582 
_atom_sites.fract_transf_vector[2]      0.147046 
_atom_sites.fract_transf_vector[3]      1.274370 
_atom_sites.solution_primary            ? 
_atom_sites.solution_secondary          ? 
_atom_sites.solution_hydrogens          ? 
_atom_sites.special_details             ? 
# 
loop_
_atom_type.symbol 
C  
CL 
N  
O  
S  
# 
loop_
_atom_site.group_PDB 
_atom_site.id 
_atom_site.type_symbol 
_atom_site.label_atom_id 
_atom_site.label_alt_id 
_atom_site.label_comp_id 
_atom_site.label_asym_id 
_atom_site.label_entity_id 
_atom_site.label_seq_id 
_atom_site.pdbx_PDB_ins_code 
_atom_site.Cartn_x 
_atom_site.Cartn_y 
_atom_site.Cartn_z 
_atom_site.occupancy 
_atom_site.B_iso_or_equiv 
_atom_site.pdbx_formal_charge 
_atom_site.auth_seq_id 
_atom_site.auth_comp_id 
_atom_site.auth_asym_id 
_atom_site.auth_atom_id 
_atom_site.pdbx_PDB_model_num 
ATOM   1    N  N   . ARG A 1 11  ? -14.868 -13.562 0.841   1.00 58.69 ?  6   ARG A N   1 
ATOM   2    C  CA  . ARG A 1 11  ? -15.610 -12.376 0.431   1.00 53.28 ?  6   ARG A CA  1 
ATOM   3    C  C   . ARG A 1 11  ? -14.665 -11.251 0.016   1.00 51.06 ?  6   ARG A C   1 
ATOM   4    O  O   . ARG A 1 11  ? -13.525 -11.497 -0.385  1.00 49.34 ?  6   ARG A O   1 
ATOM   5    C  CB  . ARG A 1 11  ? -16.536 -11.910 1.558   1.00 53.24 ?  6   ARG A CB  1 
ATOM   6    C  CG  . ARG A 1 11  ? -15.823 -11.681 2.883   1.00 50.57 ?  6   ARG A CG  1 
ATOM   7    C  CD  . ARG A 1 11  ? -16.805 -11.404 4.021   1.00 52.49 ?  6   ARG A CD  1 
ATOM   8    N  NE  . ARG A 1 11  ? -17.526 -10.147 3.860   1.00 57.41 ?  6   ARG A NE  1 
ATOM   9    C  CZ  . ARG A 1 11  ? -17.062 -8.962  4.234   1.00 55.34 ?  6   ARG A CZ  1 
ATOM   10   N  NH1 . ARG A 1 11  ? -15.860 -8.826  4.769   1.00 55.77 ?  6   ARG A NH1 1 
ATOM   11   N  NH2 . ARG A 1 11  ? -17.824 -7.884  4.068   1.00 56.03 ?  6   ARG A NH2 1 
ATOM   12   N  N   . THR A 1 12  ? -15.152 -10.012 0.106   1.00 51.97 ?  7   THR A N   1 
ATOM   13   C  CA  . THR A 1 12  ? -14.330 -8.867  -0.277  1.00 49.01 ?  7   THR A CA  1 
ATOM   14   C  C   . THR A 1 12  ? -13.157 -8.683  0.680   1.00 48.40 ?  7   THR A C   1 
ATOM   15   O  O   . THR A 1 12  ? -12.043 -8.359  0.252   1.00 48.46 ?  7   THR A O   1 
ATOM   16   C  CB  . THR A 1 12  ? -15.179 -7.599  -0.316  1.00 49.02 ?  7   THR A CB  1 
ATOM   17   O  OG1 . THR A 1 12  ? -16.077 -7.592  0.803   1.00 50.82 ?  7   THR A OG1 1 
ATOM   18   C  CG2 . THR A 1 12  ? -16.008 -7.553  -1.604  1.00 38.09 ?  7   THR A CG2 1 
ATOM   19   N  N   . GLY A 1 13  ? -13.387 -8.875  1.981   1.00 44.60 ?  8   GLY A N   1 
ATOM   20   C  CA  . GLY A 1 13  ? -12.312 -8.689  2.945   1.00 46.24 ?  8   GLY A CA  1 
ATOM   21   C  C   . GLY A 1 13  ? -11.191 -9.698  2.773   1.00 43.99 ?  8   GLY A C   1 
ATOM   22   O  O   . GLY A 1 13  ? -10.013 -9.372  2.956   1.00 40.91 ?  8   GLY A O   1 
ATOM   23   N  N   . TYR A 1 14  ? -11.542 -10.938 2.425   1.00 46.14 ?  9   TYR A N   1 
ATOM   24   C  CA  . TYR A 1 14  ? -10.518 -11.934 2.145   1.00 45.79 ?  9   TYR A CA  1 
ATOM   25   C  C   . TYR A 1 14  ? -9.713  -11.530 0.925   1.00 44.65 ?  9   TYR A C   1 
ATOM   26   O  O   . TYR A 1 14  ? -8.507  -11.802 0.853   1.00 45.84 ?  9   TYR A O   1 
ATOM   27   C  CB  . TYR A 1 14  ? -11.142 -13.310 1.909   1.00 46.27 ?  9   TYR A CB  1 
ATOM   28   C  CG  . TYR A 1 14  ? -11.797 -13.936 3.120   1.00 50.75 ?  9   TYR A CG  1 
ATOM   29   C  CD1 . TYR A 1 14  ? -12.877 -13.320 3.746   1.00 50.30 ?  9   TYR A CD1 1 
ATOM   30   C  CD2 . TYR A 1 14  ? -11.321 -15.127 3.657   1.00 45.67 ?  9   TYR A CD2 1 
ATOM   31   C  CE1 . TYR A 1 14  ? -13.486 -13.882 4.847   1.00 47.72 ?  9   TYR A CE1 1 
ATOM   32   C  CE2 . TYR A 1 14  ? -11.923 -15.698 4.760   1.00 42.32 ?  9   TYR A CE2 1 
ATOM   33   C  CZ  . TYR A 1 14  ? -13.006 -15.069 5.353   1.00 43.78 ?  9   TYR A CZ  1 
ATOM   34   O  OH  . TYR A 1 14  ? -13.614 -15.629 6.458   1.00 44.64 ?  9   TYR A OH  1 
ATOM   35   N  N   . ASP A 1 15  ? -10.372 -10.894 -0.048  1.00 42.80 ?  10  ASP A N   1 
ATOM   36   C  CA  . ASP A 1 15  ? -9.663  -10.340 -1.192  1.00 43.78 ?  10  ASP A CA  1 
ATOM   37   C  C   . ASP A 1 15  ? -8.669  -9.272  -0.745  1.00 39.85 ?  10  ASP A C   1 
ATOM   38   O  O   . ASP A 1 15  ? -7.507  -9.291  -1.157  1.00 38.72 ?  10  ASP A O   1 
ATOM   39   C  CB  . ASP A 1 15  ? -10.648 -9.757  -2.210  1.00 43.97 ?  10  ASP A CB  1 
ATOM   40   C  CG  . ASP A 1 15  ? -11.594 -10.799 -2.793  1.00 52.64 ?  10  ASP A CG  1 
ATOM   41   O  OD1 . ASP A 1 15  ? -11.155 -11.943 -3.035  1.00 56.24 ?  10  ASP A OD1 1 
ATOM   42   O  OD2 . ASP A 1 15  ? -12.771 -10.458 -3.059  1.00 54.10 ?  10  ASP A OD2 1 
ATOM   43   N  N   . ASN A 1 16  ? -9.109  -8.340  0.110   1.00 37.73 ?  11  ASN A N   1 
ATOM   44   C  CA  . ASN A 1 16  ? -8.249  -7.213  0.480   1.00 31.20 ?  11  ASN A CA  1 
ATOM   45   C  C   . ASN A 1 16  ? -6.999  -7.673  1.226   1.00 34.07 ?  11  ASN A C   1 
ATOM   46   O  O   . ASN A 1 16  ? -5.898  -7.176  0.966   1.00 29.55 ?  11  ASN A O   1 
ATOM   47   C  CB  . ASN A 1 16  ? -9.019  -6.207  1.332   1.00 32.48 ?  11  ASN A CB  1 
ATOM   48   C  CG  . ASN A 1 16  ? -10.009 -5.397  0.528   1.00 35.60 ?  11  ASN A CG  1 
ATOM   49   O  OD1 . ASN A 1 16  ? -9.826  -5.180  -0.670  1.00 37.18 ?  11  ASN A OD1 1 
ATOM   50   N  ND2 . ASN A 1 16  ? -11.061 -4.938  1.186   1.00 39.39 ?  11  ASN A ND2 1 
ATOM   51   N  N   . ARG A 1 17  ? -7.142  -8.609  2.163   1.00 31.65 ?  12  ARG A N   1 
ATOM   52   C  CA  . ARG A 1 17  ? -5.962  -9.099  2.863   1.00 32.54 ?  12  ARG A CA  1 
ATOM   53   C  C   . ARG A 1 17  ? -5.006  -9.780  1.893   1.00 31.25 ?  12  ARG A C   1 
ATOM   54   O  O   . ARG A 1 17  ? -3.789  -9.556  1.951   1.00 28.98 ?  12  ARG A O   1 
ATOM   55   C  CB  . ARG A 1 17  ? -6.358  -10.046 3.995   1.00 31.75 ?  12  ARG A CB  1 
ATOM   56   C  CG  . ARG A 1 17  ? -5.158  -10.571 4.745   1.00 38.14 ?  12  ARG A CG  1 
ATOM   57   C  CD  . ARG A 1 17  ? -5.479  -10.889 6.189   1.00 38.40 ?  12  ARG A CD  1 
ATOM   58   N  NE  . ARG A 1 17  ? -4.250  -11.111 6.937   1.00 36.48 ?  12  ARG A NE  1 
ATOM   59   C  CZ  . ARG A 1 17  ? -3.594  -12.262 6.947   1.00 41.50 ?  12  ARG A CZ  1 
ATOM   60   N  NH1 . ARG A 1 17  ? -4.028  -13.307 6.260   1.00 43.23 ?  12  ARG A NH1 1 
ATOM   61   N  NH2 . ARG A 1 17  ? -2.473  -12.363 7.656   1.00 43.17 ?  12  ARG A NH2 1 
ATOM   62   N  N   . GLU A 1 18  ? -5.543  -10.584 0.972   1.00 32.56 ?  13  GLU A N   1 
ATOM   63   C  CA  . GLU A 1 18  ? -4.708  -11.202 -0.053  1.00 33.59 ?  13  GLU A CA  1 
ATOM   64   C  C   . GLU A 1 18  ? -4.071  -10.149 -0.949  1.00 27.17 ?  13  GLU A C   1 
ATOM   65   O  O   . GLU A 1 18  ? -2.892  -10.262 -1.307  1.00 27.15 ?  13  GLU A O   1 
ATOM   66   C  CB  . GLU A 1 18  ? -5.521  -12.189 -0.886  1.00 37.67 ?  13  GLU A CB  1 
ATOM   67   C  CG  . GLU A 1 18  ? -4.675  -13.003 -1.860  1.00 42.72 ?  13  GLU A CG  1 
ATOM   68   C  CD  . GLU A 1 18  ? -5.499  -13.799 -2.867  1.00 51.06 ?  13  GLU A CD  1 
ATOM   69   O  OE1 . GLU A 1 18  ? -6.688  -14.081 -2.596  1.00 57.52 ?  13  GLU A OE1 1 
ATOM   70   O  OE2 . GLU A 1 18  ? -4.953  -14.148 -3.934  1.00 53.45 ?  13  GLU A OE2 1 
ATOM   71   N  N   . ILE A 1 19  ? -4.827  -9.113  -1.323  1.00 27.96 ?  14  ILE A N   1 
ATOM   72   C  CA  . ILE A 1 19  ? -4.255  -8.065  -2.163  1.00 26.01 ?  14  ILE A CA  1 
ATOM   73   C  C   . ILE A 1 19  ? -3.079  -7.390  -1.462  1.00 23.73 ?  14  ILE A C   1 
ATOM   74   O  O   . ILE A 1 19  ? -2.038  -7.147  -2.085  1.00 23.06 ?  14  ILE A O   1 
ATOM   75   C  CB  . ILE A 1 19  ? -5.340  -7.055  -2.589  1.00 25.53 ?  14  ILE A CB  1 
ATOM   76   C  CG1 . ILE A 1 19  ? -6.373  -7.759  -3.466  1.00 27.61 ?  14  ILE A CG1 1 
ATOM   77   C  CG2 . ILE A 1 19  ? -4.739  -5.885  -3.340  1.00 26.21 ?  14  ILE A CG2 1 
ATOM   78   C  CD1 . ILE A 1 19  ? -7.647  -6.937  -3.691  1.00 33.75 ?  14  ILE A CD1 1 
ATOM   79   N  N   . VAL A 1 20  ? -3.215  -7.102  -0.159  1.00 24.78 ?  15  VAL A N   1 
ATOM   80   C  CA  . VAL A 1 20  ? -2.126  -6.477  0.602   1.00 26.53 ?  15  VAL A CA  1 
ATOM   81   C  C   . VAL A 1 20  ? -0.911  -7.397  0.666   1.00 24.56 ?  15  VAL A C   1 
ATOM   82   O  O   . VAL A 1 20  ? 0.226   -6.975  0.396   1.00 23.06 ?  15  VAL A O   1 
ATOM   83   C  CB  . VAL A 1 20  ? -2.600  -6.095  2.015   1.00 26.11 ?  15  VAL A CB  1 
ATOM   84   C  CG1 . VAL A 1 20  ? -1.387  -5.817  2.966   1.00 23.37 ?  15  VAL A CG1 1 
ATOM   85   C  CG2 . VAL A 1 20  ? -3.504  -4.906  1.948   1.00 26.12 ?  15  VAL A CG2 1 
ATOM   86   N  N   . MET A 1 21  ? -1.129  -8.661  1.043   1.00 26.86 ?  16  MET A N   1 
ATOM   87   C  CA  . MET A 1 21  ? 0.000   -9.580  1.196   1.00 24.66 ?  16  MET A CA  1 
ATOM   88   C  C   . MET A 1 21  ? 0.751   -9.785  -0.108  1.00 28.09 ?  16  MET A C   1 
ATOM   89   O  O   . MET A 1 21  ? 1.986   -9.780  -0.121  1.00 26.84 ?  16  MET A O   1 
ATOM   90   C  CB  . MET A 1 21  ? -0.464  -10.921 1.764   1.00 30.82 ?  16  MET A CB  1 
ATOM   91   C  CG  . MET A 1 21  ? -1.342  -10.774 2.984   1.00 36.69 ?  16  MET A CG  1 
ATOM   92   S  SD  . MET A 1 21  ? -0.365  -10.148 4.365   1.00 42.45 ?  16  MET A SD  1 
ATOM   93   C  CE  . MET A 1 21  ? 0.189   -11.687 5.092   1.00 47.37 ?  16  MET A CE  1 
ATOM   94   N  N   . LYS A 1 22  ? 0.032   -9.965  -1.223  1.00 24.85 ?  17  LYS A N   1 
ATOM   95   C  CA  . LYS A 1 22  ? 0.733   -10.121 -2.495  1.00 28.85 ?  17  LYS A CA  1 
ATOM   96   C  C   . LYS A 1 22  ? 1.454   -8.842  -2.916  1.00 25.88 ?  17  LYS A C   1 
ATOM   97   O  O   . LYS A 1 22  ? 2.530   -8.923  -3.524  1.00 25.65 ?  17  LYS A O   1 
ATOM   98   C  CB  . LYS A 1 22  ? -0.234  -10.576 -3.589  1.00 29.36 ?  17  LYS A CB  1 
ATOM   99   C  CG  . LYS A 1 22  ? -1.079  -11.785 -3.227  1.00 35.22 ?  17  LYS A CG  1 
ATOM   100  C  CD  . LYS A 1 22  ? -1.176  -12.766 -4.393  1.00 43.32 ?  17  LYS A CD  1 
ATOM   101  C  CE  . LYS A 1 22  ? -1.216  -14.213 -3.918  1.00 46.97 ?  17  LYS A CE  1 
ATOM   102  N  NZ  . LYS A 1 22  ? -0.035  -14.579 -3.083  1.00 49.74 ?  17  LYS A NZ  1 
ATOM   103  N  N   . TYR A 1 23  ? 0.899   -7.663  -2.603  1.00 23.34 ?  18  TYR A N   1 
ATOM   104  C  CA  . TYR A 1 23  ? 1.569   -6.420  -2.984  1.00 25.25 ?  18  TYR A CA  1 
ATOM   105  C  C   . TYR A 1 23  ? 2.872   -6.256  -2.229  1.00 21.16 ?  18  TYR A C   1 
ATOM   106  O  O   . TYR A 1 23  ? 3.913   -5.937  -2.825  1.00 21.10 ?  18  TYR A O   1 
ATOM   107  C  CB  . TYR A 1 23  ? 0.697   -5.197  -2.711  1.00 27.29 ?  18  TYR A CB  1 
ATOM   108  C  CG  . TYR A 1 23  ? 1.276   -3.964  -3.367  1.00 25.64 ?  18  TYR A CG  1 
ATOM   109  C  CD1 . TYR A 1 23  ? 1.095   -3.757  -4.721  1.00 29.17 ?  18  TYR A CD1 1 
ATOM   110  C  CD2 . TYR A 1 23  ? 2.054   -3.038  -2.661  1.00 28.21 ?  18  TYR A CD2 1 
ATOM   111  C  CE1 . TYR A 1 23  ? 1.610   -2.660  -5.360  1.00 32.95 ?  18  TYR A CE1 1 
ATOM   112  C  CE2 . TYR A 1 23  ? 2.588   -1.908  -3.327  1.00 29.51 ?  18  TYR A CE2 1 
ATOM   113  C  CZ  . TYR A 1 23  ? 2.350   -1.742  -4.675  1.00 32.85 ?  18  TYR A CZ  1 
ATOM   114  O  OH  . TYR A 1 23  ? 2.841   -0.660  -5.388  1.00 38.44 ?  18  TYR A OH  1 
ATOM   115  N  N   . ILE A 1 24  ? 2.815   -6.435  -0.911  1.00 23.38 ?  19  ILE A N   1 
ATOM   116  C  CA  . ILE A 1 24  ? 4.007   -6.283  -0.088  1.00 22.40 ?  19  ILE A CA  1 
ATOM   117  C  C   . ILE A 1 24  ? 5.032   -7.319  -0.490  1.00 23.33 ?  19  ILE A C   1 
ATOM   118  O  O   . ILE A 1 24  ? 6.228   -7.026  -0.589  1.00 22.31 ?  19  ILE A O   1 
ATOM   119  C  CB  . ILE A 1 24  ? 3.647   -6.404  1.400   1.00 21.53 ?  19  ILE A CB  1 
ATOM   120  C  CG1 . ILE A 1 24  ? 2.847   -5.187  1.861   1.00 23.80 ?  19  ILE A CG1 1 
ATOM   121  C  CG2 . ILE A 1 24  ? 4.926   -6.552  2.238   1.00 25.61 ?  19  ILE A CG2 1 
ATOM   122  C  CD1 . ILE A 1 24  ? 2.228   -5.396  3.247   1.00 28.56 ?  19  ILE A CD1 1 
ATOM   123  N  N   . HIS A 1 25  ? 4.575   -8.540  -0.762  1.00 21.61 ?  20  HIS A N   1 
ATOM   124  C  CA  . HIS A 1 25  ? 5.507   -9.592  -1.139  1.00 25.05 ?  20  HIS A CA  1 
ATOM   125  C  C   . HIS A 1 25  ? 6.288   -9.205  -2.381  1.00 25.05 ?  20  HIS A C   1 
ATOM   126  O  O   . HIS A 1 25  ? 7.514   -9.371  -2.430  1.00 26.76 ?  20  HIS A O   1 
ATOM   127  C  CB  . HIS A 1 25  ? 4.775   -10.911 -1.361  1.00 28.07 ?  20  HIS A CB  1 
ATOM   128  C  CG  . HIS A 1 25  ? 5.703   -12.075 -1.481  1.00 33.29 ?  20  HIS A CG  1 
ATOM   129  N  ND1 . HIS A 1 25  ? 6.245   -12.476 -2.680  1.00 40.79 ?  20  HIS A ND1 1 
ATOM   130  C  CD2 . HIS A 1 25  ? 6.232   -12.890 -0.538  1.00 37.27 ?  20  HIS A CD2 1 
ATOM   131  C  CE1 . HIS A 1 25  ? 7.047   -13.506 -2.476  1.00 36.87 ?  20  HIS A CE1 1 
ATOM   132  N  NE2 . HIS A 1 25  ? 7.056   -13.777 -1.185  1.00 40.72 ?  20  HIS A NE2 1 
ATOM   133  N  N   . TYR A 1 26  ? 5.594   -8.647  -3.388  1.00 21.13 ?  21  TYR A N   1 
ATOM   134  C  CA  . TYR A 1 26  ? 6.271   -8.197  -4.598  1.00 22.33 ?  21  TYR A CA  1 
ATOM   135  C  C   . TYR A 1 26  ? 7.209   -7.035  -4.321  1.00 24.39 ?  21  TYR A C   1 
ATOM   136  O  O   . TYR A 1 26  ? 8.338   -7.008  -4.826  1.00 26.52 ?  21  TYR A O   1 
ATOM   137  C  CB  . TYR A 1 26  ? 5.238   -7.801  -5.656  1.00 23.96 ?  21  TYR A CB  1 
ATOM   138  C  CG  . TYR A 1 26  ? 5.833   -7.039  -6.817  1.00 31.53 ?  21  TYR A CG  1 
ATOM   139  C  CD1 . TYR A 1 26  ? 6.708   -7.660  -7.700  1.00 37.17 ?  21  TYR A CD1 1 
ATOM   140  C  CD2 . TYR A 1 26  ? 5.501   -5.703  -7.049  1.00 34.74 ?  21  TYR A CD2 1 
ATOM   141  C  CE1 . TYR A 1 26  ? 7.255   -6.974  -8.773  1.00 35.71 ?  21  TYR A CE1 1 
ATOM   142  C  CE2 . TYR A 1 26  ? 6.046   -5.004  -8.124  1.00 37.37 ?  21  TYR A CE2 1 
ATOM   143  C  CZ  . TYR A 1 26  ? 6.921   -5.654  -8.983  1.00 40.79 ?  21  TYR A CZ  1 
ATOM   144  O  OH  . TYR A 1 26  ? 7.466   -4.988  -10.061 1.00 42.42 ?  21  TYR A OH  1 
ATOM   145  N  N   . LYS A 1 27  ? 6.768   -6.064  -3.520  1.00 22.73 ?  22  LYS A N   1 
ATOM   146  C  CA  . LYS A 1 27  ? 7.620   -4.907  -3.273  1.00 21.43 ?  22  LYS A CA  1 
ATOM   147  C  C   . LYS A 1 27  ? 8.901   -5.330  -2.576  1.00 22.35 ?  22  LYS A C   1 
ATOM   148  O  O   . LYS A 1 27  ? 9.986   -4.826  -2.882  1.00 23.57 ?  22  LYS A O   1 
ATOM   149  C  CB  . LYS A 1 27  ? 6.885   -3.866  -2.435  1.00 23.62 ?  22  LYS A CB  1 
ATOM   150  C  CG  . LYS A 1 27  ? 5.893   -3.024  -3.222  1.00 28.56 ?  22  LYS A CG  1 
ATOM   151  C  CD  . LYS A 1 27  ? 6.529   -1.864  -3.991  1.00 33.77 ?  22  LYS A CD  1 
ATOM   152  C  CE  . LYS A 1 27  ? 6.904   -2.305  -5.407  1.00 41.84 ?  22  LYS A CE  1 
ATOM   153  N  NZ  . LYS A 1 27  ? 6.928   -1.213  -6.438  1.00 39.94 ?  22  LYS A NZ  1 
ATOM   154  N  N   . LEU A 1 28  ? 8.803   -6.285  -1.666  1.00 22.27 ?  23  LEU A N   1 
ATOM   155  C  CA  . LEU A 1 28  ? 10.002  -6.707  -0.951  1.00 22.78 ?  23  LEU A CA  1 
ATOM   156  C  C   . LEU A 1 28  ? 10.877  -7.586  -1.837  1.00 27.13 ?  23  LEU A C   1 
ATOM   157  O  O   . LEU A 1 28  ? 12.110  -7.516  -1.777  1.00 27.84 ?  23  LEU A O   1 
ATOM   158  C  CB  . LEU A 1 28  ? 9.602   -7.438  0.326   1.00 24.43 ?  23  LEU A CB  1 
ATOM   159  C  CG  . LEU A 1 28  ? 9.042   -6.501  1.405   1.00 23.79 ?  23  LEU A CG  1 
ATOM   160  C  CD1 . LEU A 1 28  ? 8.570   -7.287  2.609   1.00 24.31 ?  23  LEU A CD1 1 
ATOM   161  C  CD2 . LEU A 1 28  ? 10.057  -5.425  1.829   1.00 26.52 ?  23  LEU A CD2 1 
ATOM   162  N  N   . SER A 1 29  ? 10.254  -8.407  -2.681  1.00 25.50 ?  24  SER A N   1 
ATOM   163  C  CA  . SER A 1 29  ? 11.029  -9.233  -3.598  1.00 26.67 ?  24  SER A CA  1 
ATOM   164  C  C   . SER A 1 29  ? 11.844  -8.385  -4.561  1.00 29.81 ?  24  SER A C   1 
ATOM   165  O  O   . SER A 1 29  ? 12.961  -8.768  -4.940  1.00 31.82 ?  24  SER A O   1 
ATOM   166  C  CB  . SER A 1 29  ? 10.095  -10.159 -4.366  1.00 32.09 ?  24  SER A CB  1 
ATOM   167  O  OG  . SER A 1 29  ? 10.820  -11.231 -4.925  1.00 37.69 ?  24  SER A OG  1 
ATOM   168  N  N   . GLN A 1 30  ? 11.298  -7.238  -4.968  1.00 28.33 ?  25  GLN A N   1 
ATOM   169  C  CA  . GLN A 1 30  ? 12.031  -6.305  -5.816  1.00 30.23 ?  25  GLN A CA  1 
ATOM   170  C  C   . GLN A 1 30  ? 13.361  -5.905  -5.195  1.00 32.83 ?  25  GLN A C   1 
ATOM   171  O  O   . GLN A 1 30  ? 14.330  -5.640  -5.917  1.00 34.87 ?  25  GLN A O   1 
ATOM   172  C  CB  . GLN A 1 30  ? 11.171  -5.068  -6.056  1.00 35.75 ?  25  GLN A CB  1 
ATOM   173  C  CG  . GLN A 1 30  ? 11.315  -4.438  -7.410  1.00 39.19 ?  25  GLN A CG  1 
ATOM   174  C  CD  . GLN A 1 30  ? 10.203  -3.461  -7.685  1.00 43.06 ?  25  GLN A CD  1 
ATOM   175  O  OE1 . GLN A 1 30  ? 9.747   -2.759  -6.781  1.00 39.57 ?  25  GLN A OE1 1 
ATOM   176  N  NE2 . GLN A 1 30  ? 9.761   -3.396  -8.937  1.00 41.15 ?  25  GLN A NE2 1 
ATOM   177  N  N   . ARG A 1 31  ? 13.424  -5.864  -3.866  1.00 30.34 ?  26  ARG A N   1 
ATOM   178  C  CA  . ARG A 1 31  ? 14.608  -5.463  -3.118  1.00 29.29 ?  26  ARG A CA  1 
ATOM   179  C  C   . ARG A 1 31  ? 15.445  -6.648  -2.644  1.00 31.68 ?  26  ARG A C   1 
ATOM   180  O  O   . ARG A 1 31  ? 16.352  -6.466  -1.820  1.00 29.87 ?  26  ARG A O   1 
ATOM   181  C  CB  . ARG A 1 31  ? 14.192  -4.610  -1.917  1.00 30.29 ?  26  ARG A CB  1 
ATOM   182  C  CG  . ARG A 1 31  ? 13.329  -3.411  -2.257  1.00 32.91 ?  26  ARG A CG  1 
ATOM   183  C  CD  . ARG A 1 31  ? 14.066  -2.428  -3.152  1.00 36.25 ?  26  ARG A CD  1 
ATOM   184  N  NE  . ARG A 1 31  ? 13.166  -1.486  -3.802  1.00 40.35 ?  26  ARG A NE  1 
ATOM   185  C  CZ  . ARG A 1 31  ? 13.520  -0.682  -4.795  1.00 47.48 ?  26  ARG A CZ  1 
ATOM   186  N  NH1 . ARG A 1 31  ? 14.759  -0.658  -5.254  1.00 49.38 ?  26  ARG A NH1 1 
ATOM   187  N  NH2 . ARG A 1 31  ? 12.603  0.107   -5.353  1.00 47.19 ?  26  ARG A NH2 1 
ATOM   188  N  N   . GLY A 1 32  ? 15.140  -7.858  -3.105  1.00 29.89 ?  27  GLY A N   1 
ATOM   189  C  CA  . GLY A 1 32  ? 15.885  -9.037  -2.726  1.00 30.65 ?  27  GLY A CA  1 
ATOM   190  C  C   . GLY A 1 32  ? 15.540  -9.641  -1.383  1.00 32.95 ?  27  GLY A C   1 
ATOM   191  O  O   . GLY A 1 32  ? 16.320  -10.454 -0.876  1.00 37.81 ?  27  GLY A O   1 
ATOM   192  N  N   . TYR A 1 33  ? 14.410  -9.272  -0.778  1.00 26.01 ?  28  TYR A N   1 
ATOM   193  C  CA  . TYR A 1 33  ? 13.995  -9.816  0.511   1.00 27.83 ?  28  TYR A CA  1 
ATOM   194  C  C   . TYR A 1 33  ? 12.815  -10.753 0.298   1.00 32.10 ?  28  TYR A C   1 
ATOM   195  O  O   . TYR A 1 33  ? 11.832  -10.384 -0.358  1.00 32.76 ?  28  TYR A O   1 
ATOM   196  C  CB  . TYR A 1 33  ? 13.623  -8.694  1.488   1.00 27.96 ?  28  TYR A CB  1 
ATOM   197  C  CG  . TYR A 1 33  ? 13.156  -9.164  2.856   1.00 29.29 ?  28  TYR A CG  1 
ATOM   198  C  CD1 . TYR A 1 33  ? 14.071  -9.416  3.871   1.00 33.97 ?  28  TYR A CD1 1 
ATOM   199  C  CD2 . TYR A 1 33  ? 11.808  -9.330  3.140   1.00 27.70 ?  28  TYR A CD2 1 
ATOM   200  C  CE1 . TYR A 1 33  ? 13.655  -9.838  5.120   1.00 33.49 ?  28  TYR A CE1 1 
ATOM   201  C  CE2 . TYR A 1 33  ? 11.379  -9.747  4.394   1.00 32.57 ?  28  TYR A CE2 1 
ATOM   202  C  CZ  . TYR A 1 33  ? 12.309  -10.007 5.379   1.00 35.35 ?  28  TYR A CZ  1 
ATOM   203  O  OH  . TYR A 1 33  ? 11.891  -10.424 6.626   1.00 38.22 ?  28  TYR A OH  1 
ATOM   204  N  N   . GLU A 1 34  ? 12.915  -11.963 0.841   1.00 33.41 ?  29  GLU A N   1 
ATOM   205  C  CA  . GLU A 1 34  ? 11.876  -12.971 0.696   1.00 37.34 ?  29  GLU A CA  1 
ATOM   206  C  C   . GLU A 1 34  ? 11.049  -12.996 1.978   1.00 34.48 ?  29  GLU A C   1 
ATOM   207  O  O   . GLU A 1 34  ? 11.538  -13.390 3.042   1.00 36.70 ?  29  GLU A O   1 
ATOM   208  C  CB  . GLU A 1 34  ? 12.481  -14.336 0.372   1.00 36.46 ?  29  GLU A CB  1 
ATOM   209  C  CG  . GLU A 1 34  ? 11.452  -15.416 0.092   1.00 42.06 ?  29  GLU A CG  1 
ATOM   210  C  CD  . GLU A 1 34  ? 11.435  -16.490 1.159   1.00 51.92 ?  29  GLU A CD  1 
ATOM   211  O  OE1 . GLU A 1 34  ? 12.457  -17.201 1.301   1.00 52.56 ?  29  GLU A OE1 1 
ATOM   212  O  OE2 . GLU A 1 34  ? 10.402  -16.627 1.856   1.00 54.83 ?  29  GLU A OE2 1 
ATOM   213  N  N   . TRP A 1 35  ? 9.795   -12.571 1.871   1.00 34.04 ?  30  TRP A N   1 
ATOM   214  C  CA  . TRP A 1 35  ? 8.939   -12.403 3.034   1.00 33.35 ?  30  TRP A CA  1 
ATOM   215  C  C   . TRP A 1 35  ? 7.955   -13.565 3.141   1.00 38.47 ?  30  TRP A C   1 
ATOM   216  O  O   . TRP A 1 35  ? 7.186   -13.829 2.202   1.00 43.46 ?  30  TRP A O   1 
ATOM   217  C  CB  . TRP A 1 35  ? 8.197   -11.067 2.942   1.00 32.01 ?  30  TRP A CB  1 
ATOM   218  C  CG  . TRP A 1 35  ? 7.187   -10.851 4.011   1.00 32.56 ?  30  TRP A CG  1 
ATOM   219  C  CD1 . TRP A 1 35  ? 7.377   -10.996 5.348   1.00 30.08 ?  30  TRP A CD1 1 
ATOM   220  C  CD2 . TRP A 1 35  ? 5.829   -10.454 3.841   1.00 29.91 ?  30  TRP A CD2 1 
ATOM   221  N  NE1 . TRP A 1 35  ? 6.215   -10.714 6.028   1.00 30.03 ?  30  TRP A NE1 1 
ATOM   222  C  CE2 . TRP A 1 35  ? 5.250   -10.371 5.121   1.00 30.12 ?  30  TRP A CE2 1 
ATOM   223  C  CE3 . TRP A 1 35  ? 5.045   -10.150 2.727   1.00 26.01 ?  30  TRP A CE3 1 
ATOM   224  C  CZ2 . TRP A 1 35  ? 3.918   -10.007 5.320   1.00 29.85 ?  30  TRP A CZ2 1 
ATOM   225  C  CZ3 . TRP A 1 35  ? 3.726   -9.786  2.928   1.00 29.92 ?  30  TRP A CZ3 1 
ATOM   226  C  CH2 . TRP A 1 35  ? 3.178   -9.712  4.205   1.00 28.88 ?  30  TRP A CH2 1 
ATOM   227  N  N   . SER A 1 54  ? -9.059  -13.713 -8.797  1.00 57.05 ?  49  SER A N   1 
ATOM   228  C  CA  . SER A 1 54  ? -8.239  -13.597 -9.999  1.00 51.19 ?  49  SER A CA  1 
ATOM   229  C  C   . SER A 1 54  ? -6.875  -13.003 -9.675  1.00 48.92 ?  49  SER A C   1 
ATOM   230  O  O   . SER A 1 54  ? -6.687  -12.388 -8.622  1.00 52.21 ?  49  SER A O   1 
ATOM   231  C  CB  . SER A 1 54  ? -8.943  -12.738 -11.050 1.00 45.36 ?  49  SER A CB  1 
ATOM   232  O  OG  . SER A 1 54  ? -8.252  -12.778 -12.290 1.00 49.08 ?  49  SER A OG  1 
ATOM   233  N  N   . GLU A 1 55  ? -5.916  -13.190 -10.577 1.00 46.27 ?  50  GLU A N   1 
ATOM   234  C  CA  . GLU A 1 55  ? -4.628  -12.530 -10.446 1.00 42.63 ?  50  GLU A CA  1 
ATOM   235  C  C   . GLU A 1 55  ? -4.558  -11.236 -11.247 1.00 35.02 ?  50  GLU A C   1 
ATOM   236  O  O   . GLU A 1 55  ? -3.546  -10.533 -11.175 1.00 32.52 ?  50  GLU A O   1 
ATOM   237  C  CB  . GLU A 1 55  ? -3.497  -13.475 -10.878 1.00 46.00 ?  50  GLU A CB  1 
ATOM   238  C  CG  . GLU A 1 55  ? -2.868  -14.297 -9.745  1.00 51.28 ?  50  GLU A CG  1 
ATOM   239  C  CD  . GLU A 1 55  ? -1.699  -13.601 -9.050  1.00 49.98 ?  50  GLU A CD  1 
ATOM   240  O  OE1 . GLU A 1 55  ? -1.061  -12.717 -9.666  1.00 54.04 ?  50  GLU A OE1 1 
ATOM   241  O  OE2 . GLU A 1 55  ? -1.397  -13.965 -7.891  1.00 53.47 ?  50  GLU A OE2 1 
ATOM   242  N  N   . VAL A 1 56  ? -5.602  -10.897 -12.012 1.00 33.21 ?  92  VAL A N   1 
ATOM   243  C  CA  . VAL A 1 56  ? -5.523  -9.671  -12.801 1.00 28.72 ?  92  VAL A CA  1 
ATOM   244  C  C   . VAL A 1 56  ? -5.512  -8.443  -11.895 1.00 27.90 ?  92  VAL A C   1 
ATOM   245  O  O   . VAL A 1 56  ? -4.878  -7.433  -12.217 1.00 27.92 ?  92  VAL A O   1 
ATOM   246  C  CB  . VAL A 1 56  ? -6.663  -9.606  -13.841 1.00 32.29 ?  92  VAL A CB  1 
ATOM   247  C  CG1 . VAL A 1 56  ? -8.025  -9.492  -13.179 1.00 34.05 ?  92  VAL A CG1 1 
ATOM   248  C  CG2 . VAL A 1 56  ? -6.437  -8.437  -14.775 1.00 32.35 ?  92  VAL A CG2 1 
ATOM   249  N  N   . VAL A 1 57  ? -6.216  -8.494  -10.764 1.00 27.54 ?  93  VAL A N   1 
ATOM   250  C  CA  . VAL A 1 57  ? -6.198  -7.365  -9.840  1.00 24.51 ?  93  VAL A CA  1 
ATOM   251  C  C   . VAL A 1 57  ? -4.790  -7.158  -9.292  1.00 25.32 ?  93  VAL A C   1 
ATOM   252  O  O   . VAL A 1 57  ? -4.297  -6.024  -9.211  1.00 24.87 ?  93  VAL A O   1 
ATOM   253  C  CB  . VAL A 1 57  ? -7.224  -7.577  -8.712  0.91 26.60 ?  93  VAL A CB  1 
ATOM   254  C  CG1 . VAL A 1 57  ? -7.211  -6.396  -7.755  1.00 32.58 ?  93  VAL A CG1 1 
ATOM   255  C  CG2 . VAL A 1 57  ? -8.637  -7.785  -9.290  1.00 30.51 ?  93  VAL A CG2 1 
ATOM   256  N  N   . HIS A 1 58  ? -4.115  -8.248  -8.916  1.00 26.01 ?  94  HIS A N   1 
ATOM   257  C  CA  . HIS A 1 58  ? -2.761  -8.115  -8.382  1.00 27.17 ?  94  HIS A CA  1 
ATOM   258  C  C   . HIS A 1 58  ? -1.812  -7.552  -9.424  1.00 26.15 ?  94  HIS A C   1 
ATOM   259  O  O   . HIS A 1 58  ? -0.958  -6.715  -9.105  1.00 25.00 ?  94  HIS A O   1 
ATOM   260  C  CB  . HIS A 1 58  ? -2.235  -9.463  -7.908  1.00 31.58 ?  94  HIS A CB  1 
ATOM   261  C  CG  . HIS A 1 58  ? -3.115  -10.129 -6.911  1.00 30.85 ?  94  HIS A CG  1 
ATOM   262  N  ND1 . HIS A 1 58  ? -3.496  -9.520  -5.739  1.00 29.53 ?  94  HIS A ND1 1 
ATOM   263  C  CD2 . HIS A 1 58  ? -3.705  -11.347 -6.918  1.00 40.20 ?  94  HIS A CD2 1 
ATOM   264  C  CE1 . HIS A 1 58  ? -4.276  -10.339 -5.056  1.00 37.37 ?  94  HIS A CE1 1 
ATOM   265  N  NE2 . HIS A 1 58  ? -4.418  -11.454 -5.750  1.00 41.42 ?  94  HIS A NE2 1 
ATOM   266  N  N   . LEU A 1 59  ? -1.918  -8.042  -10.662 1.00 27.37 ?  95  LEU A N   1 
ATOM   267  C  CA  . LEU A 1 59  ? -1.088  -7.554  -11.764 1.00 28.54 ?  95  LEU A CA  1 
ATOM   268  C  C   . LEU A 1 59  ? -1.354  -6.084  -12.051 1.00 28.90 ?  95  LEU A C   1 
ATOM   269  O  O   . LEU A 1 59  ? -0.419  -5.307  -12.282 1.00 28.85 ?  95  LEU A O   1 
ATOM   270  C  CB  . LEU A 1 59  ? -1.353  -8.393  -13.022 1.00 28.74 ?  95  LEU A CB  1 
ATOM   271  C  CG  . LEU A 1 59  ? -0.582  -8.024  -14.296 1.00 34.45 ?  95  LEU A CG  1 
ATOM   272  C  CD1 . LEU A 1 59  ? 0.906   -8.034  -14.021 1.00 36.88 ?  95  LEU A CD1 1 
ATOM   273  C  CD2 . LEU A 1 59  ? -0.926  -8.939  -15.483 1.00 35.69 ?  95  LEU A CD2 1 
ATOM   274  N  N   . THR A 1 60  ? -2.630  -5.689  -12.068 1.00 24.76 ?  96  THR A N   1 
ATOM   275  C  CA  . THR A 1 60  ? -2.975  -4.291  -12.301 1.00 25.71 ?  96  THR A CA  1 
ATOM   276  C  C   . THR A 1 60  ? -2.442  -3.405  -11.185 1.00 24.24 ?  96  THR A C   1 
ATOM   277  O  O   . THR A 1 60  ? -1.880  -2.337  -11.445 1.00 25.19 ?  96  THR A O   1 
ATOM   278  C  CB  . THR A 1 60  ? -4.488  -4.143  -12.412 1.00 26.77 ?  96  THR A CB  1 
ATOM   279  O  OG1 . THR A 1 60  ? -4.942  -4.933  -13.511 1.00 28.14 ?  96  THR A OG1 1 
ATOM   280  C  CG2 . THR A 1 60  ? -4.866  -2.685  -12.649 1.00 26.76 ?  96  THR A CG2 1 
ATOM   281  N  N   . LEU A 1 61  ? -2.593  -3.841  -9.938  1.00 26.12 ?  97  LEU A N   1 
ATOM   282  C  CA  . LEU A 1 61  ? -2.078  -3.050  -8.824  1.00 24.80 ?  97  LEU A CA  1 
ATOM   283  C  C   . LEU A 1 61  ? -0.557  -2.910  -8.895  1.00 26.77 ?  97  LEU A C   1 
ATOM   284  O  O   . LEU A 1 61  ? -0.024  -1.814  -8.665  1.00 24.68 ?  97  LEU A O   1 
ATOM   285  C  CB  . LEU A 1 61  ? -2.535  -3.664  -7.497  1.00 25.39 ?  97  LEU A CB  1 
ATOM   286  C  CG  . LEU A 1 61  ? -2.285  -2.771  -6.272  1.00 29.82 ?  97  LEU A CG  1 
ATOM   287  C  CD1 . LEU A 1 61  ? -2.887  -1.357  -6.436  1.00 24.29 ?  97  LEU A CD1 1 
ATOM   288  C  CD2 . LEU A 1 61  ? -2.853  -3.438  -5.021  1.00 29.28 ?  97  LEU A CD2 1 
ATOM   289  N  N   . ARG A 1 62  ? 0.155   -3.990  -9.253  1.00 26.70 ?  98  ARG A N   1 
ATOM   290  C  CA  . ARG A 1 62  ? 1.614   -3.924  -9.412  1.00 29.73 ?  98  ARG A CA  1 
ATOM   291  C  C   . ARG A 1 62  ? 2.006   -2.915  -10.482 1.00 29.61 ?  98  ARG A C   1 
ATOM   292  O  O   . ARG A 1 62  ? 2.926   -2.110  -10.296 1.00 26.23 ?  98  ARG A O   1 
ATOM   293  C  CB  . ARG A 1 62  ? 2.176   -5.299  -9.803  1.00 34.02 ?  98  ARG A CB  1 
ATOM   294  C  CG  . ARG A 1 62  ? 2.230   -6.340  -8.707  1.00 33.49 ?  98  ARG A CG  1 
ATOM   295  C  CD  . ARG A 1 62  ? 3.255   -7.434  -9.021  1.00 29.64 ?  98  ARG A CD  1 
ATOM   296  N  NE  . ARG A 1 62  ? 2.942   -8.258  -10.182 1.00 36.96 ?  98  ARG A NE  1 
ATOM   297  C  CZ  . ARG A 1 62  ? 2.149   -9.324  -10.162 1.00 33.62 ?  98  ARG A CZ  1 
ATOM   298  N  NH1 . ARG A 1 62  ? 1.499   -9.682  -9.068  1.00 36.06 ?  98  ARG A NH1 1 
ATOM   299  N  NH2 . ARG A 1 62  ? 2.003   -10.044 -11.270 1.00 39.39 ?  98  ARG A NH2 1 
ATOM   300  N  N   . GLN A 1 63  ? 1.344   -2.984  -11.636 1.00 23.87 ?  99  GLN A N   1 
ATOM   301  C  CA  . GLN A 1 63  ? 1.684   -2.105  -12.753 1.00 28.19 ?  99  GLN A CA  1 
ATOM   302  C  C   . GLN A 1 63  ? 1.321   -0.659  -12.451 1.00 26.17 ?  99  GLN A C   1 
ATOM   303  O  O   . GLN A 1 63  ? 2.092   0.256   -12.765 1.00 24.88 ?  99  GLN A O   1 
ATOM   304  C  CB  . GLN A 1 63  ? 0.989   -2.595  -14.020 1.00 28.92 ?  99  GLN A CB  1 
ATOM   305  C  CG  . GLN A 1 63  ? 1.543   -3.933  -14.459 1.00 33.73 ?  99  GLN A CG  1 
ATOM   306  C  CD  . GLN A 1 63  ? 0.955   -4.424  -15.750 1.00 41.95 ?  99  GLN A CD  1 
ATOM   307  O  OE1 . GLN A 1 63  ? -0.056  -3.911  -16.217 1.00 42.48 ?  99  GLN A OE1 1 
ATOM   308  N  NE2 . GLN A 1 63  ? 1.580   -5.442  -16.331 1.00 48.99 ?  99  GLN A NE2 1 
ATOM   309  N  N   . ALA A 1 64  ? 0.173   -0.432  -11.810 1.00 22.44 ?  100 ALA A N   1 
ATOM   310  C  CA  . ALA A 1 64  ? -0.189  0.935   -11.447 1.00 23.28 ?  100 ALA A CA  1 
ATOM   311  C  C   . ALA A 1 64  ? 0.746   1.474   -10.380 1.00 22.89 ?  100 ALA A C   1 
ATOM   312  O  O   . ALA A 1 64  ? 1.122   2.646   -10.406 1.00 19.72 ?  100 ALA A O   1 
ATOM   313  C  CB  . ALA A 1 64  ? -1.638  0.990   -10.960 1.00 24.23 ?  100 ALA A CB  1 
ATOM   314  N  N   . GLY A 1 65  ? 1.113   0.625   -9.424  1.00 20.70 ?  101 GLY A N   1 
ATOM   315  C  CA  . GLY A 1 65  ? 2.014   1.059   -8.370  1.00 23.35 ?  101 GLY A CA  1 
ATOM   316  C  C   . GLY A 1 65  ? 3.395   1.364   -8.907  1.00 24.82 ?  101 GLY A C   1 
ATOM   317  O  O   . GLY A 1 65  ? 4.042   2.316   -8.469  1.00 23.38 ?  101 GLY A O   1 
ATOM   318  N  N   . ASP A 1 66  ? 3.854   0.571   -9.875  1.00 24.71 ?  102 ASP A N   1 
ATOM   319  C  CA  . ASP A 1 66  ? 5.150   0.842   -10.490 1.00 27.82 ?  102 ASP A CA  1 
ATOM   320  C  C   . ASP A 1 66  ? 5.135   2.166   -11.247 1.00 26.50 ?  102 ASP A C   1 
ATOM   321  O  O   . ASP A 1 66  ? 6.130   2.898   -11.226 1.00 25.67 ?  102 ASP A O   1 
ATOM   322  C  CB  . ASP A 1 66  ? 5.558   -0.328  -11.392 1.00 30.94 ?  102 ASP A CB  1 
ATOM   323  C  CG  . ASP A 1 66  ? 6.131   -1.515  -10.591 1.00 33.45 ?  102 ASP A CG  1 
ATOM   324  O  OD1 . ASP A 1 66  ? 6.462   -1.344  -9.393  1.00 40.02 ?  102 ASP A OD1 1 
ATOM   325  O  OD2 . ASP A 1 66  ? 6.279   -2.619  -11.160 1.00 42.95 ?  102 ASP A OD2 1 
ATOM   326  N  N   . ASP A 1 67  ? 4.026   2.480   -11.933 1.00 23.26 ?  103 ASP A N   1 
ATOM   327  C  CA  . ASP A 1 67  ? 3.869   3.780   -12.582 1.00 24.76 ?  103 ASP A CA  1 
ATOM   328  C  C   . ASP A 1 67  ? 3.859   4.902   -11.550 1.00 25.70 ?  103 ASP A C   1 
ATOM   329  O  O   . ASP A 1 67  ? 4.548   5.917   -11.703 1.00 23.61 ?  103 ASP A O   1 
ATOM   330  C  CB  . ASP A 1 67  ? 2.584   3.790   -13.427 1.00 23.92 ?  103 ASP A CB  1 
ATOM   331  C  CG  . ASP A 1 67  ? 2.389   5.083   -14.182 1.00 24.18 ?  103 ASP A CG  1 
ATOM   332  O  OD1 . ASP A 1 67  ? 3.110   5.314   -15.168 1.00 25.04 ?  103 ASP A OD1 1 
ATOM   333  O  OD2 . ASP A 1 67  ? 1.545   5.897   -13.782 1.00 24.99 ?  103 ASP A OD2 1 
ATOM   334  N  N   . PHE A 1 68  ? 3.084   4.724   -10.481 1.00 21.39 ?  104 PHE A N   1 
ATOM   335  C  CA  . PHE A 1 68  ? 3.019   5.734   -9.435  1.00 19.93 ?  104 PHE A CA  1 
ATOM   336  C  C   . PHE A 1 68  ? 4.395   5.991   -8.845  1.00 22.94 ?  104 PHE A C   1 
ATOM   337  O  O   . PHE A 1 68  ? 4.778   7.145   -8.611  1.00 22.05 ?  104 PHE A O   1 
ATOM   338  C  CB  . PHE A 1 68  ? 2.043   5.281   -8.337  1.00 19.73 ?  104 PHE A CB  1 
ATOM   339  C  CG  . PHE A 1 68  ? 1.799   6.317   -7.279  1.00 19.19 ?  104 PHE A CG  1 
ATOM   340  C  CD1 . PHE A 1 68  ? 0.793   7.253   -7.416  1.00 23.02 ?  104 PHE A CD1 1 
ATOM   341  C  CD2 . PHE A 1 68  ? 2.599   6.363   -6.143  1.00 18.98 ?  104 PHE A CD2 1 
ATOM   342  C  CE1 . PHE A 1 68  ? 0.577   8.207   -6.438  1.00 21.89 ?  104 PHE A CE1 1 
ATOM   343  C  CE2 . PHE A 1 68  ? 2.394   7.330   -5.186  1.00 22.13 ?  104 PHE A CE2 1 
ATOM   344  C  CZ  . PHE A 1 68  ? 1.386   8.245   -5.333  1.00 22.15 ?  104 PHE A CZ  1 
ATOM   345  N  N   . SER A 1 69  ? 5.147   4.918   -8.573  1.00 22.89 ?  105 SER A N   1 
ATOM   346  C  CA  . SER A 1 69  ? 6.409   5.073   -7.855  1.00 22.93 ?  105 SER A CA  1 
ATOM   347  C  C   . SER A 1 69  ? 7.442   5.767   -8.725  1.00 24.69 ?  105 SER A C   1 
ATOM   348  O  O   . SER A 1 69  ? 8.311   6.468   -8.195  1.00 24.35 ?  105 SER A O   1 
ATOM   349  C  CB  . SER A 1 69  ? 6.946   3.722   -7.391  0.95 30.16 ?  105 SER A CB  1 
ATOM   350  O  OG  A SER A 1 69  ? 6.939   2.785   -8.450  1.00 36.22 ?  105 SER A OG  1 
ATOM   351  O  OG  B SER A 1 69  ? 6.793   2.736   -8.396  0.00 35.05 ?  105 SER A OG  1 
ATOM   352  N  N   . ARG A 1 70  ? 7.353   5.603   -10.051 1.00 22.76 ?  106 ARG A N   1 
ATOM   353  C  CA  . ARG A 1 70  ? 8.246   6.343   -10.941 1.00 22.95 ?  106 ARG A CA  1 
ATOM   354  C  C   . ARG A 1 70  ? 7.835   7.807   -11.034 1.00 21.53 ?  106 ARG A C   1 
ATOM   355  O  O   . ARG A 1 70  ? 8.679   8.705   -10.903 1.00 24.97 ?  106 ARG A O   1 
ATOM   356  C  CB  . ARG A 1 70  ? 8.288   5.716   -12.332 1.00 27.09 ?  106 ARG A CB  1 
ATOM   357  C  CG  . ARG A 1 70  ? 9.207   6.522   -13.290 1.00 26.36 ?  106 ARG A CG  1 
ATOM   358  C  CD  . ARG A 1 70  ? 8.444   7.033   -14.491 1.00 32.65 ?  106 ARG A CD  1 
ATOM   359  N  NE  . ARG A 1 70  ? 7.744   5.921   -15.112 1.00 34.24 ?  106 ARG A NE  1 
ATOM   360  C  CZ  . ARG A 1 70  ? 6.443   5.875   -15.357 1.00 30.15 ?  106 ARG A CZ  1 
ATOM   361  N  NH1 . ARG A 1 70  ? 5.664   6.930   -15.184 1.00 32.11 ?  106 ARG A NH1 1 
ATOM   362  N  NH2 . ARG A 1 70  ? 5.903   4.722   -15.737 1.00 29.94 ?  106 ARG A NH2 1 
ATOM   363  N  N   . ARG A 1 71  ? 6.534   8.069   -11.220 1.00 21.69 ?  107 ARG A N   1 
ATOM   364  C  CA  . ARG A 1 71  ? 6.066   9.447   -11.316 1.00 20.81 ?  107 ARG A CA  1 
ATOM   365  C  C   . ARG A 1 71  ? 6.394   10.248  -10.071 1.00 21.53 ?  107 ARG A C   1 
ATOM   366  O  O   . ARG A 1 71  ? 6.698   11.442  -10.156 1.00 22.39 ?  107 ARG A O   1 
ATOM   367  C  CB  . ARG A 1 71  ? 4.561   9.483   -11.556 1.00 20.05 ?  107 ARG A CB  1 
ATOM   368  C  CG  . ARG A 1 71  ? 4.062   10.852  -11.882 1.00 28.01 ?  107 ARG A CG  1 
ATOM   369  C  CD  . ARG A 1 71  ? 2.627   10.819  -12.429 1.00 29.77 ?  107 ARG A CD  1 
ATOM   370  N  NE  . ARG A 1 71  ? 2.567   10.213  -13.755 1.00 31.80 ?  107 ARG A NE  1 
ATOM   371  C  CZ  . ARG A 1 71  ? 2.760   10.874  -14.893 1.00 35.67 ?  107 ARG A CZ  1 
ATOM   372  N  NH1 . ARG A 1 71  ? 3.088   12.156  -14.905 1.00 34.48 ?  107 ARG A NH1 1 
ATOM   373  N  NH2 . ARG A 1 71  ? 2.629   10.233  -16.046 1.00 33.02 ?  107 ARG A NH2 1 
ATOM   374  N  N   . TYR A 1 72  ? 6.274   9.627   -8.904  1.00 19.80 ?  108 TYR A N   1 
ATOM   375  C  CA  . TYR A 1 72  ? 6.415   10.330  -7.639  1.00 21.70 ?  108 TYR A CA  1 
ATOM   376  C  C   . TYR A 1 72  ? 7.657   9.865   -6.901  1.00 20.36 ?  108 TYR A C   1 
ATOM   377  O  O   . TYR A 1 72  ? 7.702   9.876   -5.675  1.00 22.85 ?  108 TYR A O   1 
ATOM   378  C  CB  . TYR A 1 72  ? 5.148   10.152  -6.799  1.00 18.21 ?  108 TYR A CB  1 
ATOM   379  C  CG  . TYR A 1 72  ? 3.959   10.789  -7.492  1.00 18.09 ?  108 TYR A CG  1 
ATOM   380  C  CD1 . TYR A 1 72  ? 3.786   12.172  -7.458  1.00 20.68 ?  108 TYR A CD1 1 
ATOM   381  C  CD2 . TYR A 1 72  ? 3.036   10.018  -8.179  1.00 19.61 ?  108 TYR A CD2 1 
ATOM   382  C  CE1 . TYR A 1 72  ? 2.700   12.778  -8.098  1.00 18.48 ?  108 TYR A CE1 1 
ATOM   383  C  CE2 . TYR A 1 72  ? 1.948   10.613  -8.831  1.00 20.96 ?  108 TYR A CE2 1 
ATOM   384  C  CZ  . TYR A 1 72  ? 1.793   11.992  -8.770  1.00 19.52 ?  108 TYR A CZ  1 
ATOM   385  O  OH  . TYR A 1 72  ? 0.724   12.574  -9.411  1.00 24.56 ?  108 TYR A OH  1 
ATOM   386  N  N   . ARG A 1 73  ? 8.682   9.468   -7.669  1.00 21.37 ?  109 ARG A N   1 
ATOM   387  C  CA  . ARG A 1 73  ? 9.935   8.994   -7.084  1.00 23.06 ?  109 ARG A CA  1 
ATOM   388  C  C   . ARG A 1 73  ? 10.563  10.031  -6.162  1.00 21.48 ?  109 ARG A C   1 
ATOM   389  O  O   . ARG A 1 73  ? 11.025  9.696   -5.057  1.00 22.17 ?  109 ARG A O   1 
ATOM   390  C  CB  . ARG A 1 73  ? 10.912  8.611   -8.203  1.00 25.24 ?  109 ARG A CB  1 
ATOM   391  C  CG  . ARG A 1 73  ? 12.116  7.819   -7.674  1.00 26.42 ?  109 ARG A CG  1 
ATOM   392  C  CD  . ARG A 1 73  ? 12.897  7.013   -8.728  1.00 30.91 ?  109 ARG A CD  1 
ATOM   393  N  NE  . ARG A 1 73  ? 12.116  5.977   -9.393  1.00 36.13 ?  109 ARG A NE  1 
ATOM   394  C  CZ  . ARG A 1 73  ? 12.337  5.559   -10.634 1.00 31.15 ?  109 ARG A CZ  1 
ATOM   395  N  NH1 . ARG A 1 73  ? 13.279  6.103   -11.390 1.00 31.07 ?  109 ARG A NH1 1 
ATOM   396  N  NH2 . ARG A 1 73  ? 11.599  4.567   -11.126 1.00 34.03 ?  109 ARG A NH2 1 
ATOM   397  N  N   . ARG A 1 74  ? 10.606  11.291  -6.602  1.00 22.44 ?  110 ARG A N   1 
ATOM   398  C  CA  . ARG A 1 74  ? 11.207  12.333  -5.771  1.00 24.57 ?  110 ARG A CA  1 
ATOM   399  C  C   . ARG A 1 74  ? 10.410  12.526  -4.492  1.00 23.69 ?  110 ARG A C   1 
ATOM   400  O  O   . ARG A 1 74  ? 10.990  12.660  -3.403  1.00 23.48 ?  110 ARG A O   1 
ATOM   401  C  CB  . ARG A 1 74  ? 11.314  13.640  -6.557  1.00 24.43 ?  110 ARG A CB  1 
ATOM   402  C  CG  . ARG A 1 74  ? 12.341  13.567  -7.663  1.00 30.19 ?  110 ARG A CG  1 
ATOM   403  C  CD  . ARG A 1 74  ? 12.396  14.878  -8.432  1.00 31.53 ?  110 ARG A CD  1 
ATOM   404  N  NE  . ARG A 1 74  ? 12.742  15.978  -7.539  1.00 36.44 ?  110 ARG A NE  1 
ATOM   405  C  CZ  . ARG A 1 74  ? 13.982  16.330  -7.235  1.00 37.44 ?  110 ARG A CZ  1 
ATOM   406  N  NH1 . ARG A 1 74  ? 15.025  15.672  -7.716  1.00 42.22 ?  110 ARG A NH1 1 
ATOM   407  N  NH2 . ARG A 1 74  ? 14.183  17.367  -6.425  1.00 37.85 ?  110 ARG A NH2 1 
ATOM   408  N  N   . ASP A 1 75  ? 9.082   12.480  -4.601  1.00 20.58 ?  111 ASP A N   1 
ATOM   409  C  CA  . ASP A 1 75  ? 8.215   12.641  -3.443  1.00 21.41 ?  111 ASP A CA  1 
ATOM   410  C  C   . ASP A 1 75  ? 8.515   11.577  -2.398  1.00 21.98 ?  111 ASP A C   1 
ATOM   411  O  O   . ASP A 1 75  ? 8.582   11.868  -1.195  1.00 23.34 ?  111 ASP A O   1 
ATOM   412  C  CB  . ASP A 1 75  ? 6.751   12.523  -3.859  1.00 18.38 ?  111 ASP A CB  1 
ATOM   413  C  CG  . ASP A 1 75  ? 6.397   13.348  -5.084  1.00 25.48 ?  111 ASP A CG  1 
ATOM   414  O  OD1 . ASP A 1 75  ? 7.040   13.197  -6.138  1.00 24.06 ?  111 ASP A OD1 1 
ATOM   415  O  OD2 . ASP A 1 75  ? 5.447   14.140  -4.980  1.00 26.57 ?  111 ASP A OD2 1 
ATOM   416  N  N   . PHE A 1 76  ? 8.666   10.326  -2.843  1.00 21.89 ?  112 PHE A N   1 
ATOM   417  C  CA  . PHE A 1 76  ? 8.927   9.236   -1.901  1.00 19.86 ?  112 PHE A CA  1 
ATOM   418  C  C   . PHE A 1 76  ? 10.324  9.349   -1.309  1.00 25.92 ?  112 PHE A C   1 
ATOM   419  O  O   . PHE A 1 76  ? 10.541  8.982   -0.146  1.00 27.20 ?  112 PHE A O   1 
ATOM   420  C  CB  . PHE A 1 76  ? 8.752   7.882   -2.598  1.00 26.44 ?  112 PHE A CB  1 
ATOM   421  C  CG  . PHE A 1 76  ? 7.350   7.340   -2.557  1.00 25.21 ?  112 PHE A CG  1 
ATOM   422  C  CD1 . PHE A 1 76  ? 6.645   7.278   -1.365  1.00 27.44 ?  112 PHE A CD1 1 
ATOM   423  C  CD2 . PHE A 1 76  ? 6.738   6.884   -3.712  1.00 28.66 ?  112 PHE A CD2 1 
ATOM   424  C  CE1 . PHE A 1 76  ? 5.374   6.773   -1.312  1.00 26.58 ?  112 PHE A CE1 1 
ATOM   425  C  CE2 . PHE A 1 76  ? 5.454   6.375   -3.677  1.00 28.79 ?  112 PHE A CE2 1 
ATOM   426  C  CZ  . PHE A 1 76  ? 4.762   6.325   -2.480  1.00 28.90 ?  112 PHE A CZ  1 
ATOM   427  N  N   . ALA A 1 77  ? 11.292  9.826   -2.086  1.00 23.99 ?  113 ALA A N   1 
ATOM   428  C  CA  . ALA A 1 77  ? 12.629  10.004  -1.525  1.00 26.05 ?  113 ALA A CA  1 
ATOM   429  C  C   . ALA A 1 77  ? 12.581  10.977  -0.360  1.00 28.63 ?  113 ALA A C   1 
ATOM   430  O  O   . ALA A 1 77  ? 13.128  10.707  0.722   1.00 28.81 ?  113 ALA A O   1 
ATOM   431  C  CB  . ALA A 1 77  ? 13.599  10.492  -2.600  1.00 29.71 ?  113 ALA A CB  1 
ATOM   432  N  N   . GLU A 1 78  ? 11.893  12.100  -0.558  1.00 26.58 ?  114 GLU A N   1 
ATOM   433  C  CA  . GLU A 1 78  ? 11.700  13.083  0.505   1.00 25.67 ?  114 GLU A CA  1 
ATOM   434  C  C   . GLU A 1 78  ? 10.942  12.488  1.684   1.00 30.43 ?  114 GLU A C   1 
ATOM   435  O  O   . GLU A 1 78  ? 11.375  12.608  2.839   1.00 30.68 ?  114 GLU A O   1 
ATOM   436  C  CB  . GLU A 1 78  ? 10.965  14.294  -0.071  1.00 30.29 ?  114 GLU A CB  1 
ATOM   437  C  CG  . GLU A 1 78  ? 10.402  15.265  0.931   1.00 34.14 ?  114 GLU A CG  1 
ATOM   438  C  CD  . GLU A 1 78  ? 9.847   16.517  0.271   1.00 35.86 ?  114 GLU A CD  1 
ATOM   439  O  OE1 . GLU A 1 78  ? 9.031   16.408  -0.688  1.00 34.34 ?  114 GLU A OE1 1 
ATOM   440  O  OE2 . GLU A 1 78  ? 10.243  17.619  0.710   1.00 41.46 ?  114 GLU A OE2 1 
ATOM   441  N  N   . MET A 1 79  ? 9.817   11.822  1.419   1.00 25.55 ?  115 MET A N   1 
ATOM   442  C  CA  . MET A 1 79  ? 9.013   11.328  2.534   1.00 25.77 ?  115 MET A CA  1 
ATOM   443  C  C   . MET A 1 79  ? 9.759   10.263  3.330   1.00 29.27 ?  115 MET A C   1 
ATOM   444  O  O   . MET A 1 79  ? 9.713   10.259  4.566   1.00 29.23 ?  115 MET A O   1 
ATOM   445  C  CB  . MET A 1 79  ? 7.674   10.789  2.030   1.00 25.35 ?  115 MET A CB  1 
ATOM   446  C  CG  . MET A 1 79  ? 6.918   10.002  3.083   1.00 32.28 ?  115 MET A CG  1 
ATOM   447  S  SD  . MET A 1 79  ? 5.288   9.556   2.480   1.00 41.07 ?  115 MET A SD  1 
ATOM   448  C  CE  . MET A 1 79  ? 4.416   11.096  2.795   1.00 33.51 ?  115 MET A CE  1 
ATOM   449  N  N   . SER A 1 80  ? 10.475  9.362   2.649   1.00 27.88 ?  116 SER A N   1 
ATOM   450  C  CA  . SER A 1 80  ? 11.194  8.304   3.362   1.00 28.91 ?  116 SER A CA  1 
ATOM   451  C  C   . SER A 1 80  ? 12.200  8.888   4.349   1.00 32.87 ?  116 SER A C   1 
ATOM   452  O  O   . SER A 1 80  ? 12.414  8.337   5.438   1.00 35.48 ?  116 SER A O   1 
ATOM   453  C  CB  . SER A 1 80  ? 11.897  7.392   2.356   1.00 33.08 ?  116 SER A CB  1 
ATOM   454  O  OG  . SER A 1 80  ? 10.968  6.865   1.423   1.00 45.09 ?  116 SER A OG  1 
ATOM   455  N  N   . SER A 1 81  ? 12.819  10.010  3.987   1.00 33.20 ?  117 SER A N   1 
ATOM   456  C  CA  . SER A 1 81  ? 13.785  10.669  4.859   1.00 34.33 ?  117 SER A CA  1 
ATOM   457  C  C   . SER A 1 81  ? 13.140  11.278  6.101   1.00 32.29 ?  117 SER A C   1 
ATOM   458  O  O   . SER A 1 81  ? 13.833  11.494  7.110   1.00 29.47 ?  117 SER A O   1 
ATOM   459  C  CB  . SER A 1 81  ? 14.524  11.738  4.061   1.00 35.50 ?  117 SER A CB  1 
ATOM   460  O  OG  . SER A 1 81  ? 14.864  12.853  4.877   1.00 41.15 ?  117 SER A OG  1 
ATOM   461  N  N   . GLN A 1 82  ? 11.842  11.562  6.048   1.00 28.08 ?  118 GLN A N   1 
ATOM   462  C  CA  . GLN A 1 82  ? 11.092  12.168  7.134   1.00 26.92 ?  118 GLN A CA  1 
ATOM   463  C  C   . GLN A 1 82  ? 10.413  11.140  8.039   1.00 27.17 ?  118 GLN A C   1 
ATOM   464  O  O   . GLN A 1 82  ? 9.860   11.526  9.076   1.00 28.12 ?  118 GLN A O   1 
ATOM   465  C  CB  . GLN A 1 82  ? 10.032  13.126  6.559   1.00 27.83 ?  118 GLN A CB  1 
ATOM   466  C  CG  . GLN A 1 82  ? 10.580  14.130  5.532   1.00 26.02 ?  118 GLN A CG  1 
ATOM   467  C  CD  . GLN A 1 82  ? 9.503   15.010  4.931   1.00 32.89 ?  118 GLN A CD  1 
ATOM   468  O  OE1 . GLN A 1 82  ? 8.393   14.548  4.653   1.00 34.08 ?  118 GLN A OE1 1 
ATOM   469  N  NE2 . GLN A 1 82  ? 9.823   16.283  4.711   1.00 33.04 ?  118 GLN A NE2 1 
ATOM   470  N  N   . LEU A 1 83  ? 10.418  9.851   7.667   1.00 28.29 ?  119 LEU A N   1 
ATOM   471  C  CA  . LEU A 1 83  ? 9.596   8.883   8.392   1.00 30.35 ?  119 LEU A CA  1 
ATOM   472  C  C   . LEU A 1 83  ? 10.187  8.482   9.737   1.00 29.91 ?  119 LEU A C   1 
ATOM   473  O  O   . LEU A 1 83  ? 9.429   8.258   10.685  1.00 30.57 ?  119 LEU A O   1 
ATOM   474  C  CB  . LEU A 1 83  ? 9.359   7.622   7.567   1.00 35.32 ?  119 LEU A CB  1 
ATOM   475  C  CG  . LEU A 1 83  ? 8.571   7.802   6.278   1.00 35.67 ?  119 LEU A CG  1 
ATOM   476  C  CD1 . LEU A 1 83  ? 8.601   6.516   5.464   1.00 36.44 ?  119 LEU A CD1 1 
ATOM   477  C  CD2 . LEU A 1 83  ? 7.149   8.216   6.608   1.00 37.98 ?  119 LEU A CD2 1 
ATOM   478  N  N   . HIS A 1 84  ? 11.510  8.314   9.815   1.00 31.08 ?  120 HIS A N   1 
ATOM   479  C  CA  . HIS A 1 84  ? 12.188  7.800   11.003  1.00 29.00 ?  120 HIS A CA  1 
ATOM   480  C  C   . HIS A 1 84  ? 11.451  6.624   11.633  1.00 30.43 ?  120 HIS A C   1 
ATOM   481  O  O   . HIS A 1 84  ? 10.883  6.767   12.718  1.00 29.23 ?  120 HIS A O   1 
ATOM   482  C  CB  . HIS A 1 84  ? 12.405  8.883   12.062  1.00 29.94 ?  120 HIS A CB  1 
ATOM   483  C  CG  . HIS A 1 84  ? 13.193  8.396   13.241  1.00 27.62 ?  120 HIS A CG  1 
ATOM   484  N  ND1 . HIS A 1 84  ? 14.484  7.931   13.134  1.00 30.27 ?  120 HIS A ND1 1 
ATOM   485  C  CD2 . HIS A 1 84  ? 12.857  8.266   14.545  1.00 25.11 ?  120 HIS A CD2 1 
ATOM   486  C  CE1 . HIS A 1 84  ? 14.911  7.535   14.324  1.00 25.93 ?  120 HIS A CE1 1 
ATOM   487  N  NE2 . HIS A 1 84  ? 13.944  7.739   15.201  1.00 29.92 ?  120 HIS A NE2 1 
ATOM   488  N  N   . LEU A 1 85  ? 11.404  5.480   10.949  1.00 30.90 ?  121 LEU A N   1 
ATOM   489  C  CA  . LEU A 1 85  ? 10.657  4.337   11.462  1.00 29.80 ?  121 LEU A CA  1 
ATOM   490  C  C   . LEU A 1 85  ? 11.437  3.626   12.563  1.00 34.13 ?  121 LEU A C   1 
ATOM   491  O  O   . LEU A 1 85  ? 12.623  3.308   12.403  1.00 31.72 ?  121 LEU A O   1 
ATOM   492  C  CB  . LEU A 1 85  ? 10.344  3.352   10.338  1.00 32.28 ?  121 LEU A CB  1 
ATOM   493  C  CG  . LEU A 1 85  ? 9.328   3.780   9.282   1.00 36.32 ?  121 LEU A CG  1 
ATOM   494  C  CD1 . LEU A 1 85  ? 9.025   2.575   8.393   1.00 35.64 ?  121 LEU A CD1 1 
ATOM   495  C  CD2 . LEU A 1 85  ? 8.056   4.361   9.887   1.00 34.97 ?  121 LEU A CD2 1 
ATOM   496  N  N   . THR A 1 86  ? 10.769  3.391   13.683  1.00 29.93 ?  122 THR A N   1 
ATOM   497  C  CA  . THR A 1 86  ? 11.190  2.460   14.718  1.00 28.43 ?  122 THR A CA  1 
ATOM   498  C  C   . THR A 1 86  ? 9.944   1.698   15.129  1.00 27.92 ?  122 THR A C   1 
ATOM   499  O  O   . THR A 1 86  ? 8.826   2.111   14.799  1.00 26.99 ?  122 THR A O   1 
ATOM   500  C  CB  . THR A 1 86  ? 11.799  3.154   15.948  1.00 33.72 ?  122 THR A CB  1 
ATOM   501  O  OG1 . THR A 1 86  ? 10.756  3.779   16.711  1.00 30.33 ?  122 THR A OG1 1 
ATOM   502  C  CG2 . THR A 1 86  ? 12.844  4.206   15.535  1.00 33.74 ?  122 THR A CG2 1 
ATOM   503  N  N   . PRO A 1 87  ? 10.093  0.579   15.836  1.00 29.25 ?  123 PRO A N   1 
ATOM   504  C  CA  . PRO A 1 87  ? 8.899   -0.101  16.354  1.00 29.28 ?  123 PRO A CA  1 
ATOM   505  C  C   . PRO A 1 87  ? 8.014   0.808   17.187  1.00 28.57 ?  123 PRO A C   1 
ATOM   506  O  O   . PRO A 1 87  ? 6.792   0.619   17.219  1.00 31.34 ?  123 PRO A O   1 
ATOM   507  C  CB  . PRO A 1 87  ? 9.502   -1.242  17.187  1.00 29.67 ?  123 PRO A CB  1 
ATOM   508  C  CG  . PRO A 1 87  ? 10.770  -1.564  16.482  1.00 32.24 ?  123 PRO A CG  1 
ATOM   509  C  CD  . PRO A 1 87  ? 11.319  -0.208  16.088  1.00 34.25 ?  123 PRO A CD  1 
ATOM   510  N  N   . PHE A 1 88  ? 8.600   1.795   17.875  1.00 30.04 ?  124 PHE A N   1 
ATOM   511  C  CA  . PHE A 1 88  ? 7.841   2.726   18.706  1.00 28.82 ?  124 PHE A CA  1 
ATOM   512  C  C   . PHE A 1 88  ? 7.101   3.785   17.888  1.00 30.04 ?  124 PHE A C   1 
ATOM   513  O  O   . PHE A 1 88  ? 6.042   4.255   18.308  1.00 30.44 ?  124 PHE A O   1 
ATOM   514  C  CB  . PHE A 1 88  ? 8.791   3.420   19.695  1.00 29.88 ?  124 PHE A CB  1 
ATOM   515  C  CG  . PHE A 1 88  ? 8.096   4.146   20.814  1.00 32.09 ?  124 PHE A CG  1 
ATOM   516  C  CD1 . PHE A 1 88  ? 7.309   3.460   21.730  1.00 36.37 ?  124 PHE A CD1 1 
ATOM   517  C  CD2 . PHE A 1 88  ? 8.238   5.519   20.957  1.00 30.38 ?  124 PHE A CD2 1 
ATOM   518  C  CE1 . PHE A 1 88  ? 6.671   4.137   22.767  1.00 40.32 ?  124 PHE A CE1 1 
ATOM   519  C  CE2 . PHE A 1 88  ? 7.600   6.205   21.985  1.00 33.14 ?  124 PHE A CE2 1 
ATOM   520  C  CZ  . PHE A 1 88  ? 6.816   5.513   22.893  1.00 37.65 ?  124 PHE A CZ  1 
ATOM   521  N  N   . THR A 1 89  ? 7.653   4.210   16.757  1.00 27.90 ?  125 THR A N   1 
ATOM   522  C  CA  . THR A 1 89  ? 7.076   5.304   15.990  1.00 25.98 ?  125 THR A CA  1 
ATOM   523  C  C   . THR A 1 89  ? 6.234   4.849   14.808  1.00 26.23 ?  125 THR A C   1 
ATOM   524  O  O   . THR A 1 89  ? 5.512   5.676   14.236  1.00 27.83 ?  125 THR A O   1 
ATOM   525  C  CB  . THR A 1 89  ? 8.183   6.216   15.459  1.00 25.91 ?  125 THR A CB  1 
ATOM   526  O  OG1 . THR A 1 89  ? 8.984   5.478   14.534  1.00 28.90 ?  125 THR A OG1 1 
ATOM   527  C  CG2 . THR A 1 89  ? 9.038   6.775   16.589  1.00 31.05 ?  125 THR A CG2 1 
ATOM   528  N  N   . ALA A 1 90  ? 6.326   3.578   14.409  1.00 26.03 ?  126 ALA A N   1 
ATOM   529  C  CA  . ALA A 1 90  ? 5.815   3.179   13.099  1.00 26.81 ?  126 ALA A CA  1 
ATOM   530  C  C   . ALA A 1 90  ? 4.302   3.342   12.999  1.00 28.59 ?  126 ALA A C   1 
ATOM   531  O  O   . ALA A 1 90  ? 3.793   3.814   11.976  1.00 27.04 ?  126 ALA A O   1 
ATOM   532  C  CB  . ALA A 1 90  ? 6.219   1.735   12.797  1.00 27.28 ?  126 ALA A CB  1 
ATOM   533  N  N   . ARG A 1 91  ? 3.563   2.949   14.038  1.00 26.27 ?  127 ARG A N   1 
ATOM   534  C  CA  . ARG A 1 91  ? 2.104   2.994   13.930  1.00 27.64 ?  127 ARG A CA  1 
ATOM   535  C  C   . ARG A 1 91  ? 1.598   4.425   13.766  1.00 29.16 ?  127 ARG A C   1 
ATOM   536  O  O   . ARG A 1 91  ? 0.769   4.705   12.882  1.00 29.35 ?  127 ARG A O   1 
ATOM   537  C  CB  . ARG A 1 91  ? 1.467   2.309   15.143  1.00 29.40 ?  127 ARG A CB  1 
ATOM   538  C  CG  . ARG A 1 91  ? -0.051  2.194   15.022  1.00 33.59 ?  127 ARG A CG  1 
ATOM   539  C  CD  . ARG A 1 91  ? -0.561  0.896   15.638  1.00 41.19 ?  127 ARG A CD  1 
ATOM   540  N  NE  . ARG A 1 91  ? 0.285   0.404   16.720  1.00 47.07 ?  127 ARG A NE  1 
ATOM   541  C  CZ  . ARG A 1 91  ? -0.038  -0.603  17.520  1.00 50.76 ?  127 ARG A CZ  1 
ATOM   542  N  NH1 . ARG A 1 91  ? -1.156  -1.288  17.351  1.00 55.89 ?  127 ARG A NH1 1 
ATOM   543  N  NH2 . ARG A 1 91  ? 0.794   -0.946  18.502  1.00 57.58 ?  127 ARG A NH2 1 
ATOM   544  N  N   . GLY A 1 92  ? 2.133   5.354   14.561  1.00 27.84 ?  128 GLY A N   1 
ATOM   545  C  CA  . GLY A 1 92  ? 1.768   6.756   14.422  1.00 31.54 ?  128 GLY A CA  1 
ATOM   546  C  C   . GLY A 1 92  ? 2.109   7.336   13.062  1.00 31.77 ?  128 GLY A C   1 
ATOM   547  O  O   . GLY A 1 92  ? 1.323   8.101   12.492  1.00 31.07 ?  128 GLY A O   1 
ATOM   548  N  N   . ARG A 1 93  ? 3.280   6.987   12.522  1.00 26.68 ?  129 ARG A N   1 
ATOM   549  C  CA  . ARG A 1 93  ? 3.648   7.464   11.190  1.00 27.97 ?  129 ARG A CA  1 
ATOM   550  C  C   . ARG A 1 93  ? 2.648   6.990   10.162  1.00 28.20 ?  129 ARG A C   1 
ATOM   551  O  O   . ARG A 1 93  ? 2.151   7.784   9.358   1.00 26.73 ?  129 ARG A O   1 
ATOM   552  C  CB  . ARG A 1 93  ? 5.041   6.974   10.781  1.00 32.00 ?  129 ARG A CB  1 
ATOM   553  C  CG  . ARG A 1 93  ? 6.212   7.534   11.547  1.00 32.96 ?  129 ARG A CG  1 
ATOM   554  C  CD  . ARG A 1 93  ? 6.451   9.013   11.243  1.00 32.21 ?  129 ARG A CD  1 
ATOM   555  N  NE  . ARG A 1 93  ? 6.335   9.768   12.476  1.00 31.15 ?  129 ARG A NE  1 
ATOM   556  C  CZ  . ARG A 1 93  ? 7.269   9.795   13.421  1.00 31.37 ?  129 ARG A CZ  1 
ATOM   557  N  NH1 . ARG A 1 93  ? 8.458   9.233   13.237  1.00 25.76 ?  129 ARG A NH1 1 
ATOM   558  N  NH2 . ARG A 1 93  ? 6.996   10.387  14.580  1.00 29.47 ?  129 ARG A NH2 1 
ATOM   559  N  N   . PHE A 1 94  ? 2.368   5.684   10.159  1.00 23.77 ?  130 PHE A N   1 
ATOM   560  C  CA  . PHE A 1 94  ? 1.385   5.130   9.235   1.00 25.91 ?  130 PHE A CA  1 
ATOM   561  C  C   . PHE A 1 94  ? 0.066   5.875   9.355   1.00 27.72 ?  130 PHE A C   1 
ATOM   562  O  O   . PHE A 1 94  ? -0.504  6.325   8.350   1.00 27.94 ?  130 PHE A O   1 
ATOM   563  C  CB  . PHE A 1 94  ? 1.192   3.637   9.519   1.00 27.52 ?  130 PHE A CB  1 
ATOM   564  C  CG  . PHE A 1 94  ? 0.217   2.968   8.590   1.00 26.85 ?  130 PHE A CG  1 
ATOM   565  C  CD1 . PHE A 1 94  ? 0.654   2.399   7.404   1.00 26.22 ?  130 PHE A CD1 1 
ATOM   566  C  CD2 . PHE A 1 94  ? -1.123  2.891   8.921   1.00 26.87 ?  130 PHE A CD2 1 
ATOM   567  C  CE1 . PHE A 1 94  ? -0.248  1.780   6.532   1.00 29.04 ?  130 PHE A CE1 1 
ATOM   568  C  CE2 . PHE A 1 94  ? -2.034  2.286   8.046   1.00 29.17 ?  130 PHE A CE2 1 
ATOM   569  C  CZ  . PHE A 1 94  ? -1.582  1.721   6.866   1.00 25.27 ?  130 PHE A CZ  1 
ATOM   570  N  N   . ALA A 1 95  ? -0.407  6.054   10.593  1.00 28.27 ?  131 ALA A N   1 
ATOM   571  C  CA  . ALA A 1 95  ? -1.714  6.667   10.816  1.00 32.35 ?  131 ALA A CA  1 
ATOM   572  C  C   . ALA A 1 95  ? -1.770  8.092   10.279  1.00 29.68 ?  131 ALA A C   1 
ATOM   573  O  O   . ALA A 1 95  ? -2.706  8.450   9.561   1.00 28.92 ?  131 ALA A O   1 
ATOM   574  C  CB  . ALA A 1 95  ? -2.058  6.644   12.303  1.00 30.19 ?  131 ALA A CB  1 
ATOM   575  N  N   . THR A 1 96  ? -0.775  8.922   10.601  1.00 27.66 ?  132 THR A N   1 
ATOM   576  C  CA  . THR A 1 96  ? -0.867  10.327  10.204  1.00 28.08 ?  132 THR A CA  1 
ATOM   577  C  C   . THR A 1 96  ? -0.681  10.503  8.694   1.00 28.22 ?  132 THR A C   1 
ATOM   578  O  O   . THR A 1 96  ? -1.341  11.354  8.087   1.00 26.79 ?  132 THR A O   1 
ATOM   579  C  CB  . THR A 1 96  ? 0.132   11.195  10.977  1.00 33.10 ?  132 THR A CB  1 
ATOM   580  O  OG1 . THR A 1 96  ? 1.469   10.741  10.756  1.00 36.37 ?  132 THR A OG1 1 
ATOM   581  C  CG2 . THR A 1 96  ? -0.176  11.175  12.469  1.00 34.14 ?  132 THR A CG2 1 
ATOM   582  N  N   . VAL A 1 97  ? 0.196   9.707   8.073   1.00 24.35 ?  133 VAL A N   1 
ATOM   583  C  CA  . VAL A 1 97  ? 0.427   9.831   6.634   1.00 26.19 ?  133 VAL A CA  1 
ATOM   584  C  C   . VAL A 1 97  ? -0.814  9.408   5.863   1.00 25.39 ?  133 VAL A C   1 
ATOM   585  O  O   . VAL A 1 97  ? -1.238  10.078  4.915   1.00 24.84 ?  133 VAL A O   1 
ATOM   586  C  CB  . VAL A 1 97  ? 1.649   9.004   6.208   1.00 28.42 ?  133 VAL A CB  1 
ATOM   587  C  CG1 . VAL A 1 97  ? 1.729   8.904   4.693   1.00 29.68 ?  133 VAL A CG1 1 
ATOM   588  C  CG2 . VAL A 1 97  ? 2.927   9.601   6.805   1.00 27.40 ?  133 VAL A CG2 1 
ATOM   589  N  N   . VAL A 1 98  ? -1.413  8.284   6.253   1.00 23.61 ?  134 VAL A N   1 
ATOM   590  C  CA  . VAL A 1 98  ? -2.606  7.816   5.545   1.00 22.46 ?  134 VAL A CA  1 
ATOM   591  C  C   . VAL A 1 98  ? -3.776  8.780   5.742   1.00 26.38 ?  134 VAL A C   1 
ATOM   592  O  O   . VAL A 1 98  ? -4.575  9.011   4.819   1.00 26.72 ?  134 VAL A O   1 
ATOM   593  C  CB  . VAL A 1 98  ? -2.943  6.380   5.980   1.00 27.39 ?  134 VAL A CB  1 
ATOM   594  C  CG1 . VAL A 1 98  ? -4.313  5.985   5.486   1.00 29.78 ?  134 VAL A CG1 1 
ATOM   595  C  CG2 . VAL A 1 98  ? -1.908  5.426   5.412   1.00 27.24 ?  134 VAL A CG2 1 
ATOM   596  N  N   . GLU A 1 99  ? -3.893  9.379   6.930   1.00 26.91 ?  135 GLU A N   1 
ATOM   597  C  CA  . GLU A 1 99  ? -4.934  10.383  7.141   1.00 27.42 ?  135 GLU A CA  1 
ATOM   598  C  C   . GLU A 1 99  ? -4.735  11.586  6.224   1.00 29.91 ?  135 GLU A C   1 
ATOM   599  O  O   . GLU A 1 99  ? -5.696  12.071  5.609   1.00 31.09 ?  135 GLU A O   1 
ATOM   600  C  CB  . GLU A 1 99  ? -4.978  10.793  8.618   1.00 33.98 ?  135 GLU A CB  1 
ATOM   601  C  CG  . GLU A 1 99  ? -5.472  9.649   9.519   1.00 38.17 ?  135 GLU A CG  1 
ATOM   602  C  CD  . GLU A 1 99  ? -4.930  9.684   10.954  1.00 43.03 ?  135 GLU A CD  1 
ATOM   603  O  OE1 . GLU A 1 99  ? -4.270  10.677  11.337  1.00 48.42 ?  135 GLU A OE1 1 
ATOM   604  O  OE2 . GLU A 1 99  ? -5.140  8.691   11.694  1.00 46.12 ?  135 GLU A OE2 1 
ATOM   605  N  N   . GLU A 1 100 ? -3.493  12.056  6.079   1.00 28.01 ?  136 GLU A N   1 
ATOM   606  C  CA  . GLU A 1 100 ? -3.232  13.125  5.113   1.00 28.49 ?  136 GLU A CA  1 
ATOM   607  C  C   . GLU A 1 100 ? -3.542  12.684  3.688   1.00 28.54 ?  136 GLU A C   1 
ATOM   608  O  O   . GLU A 1 100 ? -4.073  13.465  2.896   1.00 28.68 ?  136 GLU A O   1 
ATOM   609  C  CB  . GLU A 1 100 ? -1.778  13.578  5.199   1.00 31.12 ?  136 GLU A CB  1 
ATOM   610  C  CG  . GLU A 1 100 ? -1.487  14.924  4.540   1.00 38.27 ?  136 GLU A CG  1 
ATOM   611  C  CD  . GLU A 1 100 ? -1.815  16.122  5.434   1.00 48.81 ?  136 GLU A CD  1 
ATOM   612  O  OE1 . GLU A 1 100 ? -2.500  15.949  6.470   1.00 45.68 ?  136 GLU A OE1 1 
ATOM   613  O  OE2 . GLU A 1 100 ? -1.374  17.247  5.095   1.00 49.75 ?  136 GLU A OE2 1 
ATOM   614  N  N   . LEU A 1 101 ? -3.183  11.449  3.326   1.00 25.91 ?  137 LEU A N   1 
ATOM   615  C  CA  . LEU A 1 101 ? -3.398  10.979  1.953   1.00 24.31 ?  137 LEU A CA  1 
ATOM   616  C  C   . LEU A 1 101 ? -4.865  11.084  1.536   1.00 25.68 ?  137 LEU A C   1 
ATOM   617  O  O   . LEU A 1 101 ? -5.186  11.457  0.393   1.00 27.04 ?  137 LEU A O   1 
ATOM   618  C  CB  . LEU A 1 101 ? -2.907  9.533   1.838   1.00 24.21 ?  137 LEU A CB  1 
ATOM   619  C  CG  . LEU A 1 101 ? -3.280  8.800   0.555   1.00 22.47 ?  137 LEU A CG  1 
ATOM   620  C  CD1 . LEU A 1 101 ? -2.725  9.502   -0.694  1.00 22.39 ?  137 LEU A CD1 1 
ATOM   621  C  CD2 . LEU A 1 101 ? -2.775  7.382   0.633   1.00 22.47 ?  137 LEU A CD2 1 
ATOM   622  N  N   . PHE A 1 102 ? -5.776  10.773  2.457   1.00 27.28 ?  138 PHE A N   1 
ATOM   623  C  CA  . PHE A 1 102 ? -7.197  10.713  2.158   1.00 28.37 ?  138 PHE A CA  1 
ATOM   624  C  C   . PHE A 1 102 ? -7.963  11.924  2.677   1.00 28.92 ?  138 PHE A C   1 
ATOM   625  O  O   . PHE A 1 102 ? -9.193  11.870  2.783   1.00 34.23 ?  138 PHE A O   1 
ATOM   626  C  CB  . PHE A 1 102 ? -7.776  9.405   2.697   1.00 23.44 ?  138 PHE A CB  1 
ATOM   627  C  CG  . PHE A 1 102 ? -7.284  8.180   1.957   1.00 24.91 ?  138 PHE A CG  1 
ATOM   628  C  CD1 . PHE A 1 102 ? -7.671  7.968   0.636   1.00 22.48 ?  138 PHE A CD1 1 
ATOM   629  C  CD2 . PHE A 1 102 ? -6.447  7.245   2.563   1.00 26.23 ?  138 PHE A CD2 1 
ATOM   630  C  CE1 . PHE A 1 102 ? -7.234  6.851   -0.065  1.00 21.85 ?  138 PHE A CE1 1 
ATOM   631  C  CE2 . PHE A 1 102 ? -5.999  6.118   1.844   1.00 23.86 ?  138 PHE A CE2 1 
ATOM   632  C  CZ  . PHE A 1 102 ? -6.395  5.934   0.527   1.00 23.91 ?  138 PHE A CZ  1 
ATOM   633  N  N   . ARG A 1 103 ? -7.268  13.036  2.928   1.00 30.78 ?  139 ARG A N   1 
ATOM   634  C  CA  . ARG A 1 103 ? -7.923  14.222  3.480   1.00 34.87 ?  139 ARG A CA  1 
ATOM   635  C  C   . ARG A 1 103 ? -9.003  14.770  2.558   1.00 38.09 ?  139 ARG A C   1 
ATOM   636  O  O   . ARG A 1 103 ? -10.010 15.297  3.041   1.00 41.35 ?  139 ARG A O   1 
ATOM   637  C  CB  . ARG A 1 103 ? -6.896  15.317  3.768   1.00 37.89 ?  139 ARG A CB  1 
ATOM   638  C  CG  . ARG A 1 103 ? -6.069  15.717  2.553   1.00 42.28 ?  139 ARG A CG  1 
ATOM   639  C  CD  . ARG A 1 103 ? -5.097  16.859  2.854   1.00 45.75 ?  139 ARG A CD  1 
ATOM   640  N  NE  . ARG A 1 103 ? -4.819  17.639  1.656   1.00 49.44 ?  139 ARG A NE  1 
ATOM   641  C  CZ  . ARG A 1 103 ? -4.113  17.189  0.626   1.00 52.88 ?  139 ARG A CZ  1 
ATOM   642  N  NH1 . ARG A 1 103 ? -3.544  15.992  0.647   1.00 48.25 ?  139 ARG A NH1 1 
ATOM   643  N  NH2 . ARG A 1 103 ? -3.971  17.961  -0.450  1.00 56.12 ?  139 ARG A NH2 1 
ATOM   644  N  N   . ASP A 1 104 ? -8.816  14.686  1.240   1.00 35.49 ?  140 ASP A N   1 
ATOM   645  C  CA  . ASP A 1 104 ? -9.801  15.227  0.311   1.00 37.04 ?  140 ASP A CA  1 
ATOM   646  C  C   . ASP A 1 104 ? -10.680 14.156  -0.318  1.00 36.78 ?  140 ASP A C   1 
ATOM   647  O  O   . ASP A 1 104 ? -11.346 14.416  -1.325  1.00 35.57 ?  140 ASP A O   1 
ATOM   648  C  CB  . ASP A 1 104 ? -9.123  16.062  -0.772  1.00 42.17 ?  140 ASP A CB  1 
ATOM   649  C  CG  . ASP A 1 104 ? -8.896  17.489  -0.328  1.00 46.97 ?  140 ASP A CG  1 
ATOM   650  O  OD1 . ASP A 1 104 ? -8.351  17.690  0.778   1.00 44.16 ?  140 ASP A OD1 1 
ATOM   651  O  OD2 . ASP A 1 104 ? -9.291  18.410  -1.075  1.00 54.02 ?  140 ASP A OD2 1 
ATOM   652  N  N   . GLY A 1 105 ? -10.716 12.973  0.262   1.00 34.34 ?  141 GLY A N   1 
ATOM   653  C  CA  . GLY A 1 105 ? -11.556 11.907  -0.236  1.00 32.05 ?  141 GLY A CA  1 
ATOM   654  C  C   . GLY A 1 105 ? -10.731 10.797  -0.856  1.00 33.13 ?  141 GLY A C   1 
ATOM   655  O  O   . GLY A 1 105 ? -9.502  10.798  -0.829  1.00 30.29 ?  141 GLY A O   1 
ATOM   656  N  N   . VAL A 1 106 ? -11.449 9.839   -1.416  1.00 29.26 ?  142 VAL A N   1 
ATOM   657  C  CA  . VAL A 1 106 ? -10.872 8.616   -1.953  1.00 27.50 ?  142 VAL A CA  1 
ATOM   658  C  C   . VAL A 1 106 ? -11.028 8.639   -3.467  1.00 30.08 ?  142 VAL A C   1 
ATOM   659  O  O   . VAL A 1 106 ? -12.049 9.097   -3.991  1.00 28.34 ?  142 VAL A O   1 
ATOM   660  C  CB  . VAL A 1 106 ? -11.550 7.369   -1.342  1.00 25.13 ?  142 VAL A CB  1 
ATOM   661  C  CG1 . VAL A 1 106 ? -10.914 6.088   -1.853  1.00 25.06 ?  142 VAL A CG1 1 
ATOM   662  C  CG2 . VAL A 1 106 ? -11.483 7.408   0.175   1.00 28.19 ?  142 VAL A CG2 1 
ATOM   663  N  N   . ASN A 1 107 ? -9.989  8.201   -4.170  1.00 24.52 ?  143 ASN A N   1 
ATOM   664  C  CA  . ASN A 1 107 ? -10.146 7.750   -5.542  1.00 23.98 ?  143 ASN A CA  1 
ATOM   665  C  C   . ASN A 1 107 ? -9.104  6.668   -5.794  1.00 23.56 ?  143 ASN A C   1 
ATOM   666  O  O   . ASN A 1 107 ? -8.341  6.301   -4.893  1.00 21.85 ?  143 ASN A O   1 
ATOM   667  C  CB  . ASN A 1 107 ? -10.096 8.922   -6.540  1.00 27.08 ?  143 ASN A CB  1 
ATOM   668  C  CG  . ASN A 1 107 ? -8.721  9.543   -6.690  1.00 26.73 ?  143 ASN A CG  1 
ATOM   669  O  OD1 . ASN A 1 107 ? -7.722  9.101   -6.114  1.00 25.96 ?  143 ASN A OD1 1 
ATOM   670  N  ND2 . ASN A 1 107 ? -8.666  10.600  -7.498  1.00 32.39 ?  143 ASN A ND2 1 
ATOM   671  N  N   . TRP A 1 108 ? -9.110  6.116   -7.010  1.00 26.57 ?  144 TRP A N   1 
ATOM   672  C  CA  . TRP A 1 108 ? -8.247  4.968   -7.278  1.00 23.07 ?  144 TRP A CA  1 
ATOM   673  C  C   . TRP A 1 108 ? -6.776  5.352   -7.176  1.00 22.68 ?  144 TRP A C   1 
ATOM   674  O  O   . TRP A 1 108 ? -5.960  4.563   -6.694  1.00 20.59 ?  144 TRP A O   1 
ATOM   675  C  CB  . TRP A 1 108 ? -8.555  4.360   -8.645  1.00 24.97 ?  144 TRP A CB  1 
ATOM   676  C  CG  . TRP A 1 108 ? -9.837  3.562   -8.701  1.00 24.66 ?  144 TRP A CG  1 
ATOM   677  C  CD1 . TRP A 1 108 ? -10.916 3.792   -9.513  1.00 26.90 ?  144 TRP A CD1 1 
ATOM   678  C  CD2 . TRP A 1 108 ? -10.154 2.399   -7.934  1.00 21.09 ?  144 TRP A CD2 1 
ATOM   679  N  NE1 . TRP A 1 108 ? -11.885 2.846   -9.290  1.00 27.61 ?  144 TRP A NE1 1 
ATOM   680  C  CE2 . TRP A 1 108 ? -11.449 1.981   -8.321  1.00 27.05 ?  144 TRP A CE2 1 
ATOM   681  C  CE3 . TRP A 1 108 ? -9.476  1.674   -6.955  1.00 26.02 ?  144 TRP A CE3 1 
ATOM   682  C  CZ2 . TRP A 1 108 ? -12.075 0.864   -7.757  1.00 26.23 ?  144 TRP A CZ2 1 
ATOM   683  C  CZ3 . TRP A 1 108 ? -10.100 0.574   -6.390  1.00 27.80 ?  144 TRP A CZ3 1 
ATOM   684  C  CH2 . TRP A 1 108 ? -11.391 0.185   -6.787  1.00 25.86 ?  144 TRP A CH2 1 
ATOM   685  N  N   . GLY A 1 109 ? -6.423  6.556   -7.621  1.00 20.74 ?  145 GLY A N   1 
ATOM   686  C  CA  . GLY A 1 109 ? -5.041  6.999   -7.541  1.00 18.78 ?  145 GLY A CA  1 
ATOM   687  C  C   . GLY A 1 109 ? -4.549  7.074   -6.110  1.00 20.44 ?  145 GLY A C   1 
ATOM   688  O  O   . GLY A 1 109 ? -3.404  6.743   -5.823  1.00 19.94 ?  145 GLY A O   1 
ATOM   689  N  N   . ARG A 1 110 ? -5.401  7.551   -5.200  1.00 20.79 ?  146 ARG A N   1 
ATOM   690  C  CA  . ARG A 1 110 ? -5.005  7.598   -3.800  1.00 20.35 ?  146 ARG A CA  1 
ATOM   691  C  C   . ARG A 1 110 ? -4.917  6.204   -3.206  1.00 19.53 ?  146 ARG A C   1 
ATOM   692  O  O   . ARG A 1 110 ? -4.095  5.970   -2.309  1.00 18.68 ?  146 ARG A O   1 
ATOM   693  C  CB  . ARG A 1 110 ? -5.978  8.462   -3.007  1.00 21.55 ?  146 ARG A CB  1 
ATOM   694  C  CG  . ARG A 1 110 ? -5.878  9.918   -3.387  1.00 23.52 ?  146 ARG A CG  1 
ATOM   695  C  CD  . ARG A 1 110 ? -6.866  10.751  -2.618  1.00 29.58 ?  146 ARG A CD  1 
ATOM   696  N  NE  . ARG A 1 110 ? -6.878  12.131  -3.087  1.00 32.71 ?  146 ARG A NE  1 
ATOM   697  C  CZ  . ARG A 1 110 ? -7.857  12.666  -3.799  1.00 35.12 ?  146 ARG A CZ  1 
ATOM   698  N  NH1 . ARG A 1 110 ? -8.927  11.966  -4.138  1.00 37.15 ?  146 ARG A NH1 1 
ATOM   699  N  NH2 . ARG A 1 110 ? -7.757  13.934  -4.187  1.00 40.22 ?  146 ARG A NH2 1 
ATOM   700  N  N   . ILE A 1 111 ? -5.733  5.272   -3.690  1.00 21.66 ?  147 ILE A N   1 
ATOM   701  C  CA  . ILE A 1 111 ? -5.617  3.898   -3.218  1.00 22.18 ?  147 ILE A CA  1 
ATOM   702  C  C   . ILE A 1 111 ? -4.299  3.288   -3.682  1.00 20.55 ?  147 ILE A C   1 
ATOM   703  O  O   . ILE A 1 111 ? -3.593  2.644   -2.891  1.00 19.15 ?  147 ILE A O   1 
ATOM   704  C  CB  . ILE A 1 111 ? -6.837  3.073   -3.656  1.00 21.82 ?  147 ILE A CB  1 
ATOM   705  C  CG1 . ILE A 1 111 ? -8.047  3.553   -2.853  1.00 23.12 ?  147 ILE A CG1 1 
ATOM   706  C  CG2 . ILE A 1 111 ? -6.594  1.594   -3.380  1.00 19.90 ?  147 ILE A CG2 1 
ATOM   707  C  CD1 . ILE A 1 111 ? -9.353  2.948   -3.300  1.00 23.77 ?  147 ILE A CD1 1 
ATOM   708  N  N   . VAL A 1 112 ? -3.890  3.569   -4.920  1.00 18.61 ?  148 VAL A N   1 
ATOM   709  C  CA  . VAL A 1 112 ? -2.585  3.119   -5.394  1.00 16.49 ?  148 VAL A CA  1 
ATOM   710  C  C   . VAL A 1 112 ? -1.483  3.723   -4.533  1.00 19.79 ?  148 VAL A C   1 
ATOM   711  O  O   . VAL A 1 112 ? -0.542  3.029   -4.120  1.00 20.57 ?  148 VAL A O   1 
ATOM   712  C  CB  . VAL A 1 112 ? -2.405  3.469   -6.884  1.00 18.44 ?  148 VAL A CB  1 
ATOM   713  C  CG1 . VAL A 1 112 ? -0.973  3.195   -7.300  1.00 21.39 ?  148 VAL A CG1 1 
ATOM   714  C  CG2 . VAL A 1 112 ? -3.346  2.627   -7.746  1.00 19.78 ?  148 VAL A CG2 1 
ATOM   715  N  N   . ALA A 1 113 ? -1.609  5.018   -4.224  1.00 17.42 ?  149 ALA A N   1 
ATOM   716  C  CA  . ALA A 1 113 ? -0.640  5.712   -3.382  1.00 17.87 ?  149 ALA A CA  1 
ATOM   717  C  C   . ALA A 1 113 ? -0.545  5.061   -2.014  1.00 17.83 ?  149 ALA A C   1 
ATOM   718  O  O   . ALA A 1 113 ? 0.546   4.971   -1.444  1.00 20.41 ?  149 ALA A O   1 
ATOM   719  C  CB  . ALA A 1 113 ? -1.043  7.184   -3.246  1.00 19.03 ?  149 ALA A CB  1 
ATOM   720  N  N   . PHE A 1 114 ? -1.692  4.659   -1.461  1.00 17.08 ?  150 PHE A N   1 
ATOM   721  C  CA  . PHE A 1 114 ? -1.745  3.972   -0.177  1.00 20.72 ?  150 PHE A CA  1 
ATOM   722  C  C   . PHE A 1 114 ? -0.942  2.673   -0.210  1.00 19.50 ?  150 PHE A C   1 
ATOM   723  O  O   . PHE A 1 114 ? -0.136  2.402   0.699   1.00 19.76 ?  150 PHE A O   1 
ATOM   724  C  CB  . PHE A 1 114 ? -3.229  3.746   0.156   1.00 19.63 ?  150 PHE A CB  1 
ATOM   725  C  CG  . PHE A 1 114 ? -3.488  2.750   1.238   1.00 20.23 ?  150 PHE A CG  1 
ATOM   726  C  CD1 . PHE A 1 114 ? -3.454  3.143   2.577   1.00 22.58 ?  150 PHE A CD1 1 
ATOM   727  C  CD2 . PHE A 1 114 ? -3.823  1.451   0.920   1.00 22.16 ?  150 PHE A CD2 1 
ATOM   728  C  CE1 . PHE A 1 114 ? -3.725  2.218   3.601   1.00 20.90 ?  150 PHE A CE1 1 
ATOM   729  C  CE2 . PHE A 1 114 ? -4.089  0.512   1.949   1.00 22.18 ?  150 PHE A CE2 1 
ATOM   730  C  CZ  . PHE A 1 114 ? -4.044  0.912   3.272   1.00 24.16 ?  150 PHE A CZ  1 
ATOM   731  N  N   . PHE A 1 115 ? -1.125  1.868   -1.259  1.00 20.90 ?  151 PHE A N   1 
ATOM   732  C  CA  . PHE A 1 115 ? -0.346  0.633   -1.380  1.00 20.77 ?  151 PHE A CA  1 
ATOM   733  C  C   . PHE A 1 115 ? 1.134   0.932   -1.548  1.00 21.80 ?  151 PHE A C   1 
ATOM   734  O  O   . PHE A 1 115 ? 1.986   0.290   -0.922  1.00 23.45 ?  151 PHE A O   1 
ATOM   735  C  CB  . PHE A 1 115 ? -0.850  -0.197  -2.553  1.00 22.74 ?  151 PHE A CB  1 
ATOM   736  C  CG  . PHE A 1 115 ? -2.042  -1.035  -2.217  1.00 20.63 ?  151 PHE A CG  1 
ATOM   737  C  CD1 . PHE A 1 115 ? -1.888  -2.267  -1.602  1.00 23.58 ?  151 PHE A CD1 1 
ATOM   738  C  CD2 . PHE A 1 115 ? -3.315  -0.593  -2.497  1.00 24.37 ?  151 PHE A CD2 1 
ATOM   739  C  CE1 . PHE A 1 115 ? -2.989  -3.048  -1.288  1.00 23.98 ?  151 PHE A CE1 1 
ATOM   740  C  CE2 . PHE A 1 115 ? -4.430  -1.367  -2.167  1.00 23.61 ?  151 PHE A CE2 1 
ATOM   741  C  CZ  . PHE A 1 115 ? -4.262  -2.603  -1.583  1.00 24.27 ?  151 PHE A CZ  1 
ATOM   742  N  N   . GLU A 1 116 ? 1.454   1.908   -2.383  1.00 20.21 ?  152 GLU A N   1 
ATOM   743  C  CA  . GLU A 1 116 ? 2.851   2.257   -2.591  1.00 21.27 ?  152 GLU A CA  1 
ATOM   744  C  C   . GLU A 1 116 ? 3.486   2.755   -1.296  1.00 22.79 ?  152 GLU A C   1 
ATOM   745  O  O   . GLU A 1 116 ? 4.615   2.376   -0.967  1.00 25.10 ?  152 GLU A O   1 
ATOM   746  C  CB  . GLU A 1 116 ? 2.951   3.287   -3.715  1.00 25.07 ?  152 GLU A CB  1 
ATOM   747  C  CG  . GLU A 1 116 ? 3.285   2.664   -5.072  1.00 32.04 ?  152 GLU A CG  1 
ATOM   748  C  CD  . GLU A 1 116 ? 4.605   1.902   -5.023  1.00 33.55 ?  152 GLU A CD  1 
ATOM   749  O  OE1 . GLU A 1 116 ? 5.623   2.497   -4.624  1.00 41.28 ?  152 GLU A OE1 1 
ATOM   750  O  OE2 . GLU A 1 116 ? 4.622   0.706   -5.369  1.00 39.96 ?  152 GLU A OE2 1 
ATOM   751  N  N   . PHE A 1 117 ? 2.765   3.581   -0.529  1.00 19.98 ?  153 PHE A N   1 
ATOM   752  C  CA  . PHE A 1 117 ? 3.318   4.070   0.731   1.00 21.34 ?  153 PHE A CA  1 
ATOM   753  C  C   . PHE A 1 117 ? 3.524   2.929   1.715   1.00 21.72 ?  153 PHE A C   1 
ATOM   754  O  O   . PHE A 1 117 ? 4.554   2.858   2.394   1.00 20.85 ?  153 PHE A O   1 
ATOM   755  C  CB  . PHE A 1 117 ? 2.408   5.129   1.337   1.00 22.41 ?  153 PHE A CB  1 
ATOM   756  C  CG  . PHE A 1 117 ? 2.711   5.408   2.775   1.00 26.28 ?  153 PHE A CG  1 
ATOM   757  C  CD1 . PHE A 1 117 ? 3.868   6.064   3.121   1.00 26.01 ?  153 PHE A CD1 1 
ATOM   758  C  CD2 . PHE A 1 117 ? 1.853   4.985   3.778   1.00 25.98 ?  153 PHE A CD2 1 
ATOM   759  C  CE1 . PHE A 1 117 ? 4.174   6.306   4.460   1.00 26.62 ?  153 PHE A CE1 1 
ATOM   760  C  CE2 . PHE A 1 117 ? 2.152   5.229   5.105   1.00 29.80 ?  153 PHE A CE2 1 
ATOM   761  C  CZ  . PHE A 1 117 ? 3.309   5.899   5.437   1.00 29.12 ?  153 PHE A CZ  1 
ATOM   762  N  N   . GLY A 1 118 ? 2.570   2.015   1.799   1.00 20.19 ?  154 GLY A N   1 
ATOM   763  C  CA  . GLY A 1 118 ? 2.781   0.850   2.653   1.00 24.60 ?  154 GLY A CA  1 
ATOM   764  C  C   . GLY A 1 118 ? 3.980   0.032   2.212   1.00 25.33 ?  154 GLY A C   1 
ATOM   765  O  O   . GLY A 1 118 ? 4.769   -0.435  3.036   1.00 23.10 ?  154 GLY A O   1 
ATOM   766  N  N   . GLY A 1 119 ? 4.162   -0.108  0.903   1.00 23.03 ?  155 GLY A N   1 
ATOM   767  C  CA  . GLY A 1 119 ? 5.333   -0.795  0.393   1.00 24.39 ?  155 GLY A CA  1 
ATOM   768  C  C   . GLY A 1 119 ? 6.622   -0.105  0.783   1.00 25.96 ?  155 GLY A C   1 
ATOM   769  O  O   . GLY A 1 119 ? 7.587   -0.760  1.182   1.00 23.62 ?  155 GLY A O   1 
ATOM   770  N  N   . VAL A 1 120 ? 6.645   1.229   0.700   1.00 23.55 ?  156 VAL A N   1 
ATOM   771  C  CA  . VAL A 1 120 ? 7.820   1.994   1.119   1.00 23.29 ?  156 VAL A CA  1 
ATOM   772  C  C   . VAL A 1 120 ? 8.112   1.773   2.599   1.00 26.09 ?  156 VAL A C   1 
ATOM   773  O  O   . VAL A 1 120 ? 9.276   1.608   3.000   1.00 26.83 ?  156 VAL A O   1 
ATOM   774  C  CB  . VAL A 1 120 ? 7.623   3.487   0.788   1.00 25.69 ?  156 VAL A CB  1 
ATOM   775  C  CG1 . VAL A 1 120 ? 8.671   4.329   1.491   1.00 27.01 ?  156 VAL A CG1 1 
ATOM   776  C  CG2 . VAL A 1 120 ? 7.721   3.694   -0.711  1.00 29.86 ?  156 VAL A CG2 1 
ATOM   777  N  N   . MET A 1 121 ? 7.073   1.780   3.439   1.00 22.14 ?  157 MET A N   1 
ATOM   778  C  CA  . MET A 1 121 ? 7.285   1.559   4.872   1.00 19.52 ?  157 MET A CA  1 
ATOM   779  C  C   . MET A 1 121 ? 7.877   0.178   5.114   1.00 22.38 ?  157 MET A C   1 
ATOM   780  O  O   . MET A 1 121 ? 8.728   0.006   6.000   1.00 21.09 ?  157 MET A O   1 
ATOM   781  C  CB  . MET A 1 121 ? 5.955   1.736   5.604   1.00 22.83 ?  157 MET A CB  1 
ATOM   782  C  CG  . MET A 1 121 ? 5.688   3.156   6.082   1.00 29.94 ?  157 MET A CG  1 
ATOM   783  S  SD  . MET A 1 121 ? 4.310   3.186   7.246   1.00 36.53 ?  157 MET A SD  1 
ATOM   784  C  CE  . MET A 1 121 ? 5.121   2.747   8.772   1.00 26.40 ?  157 MET A CE  1 
ATOM   785  N  N   . CYS A 1 122 ? 7.443   -0.819  4.330   1.00 21.12 ?  158 CYS A N   1 
ATOM   786  C  CA  . CYS A 1 122 ? 7.954   -2.180  4.482   1.00 21.80 ?  158 CYS A CA  1 
ATOM   787  C  C   . CYS A 1 122 ? 9.410   -2.283  4.048   1.00 24.09 ?  158 CYS A C   1 
ATOM   788  O  O   . CYS A 1 122 ? 10.230  -2.908  4.738   1.00 23.79 ?  158 CYS A O   1 
ATOM   789  C  CB  . CYS A 1 122 ? 7.097   -3.162  3.690   1.00 22.02 ?  158 CYS A CB  1 
ATOM   790  S  SG  . CYS A 1 122 ? 5.472   -3.415  4.434   1.00 24.81 ?  158 CYS A SG  1 
ATOM   791  N  N   . VAL A 1 123 ? 9.749   -1.660  2.923   1.00 20.43 ?  159 VAL A N   1 
ATOM   792  C  CA  . VAL A 1 123 ? 11.130  -1.672  2.460   1.00 19.90 ?  159 VAL A CA  1 
ATOM   793  C  C   . VAL A 1 123 ? 12.019  -0.948  3.453   1.00 23.62 ?  159 VAL A C   1 
ATOM   794  O  O   . VAL A 1 123 ? 13.109  -1.422  3.782   1.00 24.03 ?  159 VAL A O   1 
ATOM   795  C  CB  . VAL A 1 123 ? 11.229  -1.062  1.055   1.00 22.79 ?  159 VAL A CB  1 
ATOM   796  C  CG1 . VAL A 1 123 ? 12.722  -0.877  0.683   1.00 28.36 ?  159 VAL A CG1 1 
ATOM   797  C  CG2 . VAL A 1 123 ? 10.495  -1.959  0.064   1.00 22.41 ?  159 VAL A CG2 1 
ATOM   798  N  N   . GLU A 1 124 ? 11.559  0.193   3.970   1.00 21.86 ?  160 GLU A N   1 
ATOM   799  C  CA  . GLU A 1 124 ? 12.364  0.900   4.968   1.00 23.40 ?  160 GLU A CA  1 
ATOM   800  C  C   . GLU A 1 124 ? 12.565  0.060   6.218   1.00 25.79 ?  160 GLU A C   1 
ATOM   801  O  O   . GLU A 1 124 ? 13.657  0.053   6.804   1.00 25.80 ?  160 GLU A O   1 
ATOM   802  C  CB  . GLU A 1 124 ? 11.712  2.233   5.314   1.00 29.54 ?  160 GLU A CB  1 
ATOM   803  C  CG  . GLU A 1 124 ? 12.576  3.173   6.150   1.00 37.90 ?  160 GLU A CG  1 
ATOM   804  C  CD  . GLU A 1 124 ? 13.716  3.812   5.345   1.00 46.15 ?  160 GLU A CD  1 
ATOM   805  O  OE1 . GLU A 1 124 ? 14.054  4.984   5.630   1.00 49.23 ?  160 GLU A OE1 1 
ATOM   806  O  OE2 . GLU A 1 124 ? 14.298  3.151   4.458   1.00 55.03 ?  160 GLU A OE2 1 
ATOM   807  N  N   . SER A 1 125 ? 11.525  -0.647  6.655   1.00 21.41 ?  161 SER A N   1 
ATOM   808  C  CA  . SER A 1 125 ? 11.661  -1.492  7.833   1.00 23.24 ?  161 SER A CA  1 
ATOM   809  C  C   . SER A 1 125 ? 12.721  -2.567  7.627   1.00 24.79 ?  161 SER A C   1 
ATOM   810  O  O   . SER A 1 125 ? 13.534  -2.828  8.523   1.00 26.11 ?  161 SER A O   1 
ATOM   811  C  CB  . SER A 1 125 ? 10.311  -2.120  8.191   1.00 24.38 ?  161 SER A CB  1 
ATOM   812  O  OG  A SER A 1 125 ? 9.358   -1.128  8.520   0.78 24.21 ?  161 SER A OG  1 
ATOM   813  O  OG  B SER A 1 125 ? 10.134  -3.354  7.527   0.22 22.65 ?  161 SER A OG  1 
ATOM   814  N  N   . VAL A 1 126 ? 12.740  -3.198  6.453   1.00 22.13 ?  162 VAL A N   1 
ATOM   815  C  CA  . VAL A 1 126 ? 13.753  -4.205  6.157   1.00 23.21 ?  162 VAL A CA  1 
ATOM   816  C  C   . VAL A 1 126 ? 15.127  -3.558  6.045   1.00 24.16 ?  162 VAL A C   1 
ATOM   817  O  O   . VAL A 1 126 ? 16.122  -4.084  6.565   1.00 25.26 ?  162 VAL A O   1 
ATOM   818  C  CB  . VAL A 1 126 ? 13.374  -4.979  4.883   1.00 27.13 ?  162 VAL A CB  1 
ATOM   819  C  CG1 . VAL A 1 126 ? 14.502  -5.870  4.447   1.00 28.70 ?  162 VAL A CG1 1 
ATOM   820  C  CG2 . VAL A 1 126 ? 12.114  -5.803  5.132   1.00 25.79 ?  162 VAL A CG2 1 
ATOM   821  N  N   . ASN A 1 127 ? 15.198  -2.392  5.390   1.00 25.70 ?  163 ASN A N   1 
ATOM   822  C  CA  . ASN A 1 127 ? 16.462  -1.674  5.265   1.00 25.64 ?  163 ASN A CA  1 
ATOM   823  C  C   . ASN A 1 127 ? 17.067  -1.381  6.626   1.00 28.66 ?  163 ASN A C   1 
ATOM   824  O  O   . ASN A 1 127 ? 18.296  -1.342  6.766   1.00 30.96 ?  163 ASN A O   1 
ATOM   825  C  CB  . ASN A 1 127 ? 16.260  -0.357  4.514   1.00 27.31 ?  163 ASN A CB  1 
ATOM   826  C  CG  . ASN A 1 127 ? 16.186  -0.540  3.031   1.00 33.51 ?  163 ASN A CG  1 
ATOM   827  O  OD1 . ASN A 1 127 ? 16.471  -1.620  2.507   1.00 35.98 ?  163 ASN A OD1 1 
ATOM   828  N  ND2 . ASN A 1 127 ? 15.802  0.520   2.327   1.00 31.97 ?  163 ASN A ND2 1 
ATOM   829  N  N   . ARG A 1 128 ? 16.225  -1.172  7.632   1.00 26.86 ?  164 ARG A N   1 
ATOM   830  C  CA  . ARG A 1 128 ? 16.655  -0.740  8.953   1.00 27.56 ?  164 ARG A CA  1 
ATOM   831  C  C   . ARG A 1 128 ? 16.783  -1.903  9.924   1.00 28.38 ?  164 ARG A C   1 
ATOM   832  O  O   . ARG A 1 128 ? 16.876  -1.674  11.134  1.00 29.03 ?  164 ARG A O   1 
ATOM   833  C  CB  . ARG A 1 128 ? 15.674  0.295   9.498   1.00 31.03 ?  164 ARG A CB  1 
ATOM   834  C  CG  . ARG A 1 128 ? 15.919  1.705   8.986   1.00 34.80 ?  164 ARG A CG  1 
ATOM   835  C  CD  . ARG A 1 128 ? 14.675  2.567   9.183   1.00 37.99 ?  164 ARG A CD  1 
ATOM   836  N  NE  . ARG A 1 128 ? 14.638  3.079   10.547  1.00 44.14 ?  164 ARG A NE  1 
ATOM   837  C  CZ  . ARG A 1 128 ? 15.172  4.231   10.931  1.00 41.53 ?  164 ARG A CZ  1 
ATOM   838  N  NH1 . ARG A 1 128 ? 15.702  5.073   10.057  1.00 47.43 ?  164 ARG A NH1 1 
ATOM   839  N  NH2 . ARG A 1 128 ? 15.187  4.539   12.226  1.00 38.64 ?  164 ARG A NH2 1 
ATOM   840  N  N   . GLU A 1 129 ? 16.787  -3.142  9.418   1.00 28.95 ?  165 GLU A N   1 
ATOM   841  C  CA  . GLU A 1 129 ? 16.898  -4.342  10.251  1.00 27.56 ?  165 GLU A CA  1 
ATOM   842  C  C   . GLU A 1 129 ? 15.756  -4.411  11.259  1.00 28.25 ?  165 GLU A C   1 
ATOM   843  O  O   . GLU A 1 129 ? 15.931  -4.799  12.417  1.00 28.15 ?  165 GLU A O   1 
ATOM   844  C  CB  . GLU A 1 129 ? 18.259  -4.400  10.950  1.00 27.70 ?  165 GLU A CB  1 
ATOM   845  C  CG  . GLU A 1 129 ? 19.410  -4.176  9.990   1.00 33.27 ?  165 GLU A CG  1 
ATOM   846  C  CD  . GLU A 1 129 ? 20.763  -4.268  10.676  1.00 44.49 ?  165 GLU A CD  1 
ATOM   847  O  OE1 . GLU A 1 129 ? 21.028  -3.452  11.585  1.00 47.76 ?  165 GLU A OE1 1 
ATOM   848  O  OE2 . GLU A 1 129 ? 21.556  -5.159  10.310  1.00 49.67 ?  165 GLU A OE2 1 
ATOM   849  N  N   . MET A 1 130 ? 14.578  -4.026  10.794  1.00 26.83 ?  166 MET A N   1 
ATOM   850  C  CA  . MET A 1 130 ? 13.350  -3.926  11.566  1.00 28.30 ?  166 MET A CA  1 
ATOM   851  C  C   . MET A 1 130 ? 12.274  -4.767  10.878  1.00 26.24 ?  166 MET A C   1 
ATOM   852  O  O   . MET A 1 130 ? 11.086  -4.447  10.922  1.00 25.95 ?  166 MET A O   1 
ATOM   853  C  CB  . MET A 1 130 ? 12.954  -2.456  11.656  1.00 33.05 ?  166 MET A CB  1 
ATOM   854  C  CG  . MET A 1 130 ? 13.199  -1.797  12.988  1.00 39.83 ?  166 MET A CG  1 
ATOM   855  S  SD  . MET A 1 130 ? 13.084  -0.015  12.716  1.00 43.12 ?  166 MET A SD  1 
ATOM   856  C  CE  . MET A 1 130 ? 14.509  0.569   13.631  1.00 41.38 ?  166 MET A CE  1 
ATOM   857  N  N   . SER A 1 131 ? 12.703  -5.844  10.215  1.00 21.84 ?  167 SER A N   1 
ATOM   858  C  CA  . SER A 1 131 ? 11.882  -6.688  9.358   1.00 26.87 ?  167 SER A CA  1 
ATOM   859  C  C   . SER A 1 131 ? 10.589  -7.174  10.008  1.00 25.92 ?  167 SER A C   1 
ATOM   860  O  O   . SER A 1 131 ? 9.603   -7.376  9.287   1.00 23.57 ?  167 SER A O   1 
ATOM   861  C  CB  . SER A 1 131 ? 12.707  -7.881  8.877   1.00 30.99 ?  167 SER A CB  1 
ATOM   862  O  OG  . SER A 1 131 ? 13.919  -7.442  8.284   1.00 37.38 ?  167 SER A OG  1 
ATOM   863  N  N   . PRO A 1 132 ? 10.527  -7.410  11.324  1.00 24.23 ?  168 PRO A N   1 
ATOM   864  C  CA  . PRO A 1 132 ? 9.238   -7.798  11.917  1.00 27.41 ?  168 PRO A CA  1 
ATOM   865  C  C   . PRO A 1 132 ? 8.136   -6.763  11.725  1.00 27.58 ?  168 PRO A C   1 
ATOM   866  O  O   . PRO A 1 132 ? 6.953   -7.130  11.774  1.00 25.44 ?  168 PRO A O   1 
ATOM   867  C  CB  . PRO A 1 132 ? 9.584   -8.002  13.396  1.00 30.33 ?  168 PRO A CB  1 
ATOM   868  C  CG  . PRO A 1 132 ? 10.985  -8.482  13.344  1.00 28.03 ?  168 PRO A CG  1 
ATOM   869  C  CD  . PRO A 1 132 ? 11.642  -7.690  12.265  1.00 26.05 ?  168 PRO A CD  1 
ATOM   870  N  N   . LEU A 1 133 ? 8.479   -5.489  11.500  1.00 26.22 ?  169 LEU A N   1 
ATOM   871  C  CA  . LEU A 1 133 ? 7.444   -4.490  11.313  1.00 23.58 ?  169 LEU A CA  1 
ATOM   872  C  C   . LEU A 1 133 ? 6.668   -4.722  10.036  1.00 24.43 ?  169 LEU A C   1 
ATOM   873  O  O   . LEU A 1 133 ? 5.553   -4.216  9.928   1.00 26.27 ?  169 LEU A O   1 
ATOM   874  C  CB  . LEU A 1 133 ? 7.999   -3.064  11.300  1.00 27.48 ?  169 LEU A CB  1 
ATOM   875  C  CG  . LEU A 1 133 ? 8.870   -2.619  12.476  1.00 32.39 ?  169 LEU A CG  1 
ATOM   876  C  CD1 . LEU A 1 133 ? 9.153   -1.119  12.363  1.00 33.65 ?  169 LEU A CD1 1 
ATOM   877  C  CD2 . LEU A 1 133 ? 8.208   -2.980  13.803  1.00 33.28 ?  169 LEU A CD2 1 
ATOM   878  N  N   . VAL A 1 134 ? 7.220   -5.478  9.082   1.00 21.33 ?  170 VAL A N   1 
ATOM   879  C  CA  . VAL A 1 134 ? 6.463   -5.724  7.849   1.00 20.08 ?  170 VAL A CA  1 
ATOM   880  C  C   . VAL A 1 134 ? 5.125   -6.346  8.186   1.00 24.54 ?  170 VAL A C   1 
ATOM   881  O  O   . VAL A 1 134 ? 4.090   -6.004  7.596   1.00 21.95 ?  170 VAL A O   1 
ATOM   882  C  CB  . VAL A 1 134 ? 7.259   -6.618  6.887   1.00 19.75 ?  170 VAL A CB  1 
ATOM   883  C  CG1 . VAL A 1 134 ? 6.399   -6.971  5.634   1.00 22.67 ?  170 VAL A CG1 1 
ATOM   884  C  CG2 . VAL A 1 134 ? 8.561   -5.941  6.475   1.00 21.99 ?  170 VAL A CG2 1 
ATOM   885  N  N   . ASP A 1 135 ? 5.117   -7.280  9.137   1.00 25.41 ?  171 ASP A N   1 
ATOM   886  C  CA  . ASP A 1 135 ? 3.870   -7.943  9.491   1.00 28.86 ?  171 ASP A CA  1 
ATOM   887  C  C   . ASP A 1 135 ? 2.889   -6.966  10.114  1.00 25.61 ?  171 ASP A C   1 
ATOM   888  O  O   . ASP A 1 135 ? 1.678   -7.049  9.858   1.00 27.05 ?  171 ASP A O   1 
ATOM   889  C  CB  . ASP A 1 135 ? 4.164   -9.103  10.434  1.00 29.41 ?  171 ASP A CB  1 
ATOM   890  C  CG  . ASP A 1 135 ? 4.899   -10.226 9.734   1.00 38.15 ?  171 ASP A CG  1 
ATOM   891  O  OD1 . ASP A 1 135 ? 4.345   -10.788 8.767   1.00 40.11 ?  171 ASP A OD1 1 
ATOM   892  O  OD2 . ASP A 1 135 ? 6.047   -10.525 10.138  1.00 45.17 ?  171 ASP A OD2 1 
ATOM   893  N  N   . ASN A 1 136 ? 3.393   -6.035  10.931  1.00 23.86 ?  172 ASN A N   1 
ATOM   894  C  CA  . ASN A 1 136 ? 2.544   -5.008  11.518  1.00 21.50 ?  172 ASN A CA  1 
ATOM   895  C  C   . ASN A 1 136 ? 1.938   -4.126  10.426  1.00 22.43 ?  172 ASN A C   1 
ATOM   896  O  O   . ASN A 1 136 ? 0.742   -3.838  10.442  1.00 23.45 ?  172 ASN A O   1 
ATOM   897  C  CB  . ASN A 1 136 ? 3.351   -4.160  12.487  1.00 27.48 ?  172 ASN A CB  1 
ATOM   898  C  CG  . ASN A 1 136 ? 3.602   -4.866  13.817  1.00 28.77 ?  172 ASN A CG  1 
ATOM   899  O  OD1 . ASN A 1 136 ? 2.743   -5.596  14.321  1.00 42.05 ?  172 ASN A OD1 1 
ATOM   900  N  ND2 . ASN A 1 136 ? 4.776   -4.656  14.379  1.00 36.80 ?  172 ASN A ND2 1 
ATOM   901  N  N   . ILE A 1 137 ? 2.777   -3.671  9.491   1.00 21.76 ?  173 ILE A N   1 
ATOM   902  C  CA  . ILE A 1 137 ? 2.324   -2.775  8.433   1.00 20.23 ?  173 ILE A CA  1 
ATOM   903  C  C   . ILE A 1 137 ? 1.286   -3.473  7.577   1.00 22.86 ?  173 ILE A C   1 
ATOM   904  O  O   . ILE A 1 137 ? 0.268   -2.873  7.204   1.00 23.06 ?  173 ILE A O   1 
ATOM   905  C  CB  . ILE A 1 137 ? 3.525   -2.279  7.608   1.00 22.67 ?  173 ILE A CB  1 
ATOM   906  C  CG1 . ILE A 1 137 ? 4.435   -1.406  8.481   1.00 23.86 ?  173 ILE A CG1 1 
ATOM   907  C  CG2 . ILE A 1 137 ? 3.036   -1.491  6.391   1.00 20.18 ?  173 ILE A CG2 1 
ATOM   908  C  CD1 . ILE A 1 137 ? 5.847   -1.246  7.909   1.00 21.85 ?  173 ILE A CD1 1 
ATOM   909  N  N   . ALA A 1 138 ? 1.512   -4.752  7.251   1.00 21.21 ?  174 ALA A N   1 
ATOM   910  C  CA  . ALA A 1 138 ? 0.508   -5.472  6.474   1.00 24.59 ?  174 ALA A CA  1 
ATOM   911  C  C   . ALA A 1 138 ? -0.826  -5.487  7.199   1.00 26.18 ?  174 ALA A C   1 
ATOM   912  O  O   . ALA A 1 138 ? -1.881  -5.307  6.574   1.00 22.99 ?  174 ALA A O   1 
ATOM   913  C  CB  . ALA A 1 138 ? 0.963   -6.895  6.171   1.00 24.94 ?  174 ALA A CB  1 
ATOM   914  N  N   . LEU A 1 139 ? -0.800  -5.700  8.517   1.00 25.57 ?  175 LEU A N   1 
ATOM   915  C  CA  . LEU A 1 139 ? -2.039  -5.718  9.291   1.00 24.11 ?  175 LEU A CA  1 
ATOM   916  C  C   . LEU A 1 139 ? -2.700  -4.343  9.294   1.00 26.62 ?  175 LEU A C   1 
ATOM   917  O  O   . LEU A 1 139 ? -3.915  -4.227  9.092   1.00 24.90 ?  175 LEU A O   1 
ATOM   918  C  CB  . LEU A 1 139 ? -1.751  -6.202  10.718  1.00 24.64 ?  175 LEU A CB  1 
ATOM   919  C  CG  . LEU A 1 139 ? -2.699  -5.769  11.848  1.00 35.23 ?  175 LEU A CG  1 
ATOM   920  C  CD1 . LEU A 1 139 ? -4.069  -6.381  11.639  1.00 37.21 ?  175 LEU A CD1 1 
ATOM   921  C  CD2 . LEU A 1 139 ? -2.160  -6.162  13.219  1.00 36.44 ?  175 LEU A CD2 1 
ATOM   922  N  N   . TRP A 1 140 ? -1.913  -3.284  9.484   1.00 22.59 ?  176 TRP A N   1 
ATOM   923  C  CA  . TRP A 1 140 ? -2.478  -1.938  9.453   1.00 24.24 ?  176 TRP A CA  1 
ATOM   924  C  C   . TRP A 1 140 ? -3.104  -1.629  8.099   1.00 21.80 ?  176 TRP A C   1 
ATOM   925  O  O   . TRP A 1 140 ? -4.151  -0.985  8.036   1.00 23.64 ?  176 TRP A O   1 
ATOM   926  C  CB  . TRP A 1 140 ? -1.407  -0.904  9.784   1.00 21.78 ?  176 TRP A CB  1 
ATOM   927  C  CG  . TRP A 1 140 ? -0.737  -1.114  11.110  1.00 23.62 ?  176 TRP A CG  1 
ATOM   928  C  CD1 . TRP A 1 140 ? -1.255  -1.755  12.205  1.00 29.25 ?  176 TRP A CD1 1 
ATOM   929  C  CD2 . TRP A 1 140 ? 0.565   -0.675  11.474  1.00 24.45 ?  176 TRP A CD2 1 
ATOM   930  N  NE1 . TRP A 1 140 ? -0.338  -1.749  13.230  1.00 29.41 ?  176 TRP A NE1 1 
ATOM   931  C  CE2 . TRP A 1 140 ? 0.792   -1.094  12.803  1.00 26.57 ?  176 TRP A CE2 1 
ATOM   932  C  CE3 . TRP A 1 140 ? 1.576   0.007   10.800  1.00 25.20 ?  176 TRP A CE3 1 
ATOM   933  C  CZ2 . TRP A 1 140 ? 1.988   -0.830  13.475  1.00 29.27 ?  176 TRP A CZ2 1 
ATOM   934  C  CZ3 . TRP A 1 140 ? 2.767   0.273   11.475  1.00 27.78 ?  176 TRP A CZ3 1 
ATOM   935  C  CH2 . TRP A 1 140 ? 2.957   -0.151  12.798  1.00 28.13 ?  176 TRP A CH2 1 
ATOM   936  N  N   . MET A 1 141 ? -2.465  -2.070  7.014   1.00 21.31 ?  177 MET A N   1 
ATOM   937  C  CA  . MET A 1 141 ? -2.958  -1.816  5.654   1.00 18.52 ?  177 MET A CA  1 
ATOM   938  C  C   . MET A 1 141 ? -4.280  -2.548  5.454   1.00 24.42 ?  177 MET A C   1 
ATOM   939  O  O   . MET A 1 141 ? -5.264  -1.982  4.961   1.00 22.59 ?  177 MET A O   1 
ATOM   940  C  CB  . MET A 1 141 ? -1.884  -2.355  4.716   1.00 23.12 ?  177 MET A CB  1 
ATOM   941  C  CG  . MET A 1 141 ? -0.787  -1.366  4.505   1.00 20.16 ?  177 MET A CG  1 
ATOM   942  S  SD  . MET A 1 141 ? 0.424   -1.880  3.322   1.00 22.37 ?  177 MET A SD  1 
ATOM   943  C  CE  . MET A 1 141 ? -0.487  -1.716  1.791   1.00 19.70 ?  177 MET A CE  1 
ATOM   944  N  N   . THR A 1 142 ? -4.321  -3.817  5.878   1.00 22.97 ?  178 THR A N   1 
ATOM   945  C  CA  . THR A 1 142 ? -5.530  -4.631  5.753   1.00 24.37 ?  178 THR A CA  1 
ATOM   946  C  C   . THR A 1 142 ? -6.679  -4.033  6.558   1.00 25.83 ?  178 THR A C   1 
ATOM   947  O  O   . THR A 1 142 ? -7.798  -3.902  6.053   1.00 26.21 ?  178 THR A O   1 
ATOM   948  C  CB  . THR A 1 142 ? -5.226  -6.073  6.193   1.00 26.23 ?  178 THR A CB  1 
ATOM   949  O  OG1 . THR A 1 142 ? -4.242  -6.651  5.322   1.00 27.92 ?  178 THR A OG1 1 
ATOM   950  C  CG2 . THR A 1 142 ? -6.485  -6.939  6.138   1.00 29.81 ?  178 THR A CG2 1 
ATOM   951  N  N   . GLU A 1 143 ? -6.413  -3.620  7.800   1.00 25.43 ?  179 GLU A N   1 
ATOM   952  C  CA  . GLU A 1 143 ? -7.485  -3.055  8.609   1.00 26.60 ?  179 GLU A CA  1 
ATOM   953  C  C   . GLU A 1 143 ? -7.945  -1.704  8.052   1.00 28.38 ?  179 GLU A C   1 
ATOM   954  O  O   . GLU A 1 143 ? -9.149  -1.433  8.014   1.00 27.13 ?  179 GLU A O   1 
ATOM   955  C  CB  . GLU A 1 143 ? -7.060  -3.004  10.088  0.98 32.84 ?  179 GLU A CB  1 
ATOM   956  C  CG  . GLU A 1 143 ? -6.452  -1.731  10.613  1.00 38.43 ?  179 GLU A CG  1 
ATOM   957  C  CD  . GLU A 1 143 ? -5.647  -1.942  11.912  1.00 39.67 ?  179 GLU A CD  1 
ATOM   958  O  OE1 . GLU A 1 143 ? -5.676  -3.060  12.484  1.00 45.94 ?  179 GLU A OE1 1 
ATOM   959  O  OE2 . GLU A 1 143 ? -4.973  -0.988  12.362  1.00 43.42 ?  179 GLU A OE2 1 
ATOM   960  N  N   . TYR A 1 144 ? -7.030  -0.877  7.530   1.00 24.60 ?  180 TYR A N   1 
ATOM   961  C  CA  . TYR A 1 144 ? -7.477  0.374   6.921   1.00 26.36 ?  180 TYR A CA  1 
ATOM   962  C  C   . TYR A 1 144 ? -8.352  0.121   5.693   1.00 24.83 ?  180 TYR A C   1 
ATOM   963  O  O   . TYR A 1 144 ? -9.356  0.812   5.483   1.00 25.33 ?  180 TYR A O   1 
ATOM   964  C  CB  . TYR A 1 144 ? -6.278  1.260   6.558   1.00 26.06 ?  180 TYR A CB  1 
ATOM   965  C  CG  . TYR A 1 144 ? -6.700  2.697   6.373   1.00 23.77 ?  180 TYR A CG  1 
ATOM   966  C  CD1 . TYR A 1 144 ? -6.719  3.581   7.449   1.00 33.10 ?  180 TYR A CD1 1 
ATOM   967  C  CD2 . TYR A 1 144 ? -7.148  3.152   5.145   1.00 27.12 ?  180 TYR A CD2 1 
ATOM   968  C  CE1 . TYR A 1 144 ? -7.136  4.895   7.285   1.00 30.66 ?  180 TYR A CE1 1 
ATOM   969  C  CE2 . TYR A 1 144 ? -7.573  4.441   4.982   1.00 28.52 ?  180 TYR A CE2 1 
ATOM   970  C  CZ  . TYR A 1 144 ? -7.563  5.309   6.047   1.00 31.04 ?  180 TYR A CZ  1 
ATOM   971  O  OH  . TYR A 1 144 ? -7.983  6.605   5.847   1.00 42.15 ?  180 TYR A OH  1 
ATOM   972  N  N   . LEU A 1 145 ? -7.985  -0.856  4.861   1.00 21.48 ?  181 LEU A N   1 
ATOM   973  C  CA  . LEU A 1 145 ? -8.777  -1.152  3.666   1.00 23.69 ?  181 LEU A CA  1 
ATOM   974  C  C   . LEU A 1 145 ? -10.148 -1.676  4.048   1.00 25.77 ?  181 LEU A C   1 
ATOM   975  O  O   . LEU A 1 145 ? -11.168 -1.237  3.505   1.00 26.70 ?  181 LEU A O   1 
ATOM   976  C  CB  . LEU A 1 145 ? -8.061  -2.177  2.806   1.00 25.22 ?  181 LEU A CB  1 
ATOM   977  C  CG  . LEU A 1 145 ? -7.096  -1.676  1.754   1.00 30.27 ?  181 LEU A CG  1 
ATOM   978  C  CD1 . LEU A 1 145 ? -6.163  -2.799  1.420   1.00 31.46 ?  181 LEU A CD1 1 
ATOM   979  C  CD2 . LEU A 1 145 ? -7.869  -1.235  0.526   1.00 27.14 ?  181 LEU A CD2 1 
ATOM   980  N  N   . ASN A 1 146 ? -10.191 -2.613  4.992   1.00 26.35 ?  182 ASN A N   1 
ATOM   981  C  CA  . ASN A 1 146 ? -11.479 -3.200  5.352   1.00 28.30 ?  182 ASN A CA  1 
ATOM   982  C  C   . ASN A 1 146 ? -12.360 -2.224  6.119   1.00 28.79 ?  182 ASN A C   1 
ATOM   983  O  O   . ASN A 1 146 ? -13.580 -2.222  5.925   1.00 32.12 ?  182 ASN A O   1 
ATOM   984  C  CB  . ASN A 1 146 ? -11.276 -4.488  6.146   1.00 31.75 ?  182 ASN A CB  1 
ATOM   985  C  CG  . ASN A 1 146 ? -10.754 -5.626  5.281   1.00 31.96 ?  182 ASN A CG  1 
ATOM   986  O  OD1 . ASN A 1 146 ? -10.985 -5.660  4.077   1.00 37.27 ?  182 ASN A OD1 1 
ATOM   987  N  ND2 . ASN A 1 146 ? -10.036 -6.556  5.896   1.00 35.62 ?  182 ASN A ND2 1 
ATOM   988  N  N   . ARG A 1 147 ? -11.785 -1.371  6.955   1.00 25.20 ?  183 ARG A N   1 
ATOM   989  C  CA  . ARG A 1 147 ? -12.607 -0.481  7.776   1.00 27.27 ?  183 ARG A CA  1 
ATOM   990  C  C   . ARG A 1 147 ? -12.902 0.858   7.124   1.00 29.75 ?  183 ARG A C   1 
ATOM   991  O  O   . ARG A 1 147 ? -13.993 1.399   7.327   1.00 34.01 ?  183 ARG A O   1 
ATOM   992  C  CB  . ARG A 1 147 ? -11.948 -0.221  9.136   1.00 31.19 ?  183 ARG A CB  1 
ATOM   993  C  CG  . ARG A 1 147 ? -11.465 -1.465  9.857   1.00 36.62 ?  183 ARG A CG  1 
ATOM   994  C  CD  . ARG A 1 147 ? -11.665 -1.351  11.354  1.00 43.27 ?  183 ARG A CD  1 
ATOM   995  N  NE  . ARG A 1 147 ? -11.165 -2.534  12.044  1.00 44.52 ?  183 ARG A NE  1 
ATOM   996  C  CZ  . ARG A 1 147 ? -10.091 -2.551  12.823  1.00 47.84 ?  183 ARG A CZ  1 
ATOM   997  N  NH1 . ARG A 1 147 ? -9.367  -1.461  13.028  1.00 45.79 ?  183 ARG A NH1 1 
ATOM   998  N  NH2 . ARG A 1 147 ? -9.732  -3.692  13.408  1.00 48.77 ?  183 ARG A NH2 1 
ATOM   999  N  N   . HIS A 1 148 ? -11.971 1.415   6.344   1.00 25.64 ?  184 HIS A N   1 
ATOM   1000 C  CA  . HIS A 1 148 ? -12.119 2.774   5.844   1.00 28.35 ?  184 HIS A CA  1 
ATOM   1001 C  C   . HIS A 1 148 ? -12.223 2.911   4.335   1.00 30.37 ?  184 HIS A C   1 
ATOM   1002 O  O   . HIS A 1 148 ? -12.764 3.922   3.875   1.00 33.45 ?  184 HIS A O   1 
ATOM   1003 C  CB  . HIS A 1 148 ? -10.960 3.664   6.320   1.00 29.48 ?  184 HIS A CB  1 
ATOM   1004 C  CG  . HIS A 1 148 ? -10.946 3.884   7.796   1.00 33.18 ?  184 HIS A CG  1 
ATOM   1005 N  ND1 . HIS A 1 148 ? -10.066 3.243   8.643   1.00 34.36 ?  184 HIS A ND1 1 
ATOM   1006 C  CD2 . HIS A 1 148 ? -11.733 4.656   8.584   1.00 39.85 ?  184 HIS A CD2 1 
ATOM   1007 C  CE1 . HIS A 1 148 ? -10.300 3.624   9.885   1.00 37.01 ?  184 HIS A CE1 1 
ATOM   1008 N  NE2 . HIS A 1 148 ? -11.309 4.478   9.878   1.00 40.70 ?  184 HIS A NE2 1 
ATOM   1009 N  N   . LEU A 1 149 ? -11.715 1.960   3.552   1.00 26.47 ?  185 LEU A N   1 
ATOM   1010 C  CA  . LEU A 1 149 ? -11.773 2.092   2.101   1.00 24.14 ?  185 LEU A CA  1 
ATOM   1011 C  C   . LEU A 1 149 ? -12.774 1.157   1.442   1.00 28.40 ?  185 LEU A C   1 
ATOM   1012 O  O   . LEU A 1 149 ? -13.178 1.410   0.301   1.00 25.51 ?  185 LEU A O   1 
ATOM   1013 C  CB  . LEU A 1 149 ? -10.386 1.853   1.491   1.00 25.50 ?  185 LEU A CB  1 
ATOM   1014 C  CG  . LEU A 1 149 ? -9.308  2.818   1.991   1.00 22.72 ?  185 LEU A CG  1 
ATOM   1015 C  CD1 . LEU A 1 149 ? -7.935  2.442   1.442   1.00 27.00 ?  185 LEU A CD1 1 
ATOM   1016 C  CD2 . LEU A 1 149 ? -9.647  4.281   1.670   1.00 24.78 ?  185 LEU A CD2 1 
ATOM   1017 N  N   . HIS A 1 150 ? -13.221 0.117   2.146   1.00 30.16 ?  186 HIS A N   1 
ATOM   1018 C  CA  . HIS A 1 150 ? -14.092 -0.889  1.541   1.00 31.62 ?  186 HIS A CA  1 
ATOM   1019 C  C   . HIS A 1 150 ? -15.383 -0.291  0.993   1.00 29.04 ?  186 HIS A C   1 
ATOM   1020 O  O   . HIS A 1 150 ? -15.849 -0.693  -0.081  1.00 29.88 ?  186 HIS A O   1 
ATOM   1021 C  CB  . HIS A 1 150 ? -14.396 -1.971  2.571   1.00 31.27 ?  186 HIS A CB  1 
ATOM   1022 C  CG  . HIS A 1 150 ? -15.216 -3.102  2.042   1.00 39.75 ?  186 HIS A CG  1 
ATOM   1023 N  ND1 . HIS A 1 150 ? -16.592 -3.109  2.095   1.00 43.19 ?  186 HIS A ND1 1 
ATOM   1024 C  CD2 . HIS A 1 150 ? -14.856 -4.257  1.435   1.00 43.57 ?  186 HIS A CD2 1 
ATOM   1025 C  CE1 . HIS A 1 150 ? -17.046 -4.228  1.560   1.00 43.59 ?  186 HIS A CE1 1 
ATOM   1026 N  NE2 . HIS A 1 150 ? -16.012 -4.942  1.153   1.00 44.35 ?  186 HIS A NE2 1 
ATOM   1027 N  N   . THR A 1 151 ? -15.987 0.656   1.713   1.00 29.44 ?  187 THR A N   1 
ATOM   1028 C  CA  . THR A 1 151 ? -17.271 1.194   1.270   1.00 32.44 ?  187 THR A CA  1 
ATOM   1029 C  C   . THR A 1 151 ? -17.118 1.937   -0.048  1.00 30.51 ?  187 THR A C   1 
ATOM   1030 O  O   . THR A 1 151 ? -17.902 1.742   -0.987  1.00 29.03 ?  187 THR A O   1 
ATOM   1031 C  CB  . THR A 1 151 ? -17.849 2.107   2.353   1.00 36.43 ?  187 THR A CB  1 
ATOM   1032 O  OG1 . THR A 1 151 ? -18.332 1.298   3.431   1.00 39.99 ?  187 THR A OG1 1 
ATOM   1033 C  CG2 . THR A 1 151 ? -19.019 2.900   1.809   1.00 36.95 ?  187 THR A CG2 1 
ATOM   1034 N  N   . TRP A 1 152 ? -16.085 2.774   -0.151  1.00 26.65 ?  188 TRP A N   1 
ATOM   1035 C  CA  . TRP A 1 152 ? -15.834 3.475   -1.406  1.00 25.71 ?  188 TRP A CA  1 
ATOM   1036 C  C   . TRP A 1 152 ? -15.554 2.496   -2.536  1.00 27.18 ?  188 TRP A C   1 
ATOM   1037 O  O   . TRP A 1 152 ? -16.095 2.637   -3.639  1.00 27.35 ?  188 TRP A O   1 
ATOM   1038 C  CB  . TRP A 1 152 ? -14.663 4.451   -1.252  1.00 29.62 ?  188 TRP A CB  1 
ATOM   1039 C  CG  . TRP A 1 152 ? -14.480 5.288   -2.482  1.00 27.19 ?  188 TRP A CG  1 
ATOM   1040 C  CD1 . TRP A 1 152 ? -15.015 6.524   -2.723  1.00 27.05 ?  188 TRP A CD1 1 
ATOM   1041 C  CD2 . TRP A 1 152 ? -13.723 4.948   -3.652  1.00 25.35 ?  188 TRP A CD2 1 
ATOM   1042 N  NE1 . TRP A 1 152 ? -14.639 6.973   -3.966  1.00 28.50 ?  188 TRP A NE1 1 
ATOM   1043 C  CE2 . TRP A 1 152 ? -13.854 6.020   -4.562  1.00 30.81 ?  188 TRP A CE2 1 
ATOM   1044 C  CE3 . TRP A 1 152 ? -12.967 3.833   -4.028  1.00 25.71 ?  188 TRP A CE3 1 
ATOM   1045 C  CZ2 . TRP A 1 152 ? -13.235 6.021   -5.812  1.00 28.26 ?  188 TRP A CZ2 1 
ATOM   1046 C  CZ3 . TRP A 1 152 ? -12.358 3.828   -5.268  1.00 25.57 ?  188 TRP A CZ3 1 
ATOM   1047 C  CH2 . TRP A 1 152 ? -12.498 4.916   -6.152  1.00 24.15 ?  188 TRP A CH2 1 
ATOM   1048 N  N   . ILE A 1 153 ? -14.723 1.485   -2.277  1.00 25.44 ?  189 ILE A N   1 
ATOM   1049 C  CA  . ILE A 1 153 ? -14.344 0.557   -3.337  1.00 24.41 ?  189 ILE A CA  1 
ATOM   1050 C  C   . ILE A 1 153 ? -15.576 -0.150  -3.879  1.00 28.70 ?  189 ILE A C   1 
ATOM   1051 O  O   . ILE A 1 153 ? -15.791 -0.216  -5.093  1.00 29.05 ?  189 ILE A O   1 
ATOM   1052 C  CB  . ILE A 1 153 ? -13.301 -0.451  -2.835  1.00 28.47 ?  189 ILE A CB  1 
ATOM   1053 C  CG1 . ILE A 1 153 ? -11.929 0.226   -2.716  1.00 22.84 ?  189 ILE A CG1 1 
ATOM   1054 C  CG2 . ILE A 1 153 ? -13.221 -1.627  -3.793  1.00 25.38 ?  189 ILE A CG2 1 
ATOM   1055 C  CD1 . ILE A 1 153 ? -10.889 -0.612  -1.979  1.00 27.82 ?  189 ILE A CD1 1 
ATOM   1056 N  N   . GLN A 1 154 ? -16.424 -0.662  -2.988  1.00 26.91 ?  190 GLN A N   1 
ATOM   1057 C  CA  . GLN A 1 154 ? -17.648 -1.298  -3.478  1.00 29.42 ?  190 GLN A CA  1 
ATOM   1058 C  C   . GLN A 1 154 ? -18.609 -0.294  -4.110  1.00 32.50 ?  190 GLN A C   1 
ATOM   1059 O  O   . GLN A 1 154 ? -19.255 -0.609  -5.115  1.00 34.11 ?  190 GLN A O   1 
ATOM   1060 C  CB  . GLN A 1 154 ? -18.312 -2.092  -2.356  1.00 33.12 ?  190 GLN A CB  1 
ATOM   1061 C  CG  . GLN A 1 154 ? -17.500 -3.301  -1.915  1.00 33.58 ?  190 GLN A CG  1 
ATOM   1062 C  CD  . GLN A 1 154 ? -16.849 -4.031  -3.099  1.00 41.94 ?  190 GLN A CD  1 
ATOM   1063 O  OE1 . GLN A 1 154 ? -15.626 -4.114  -3.200  1.00 41.98 ?  190 GLN A OE1 1 
ATOM   1064 N  NE2 . GLN A 1 154 ? -17.673 -4.527  -4.019  1.00 38.14 ?  190 GLN A NE2 1 
ATOM   1065 N  N   . ASP A 1 155 ? -18.696 0.920   -3.563  1.00 30.07 ?  191 ASP A N   1 
ATOM   1066 C  CA  . ASP A 1 155 ? -19.567 1.951   -4.121  1.00 32.65 ?  191 ASP A CA  1 
ATOM   1067 C  C   . ASP A 1 155 ? -19.141 2.355   -5.521  1.00 37.14 ?  191 ASP A C   1 
ATOM   1068 O  O   . ASP A 1 155 ? -19.945 2.920   -6.273  1.00 36.40 ?  191 ASP A O   1 
ATOM   1069 C  CB  . ASP A 1 155 ? -19.540 3.176   -3.214  1.00 33.29 ?  191 ASP A CB  1 
ATOM   1070 C  CG  . ASP A 1 155 ? -20.582 3.122   -2.123  1.00 43.79 ?  191 ASP A CG  1 
ATOM   1071 O  OD1 . ASP A 1 155 ? -21.159 2.031   -1.893  1.00 42.18 ?  191 ASP A OD1 1 
ATOM   1072 O  OD2 . ASP A 1 155 ? -20.767 4.158   -1.444  1.00 46.89 ?  191 ASP A OD2 1 
ATOM   1073 N  N   . ASN A 1 156 ? -17.888 2.093   -5.880  1.00 28.42 ?  192 ASN A N   1 
ATOM   1074 C  CA  . ASN A 1 156 ? -17.338 2.539   -7.147  1.00 28.30 ?  192 ASN A CA  1 
ATOM   1075 C  C   . ASN A 1 156 ? -16.974 1.362   -8.043  1.00 27.95 ?  192 ASN A C   1 
ATOM   1076 O  O   . ASN A 1 156 ? -16.110 1.472   -8.919  1.00 30.34 ?  192 ASN A O   1 
ATOM   1077 C  CB  . ASN A 1 156 ? -16.147 3.458   -6.895  1.00 30.21 ?  192 ASN A CB  1 
ATOM   1078 C  CG  . ASN A 1 156 ? -16.585 4.824   -6.425  1.00 29.01 ?  192 ASN A CG  1 
ATOM   1079 O  OD1 . ASN A 1 156 ? -16.715 5.759   -7.226  1.00 32.74 ?  192 ASN A OD1 1 
ATOM   1080 N  ND2 . ASN A 1 156 ? -16.850 4.947   -5.142  1.00 29.27 ?  192 ASN A ND2 1 
ATOM   1081 N  N   . GLY A 1 157 ? -17.658 0.240   -7.857  1.00 31.41 ?  193 GLY A N   1 
ATOM   1082 C  CA  . GLY A 1 157 ? -17.558 -0.881  -8.759  1.00 30.24 ?  193 GLY A CA  1 
ATOM   1083 C  C   . GLY A 1 157 ? -16.609 -1.984  -8.371  1.00 31.66 ?  193 GLY A C   1 
ATOM   1084 O  O   . GLY A 1 157 ? -16.415 -2.907  -9.171  1.00 32.09 ?  193 GLY A O   1 
ATOM   1085 N  N   . GLY A 1 158 ? -16.003 -1.919  -7.176  1.00 28.82 ?  194 GLY A N   1 
ATOM   1086 C  CA  . GLY A 1 158 ? -15.114 -2.957  -6.702  1.00 32.47 ?  194 GLY A CA  1 
ATOM   1087 C  C   . GLY A 1 158 ? -13.787 -2.937  -7.434  1.00 29.12 ?  194 GLY A C   1 
ATOM   1088 O  O   . GLY A 1 158 ? -13.514 -2.102  -8.293  1.00 27.29 ?  194 GLY A O   1 
ATOM   1089 N  N   . TRP A 1 159 ? -12.951 -3.909  -7.085  1.00 26.26 ?  195 TRP A N   1 
ATOM   1090 C  CA  . TRP A 1 159 ? -11.662 -4.023  -7.751  1.00 27.62 ?  195 TRP A CA  1 
ATOM   1091 C  C   . TRP A 1 159 ? -11.819 -4.275  -9.243  1.00 28.93 ?  195 TRP A C   1 
ATOM   1092 O  O   . TRP A 1 159 ? -10.924 -3.933  -10.021 1.00 26.12 ?  195 TRP A O   1 
ATOM   1093 C  CB  . TRP A 1 159 ? -10.839 -5.120  -7.075  1.00 28.41 ?  195 TRP A CB  1 
ATOM   1094 C  CG  . TRP A 1 159 ? -10.301 -4.676  -5.759  1.00 29.01 ?  195 TRP A CG  1 
ATOM   1095 C  CD1 . TRP A 1 159 ? -10.728 -5.050  -4.517  1.00 31.44 ?  195 TRP A CD1 1 
ATOM   1096 C  CD2 . TRP A 1 159 ? -9.218  -3.772  -5.559  1.00 26.93 ?  195 TRP A CD2 1 
ATOM   1097 N  NE1 . TRP A 1 159 ? -9.976  -4.417  -3.548  1.00 29.48 ?  195 TRP A NE1 1 
ATOM   1098 C  CE2 . TRP A 1 159 ? -9.040  -3.629  -4.167  1.00 29.28 ?  195 TRP A CE2 1 
ATOM   1099 C  CE3 . TRP A 1 159 ? -8.382  -3.068  -6.423  1.00 29.48 ?  195 TRP A CE3 1 
ATOM   1100 C  CZ2 . TRP A 1 159 ? -8.048  -2.814  -3.626  1.00 31.77 ?  195 TRP A CZ2 1 
ATOM   1101 C  CZ3 . TRP A 1 159 ? -7.404  -2.257  -5.885  1.00 29.92 ?  195 TRP A CZ3 1 
ATOM   1102 C  CH2 . TRP A 1 159 ? -7.249  -2.130  -4.507  1.00 29.60 ?  195 TRP A CH2 1 
ATOM   1103 N  N   . ASP A 1 160 ? -12.963 -4.818  -9.662  1.00 27.90 ?  196 ASP A N   1 
ATOM   1104 C  CA  . ASP A 1 160 ? -13.187 -5.052  -11.080 1.00 27.89 ?  196 ASP A CA  1 
ATOM   1105 C  C   . ASP A 1 160 ? -13.190 -3.744  -11.858 1.00 26.10 ?  196 ASP A C   1 
ATOM   1106 O  O   . ASP A 1 160 ? -12.683 -3.686  -12.980 1.00 28.38 ?  196 ASP A O   1 
ATOM   1107 C  CB  . ASP A 1 160 ? -14.496 -5.813  -11.258 1.00 33.20 ?  196 ASP A CB  1 
ATOM   1108 C  CG  . ASP A 1 160 ? -14.367 -7.262  -10.849 1.00 39.60 ?  196 ASP A CG  1 
ATOM   1109 O  OD1 . ASP A 1 160 ? -13.427 -7.933  -11.325 1.00 47.18 ?  196 ASP A OD1 1 
ATOM   1110 O  OD2 . ASP A 1 160 ? -15.169 -7.717  -10.014 1.00 46.08 ?  196 ASP A OD2 1 
ATOM   1111 N  N   . ALA A 1 161 ? -13.752 -2.680  -11.274 1.00 25.90 ?  197 ALA A N   1 
ATOM   1112 C  CA  . ALA A 1 161 ? -13.728 -1.367  -11.916 1.00 26.18 ?  197 ALA A CA  1 
ATOM   1113 C  C   . ALA A 1 161 ? -12.305 -0.861  -12.061 1.00 22.63 ?  197 ALA A C   1 
ATOM   1114 O  O   . ALA A 1 161 ? -11.936 -0.278  -13.079 1.00 24.54 ?  197 ALA A O   1 
ATOM   1115 C  CB  . ALA A 1 161 ? -14.542 -0.366  -11.102 1.00 26.67 ?  197 ALA A CB  1 
ATOM   1116 N  N   . PHE A 1 162 ? -11.501 -1.042  -11.022 1.00 21.82 ?  198 PHE A N   1 
ATOM   1117 C  CA  . PHE A 1 162 ? -10.101 -0.659  -11.109 1.00 23.34 ?  198 PHE A CA  1 
ATOM   1118 C  C   . PHE A 1 162 ? -9.402  -1.382  -12.257 1.00 21.95 ?  198 PHE A C   1 
ATOM   1119 O  O   . PHE A 1 162 ? -8.605  -0.787  -12.979 1.00 23.03 ?  198 PHE A O   1 
ATOM   1120 C  CB  . PHE A 1 162 ? -9.442  -0.970  -9.762  1.00 20.17 ?  198 PHE A CB  1 
ATOM   1121 C  CG  . PHE A 1 162 ? -7.959  -0.688  -9.695  1.00 24.63 ?  198 PHE A CG  1 
ATOM   1122 C  CD1 . PHE A 1 162 ? -7.473  0.604   -9.718  1.00 22.14 ?  198 PHE A CD1 1 
ATOM   1123 C  CD2 . PHE A 1 162 ? -7.063  -1.739  -9.587  1.00 24.73 ?  198 PHE A CD2 1 
ATOM   1124 C  CE1 . PHE A 1 162 ? -6.096  0.848   -9.656  1.00 25.30 ?  198 PHE A CE1 1 
ATOM   1125 C  CE2 . PHE A 1 162 ? -5.684  -1.510  -9.514  1.00 27.78 ?  198 PHE A CE2 1 
ATOM   1126 C  CZ  . PHE A 1 162 ? -5.207  -0.207  -9.544  1.00 28.70 ?  198 PHE A CZ  1 
ATOM   1127 N  N   . VAL A 1 163 ? -9.674  -2.675  -12.430 1.00 22.86 ?  199 VAL A N   1 
ATOM   1128 C  CA  . VAL A 1 163 ? -9.027  -3.422  -13.503 1.00 22.41 ?  199 VAL A CA  1 
ATOM   1129 C  C   . VAL A 1 163 ? -9.517  -2.929  -14.858 1.00 22.92 ?  199 VAL A C   1 
ATOM   1130 O  O   . VAL A 1 163 ? -8.724  -2.718  -15.787 1.00 25.83 ?  199 VAL A O   1 
ATOM   1131 C  CB  . VAL A 1 163 ? -9.276  -4.929  -13.315 1.00 25.08 ?  199 VAL A CB  1 
ATOM   1132 C  CG1 . VAL A 1 163 ? -8.823  -5.711  -14.527 1.00 28.65 ?  199 VAL A CG1 1 
ATOM   1133 C  CG2 . VAL A 1 163 ? -8.544  -5.426  -12.068 1.00 26.84 ?  199 VAL A CG2 1 
ATOM   1134 N  N   . GLU A 1 164 ? -10.824 -2.713  -14.980 1.00 25.77 ?  200 GLU A N   1 
ATOM   1135 C  CA  . GLU A 1 164 ? -11.364 -2.150  -16.222 1.00 24.03 ?  200 GLU A CA  1 
ATOM   1136 C  C   . GLU A 1 164 ? -10.685 -0.837  -16.594 1.00 27.81 ?  200 GLU A C   1 
ATOM   1137 O  O   . GLU A 1 164 ? -10.359 -0.604  -17.768 1.00 31.40 ?  200 GLU A O   1 
ATOM   1138 C  CB  . GLU A 1 164 ? -12.869 -1.939  -16.085 1.00 25.35 ?  200 GLU A CB  1 
ATOM   1139 C  CG  . GLU A 1 164 ? -13.652 -1.704  -17.409 1.00 37.62 ?  200 GLU A CG  1 
ATOM   1140 C  CD  . GLU A 1 164 ? -12.995 -2.289  -18.668 1.00 44.33 ?  200 GLU A CD  1 
ATOM   1141 O  OE1 . GLU A 1 164 ? -13.205 -3.491  -18.956 1.00 49.15 ?  200 GLU A OE1 1 
ATOM   1142 O  OE2 . GLU A 1 164 ? -12.346 -1.525  -19.424 1.00 42.01 ?  200 GLU A OE2 1 
ATOM   1143 N  N   . LEU A 1 165 ? -10.501 0.045   -15.616 1.00 25.96 ?  201 LEU A N   1 
ATOM   1144 C  CA  . LEU A 1 165 ? -9.982  1.381   -15.873 1.00 26.69 ?  201 LEU A CA  1 
ATOM   1145 C  C   . LEU A 1 165 ? -8.488  1.358   -16.173 1.00 26.54 ?  201 LEU A C   1 
ATOM   1146 O  O   . LEU A 1 165 ? -8.019  2.047   -17.082 1.00 25.53 ?  201 LEU A O   1 
ATOM   1147 C  CB  . LEU A 1 165 ? -10.262 2.251   -14.653 1.00 30.03 ?  201 LEU A CB  1 
ATOM   1148 C  CG  . LEU A 1 165 ? -11.563 3.035   -14.586 1.00 36.21 ?  201 LEU A CG  1 
ATOM   1149 C  CD1 . LEU A 1 165 ? -11.622 3.720   -13.235 1.00 36.03 ?  201 LEU A CD1 1 
ATOM   1150 C  CD2 . LEU A 1 165 ? -11.591 4.054   -15.684 1.00 37.64 ?  201 LEU A CD2 1 
ATOM   1151 N  N   . TYR A 1 166 ? -7.711  0.605   -15.387 1.00 25.02 ?  202 TYR A N   1 
ATOM   1152 C  CA  . TYR A 1 166 ? -6.259  0.714   -15.414 1.00 25.19 ?  202 TYR A CA  1 
ATOM   1153 C  C   . TYR A 1 166 ? -5.527  -0.595  -15.697 1.00 29.83 ?  202 TYR A C   1 
ATOM   1154 O  O   . TYR A 1 166 ? -4.288  -0.612  -15.668 1.00 34.58 ?  202 TYR A O   1 
ATOM   1155 C  CB  . TYR A 1 166 ? -5.775  1.312   -14.079 1.00 25.85 ?  202 TYR A CB  1 
ATOM   1156 C  CG  . TYR A 1 166 ? -6.392  2.670   -13.808 1.00 23.78 ?  202 TYR A CG  1 
ATOM   1157 C  CD1 . TYR A 1 166 ? -6.130  3.749   -14.656 1.00 23.83 ?  202 TYR A CD1 1 
ATOM   1158 C  CD2 . TYR A 1 166 ? -7.294  2.859   -12.767 1.00 25.79 ?  202 TYR A CD2 1 
ATOM   1159 C  CE1 . TYR A 1 166 ? -6.698  4.986   -14.433 1.00 23.84 ?  202 TYR A CE1 1 
ATOM   1160 C  CE2 . TYR A 1 166 ? -7.868  4.099   -12.543 1.00 25.26 ?  202 TYR A CE2 1 
ATOM   1161 C  CZ  . TYR A 1 166 ? -7.566  5.154   -13.391 1.00 26.10 ?  202 TYR A CZ  1 
ATOM   1162 O  OH  . TYR A 1 166 ? -8.137  6.386   -13.180 1.00 33.59 ?  202 TYR A OH  1 
ATOM   1163 N  N   . GLY A 1 167 ? -6.233  -1.680  -15.987 1.00 29.95 ?  203 GLY A N   1 
ATOM   1164 C  CA  . GLY A 1 167 ? -5.598  -2.952  -16.242 1.00 28.73 ?  203 GLY A CA  1 
ATOM   1165 C  C   . GLY A 1 167 ? -4.933  -3.033  -17.600 1.00 38.92 ?  203 GLY A C   1 
ATOM   1166 O  O   . GLY A 1 167 ? -5.114  -2.169  -18.468 1.00 40.50 ?  203 GLY A O   1 
ATOM   1167 N  N   . PRO A 1 168 ? -4.160  -4.103  -17.825 1.00 43.28 ?  204 PRO A N   1 
ATOM   1168 C  CA  . PRO A 1 168 ? -3.455  -4.309  -19.094 1.00 38.65 ?  204 PRO A CA  1 
ATOM   1169 C  C   . PRO A 1 168 ? -4.287  -5.072  -20.122 1.00 44.93 ?  204 PRO A C   1 
ATOM   1170 O  O   . PRO A 1 168 ? -4.477  -4.580  -21.238 1.00 51.79 ?  204 PRO A O   1 
ATOM   1171 C  CB  . PRO A 1 168 ? -2.251  -5.127  -18.659 1.00 44.15 ?  204 PRO A CB  1 
ATOM   1172 C  CG  . PRO A 1 168 ? -2.858  -6.065  -17.669 1.00 44.46 ?  204 PRO A CG  1 
ATOM   1173 C  CD  . PRO A 1 168 ? -3.864  -5.202  -16.884 1.00 40.77 ?  204 PRO A CD  1 
HETATM 1174 N  N1  . MWH B 2 .   ? -4.702  4.329   -10.980 1.00 22.76 ?  301 MWH A N1  1 
HETATM 1175 N  N3  . MWH B 2 .   ? -5.123  9.828   -9.668  1.00 23.85 ?  301 MWH A N3  1 
HETATM 1176 C  C4  . MWH B 2 .   ? -4.576  8.215   -12.578 1.00 24.78 ?  301 MWH A C4  1 
HETATM 1177 C  C5  . MWH B 2 .   ? -3.856  7.230   -13.212 1.00 23.49 ?  301 MWH A C5  1 
HETATM 1178 C  C6  . MWH B 2 .   ? -3.855  5.912   -12.733 1.00 22.04 ?  301 MWH A C6  1 
HETATM 1179 C  C7  . MWH B 2 .   ? -2.144  5.268   -14.368 1.00 21.89 ?  301 MWH A C7  1 
HETATM 1180 C  C8  . MWH B 2 .   ? -1.808  4.064   -15.241 1.00 30.83 ?  301 MWH A C8  1 
HETATM 1181 C  C10 . MWH B 2 .   ? -0.271  3.055   -16.905 1.00 37.12 ?  301 MWH A C10 1 
HETATM 1182 C  C13 . MWH B 2 .   ? -5.285  10.931  -8.850  1.00 26.86 ?  301 MWH A C13 1 
HETATM 1183 C  C15 . MWH B 2 .   ? -4.423  11.302  -6.565  1.00 26.72 ?  301 MWH A C15 1 
HETATM 1184 C  C17 . MWH B 2 .   ? -2.063  11.394  -6.098  1.00 23.56 ?  301 MWH A C17 1 
HETATM 1185 C  C20 . MWH B 2 .   ? -1.918  9.679   -10.171 1.00 23.20 ?  301 MWH A C20 1 
HETATM 1186 C  C21 . MWH B 2 .   ? -1.045  9.734   -11.323 1.00 22.50 ?  301 MWH A C21 1 
HETATM 1187 C  C22 . MWH B 2 .   ? -0.759  7.488   -11.262 1.00 20.59 ?  301 MWH A C22 1 
HETATM 1188 C  C24 . MWH B 2 .   ? -1.622  5.919   -9.858  1.00 22.84 ?  301 MWH A C24 1 
HETATM 1189 C  C26 . MWH B 2 .   ? -2.196  8.459   -9.587  1.00 19.78 ?  301 MWH A C26 1 
HETATM 1190 C  C28 . MWH B 2 .   ? -1.087  10.867  -3.881  1.00 23.39 ?  301 MWH A C28 1 
HETATM 1191 C  C1  . MWH B 2 .   ? -4.639  5.631   -11.591 1.00 20.54 ?  301 MWH A C1  1 
HETATM 1192 C  C11 . MWH B 2 .   ? -1.384  1.629   -15.386 1.00 36.12 ?  301 MWH A C11 1 
HETATM 1193 C  C12 . MWH B 2 .   ? -1.678  2.773   -14.448 1.00 32.62 ?  301 MWH A C12 1 
HETATM 1194 C  C14 . MWH B 2 .   ? -4.148  11.118  -7.919  1.00 25.01 ?  301 MWH A C14 1 
HETATM 1195 C  C16 . MWH B 2 .   ? -3.385  11.417  -5.661  1.00 24.91 ?  301 MWH A C16 1 
HETATM 1196 C  C18 . MWH B 2 .   ? -1.792  11.157  -7.446  1.00 21.61 ?  301 MWH A C18 1 
HETATM 1197 C  C19 . MWH B 2 .   ? -2.825  11.044  -8.353  1.00 23.17 ?  301 MWH A C19 1 
HETATM 1198 C  C2  . MWH B 2 .   ? -5.357  6.625   -10.942 1.00 19.28 ?  301 MWH A C2  1 
HETATM 1199 C  C23 . MWH B 2 .   ? -0.817  5.317   -10.790 1.00 21.48 ?  301 MWH A C23 1 
HETATM 1200 C  C25 . MWH B 2 .   ? -1.616  7.314   -10.153 1.00 18.88 ?  301 MWH A C25 1 
HETATM 1201 C  C27 . MWH B 2 .   ? -0.936  11.424  -5.145  1.00 24.43 ?  301 MWH A C27 1 
HETATM 1202 C  C29 . MWH B 2 .   ? -0.036  10.801  -2.992  1.00 24.92 ?  301 MWH A C29 1 
HETATM 1203 C  C3  . MWH B 2 .   ? -5.339  7.901   -11.471 1.00 23.06 ?  301 MWH A C3  1 
HETATM 1204 C  C30 . MWH B 2 .   ? 1.219   11.279  -3.384  1.00 24.96 ?  301 MWH A C30 1 
HETATM 1205 C  C31 . MWH B 2 .   ? 1.401   11.812  -4.663  1.00 22.67 ?  301 MWH A C31 1 
HETATM 1206 C  C32 . MWH B 2 .   ? 0.330   11.857  -5.530  1.00 25.25 ?  301 MWH A C32 1 
HETATM 1207 C  C33 . MWH B 2 .   ? 3.649   11.142  -3.040  1.00 25.73 ?  301 MWH A C33 1 
HETATM 1208 C  C34 . MWH B 2 .   ? 4.482   10.904  -1.810  1.00 26.98 ?  301 MWH A C34 1 
HETATM 1209 C  C35 . MWH B 2 .   ? 3.638   9.867   -1.075  1.00 30.64 ?  301 MWH A C35 1 
HETATM 1210 C  C36 . MWH B 2 .   ? 2.194   10.317  -1.347  1.00 27.23 ?  301 MWH A C36 1 
HETATM 1211 C  C37 . MWH B 2 .   ? 1.522   11.023  -0.190  1.00 24.70 ?  301 MWH A C37 1 
HETATM 1212 C  C38 . MWH B 2 .   ? 1.441   12.406  -0.127  1.00 27.28 ?  301 MWH A C38 1 
HETATM 1213 C  C39 . MWH B 2 .   ? 0.819   13.028  0.943   1.00 28.02 ?  301 MWH A C39 1 
HETATM 1214 C  C40 . MWH B 2 .   ? 0.299   12.274  1.973   1.00 28.26 ?  301 MWH A C40 1 
HETATM 1215 C  C41 . MWH B 2 .   ? 0.376   10.905  1.936   1.00 27.27 ?  301 MWH A C41 1 
HETATM 1216 C  C42 . MWH B 2 .   ? 0.984   10.293  0.857   1.00 25.27 ?  301 MWH A C42 1 
HETATM 1217 C  C9  . MWH B 2 .   ? -0.532  4.270   -16.052 1.00 29.98 ?  301 MWH A C9  1 
HETATM 1218 N  N2  . MWH B 2 .   ? -3.147  4.927   -13.370 1.00 23.22 ?  301 MWH A N2  1 
HETATM 1219 N  N4  . MWH B 2 .   ? -0.472  8.648   -11.862 1.00 24.06 ?  301 MWH A N4  1 
HETATM 1220 N  N5  . MWH B 2 .   ? -0.294  6.258   -11.645 1.00 21.71 ?  301 MWH A N5  1 
HETATM 1221 N  N6  . MWH B 2 .   ? 2.291   11.202  -2.504  1.00 25.31 ?  301 MWH A N6  1 
HETATM 1222 O  O1  . MWH B 2 .   ? -5.434  4.189   -10.001 1.00 27.38 -1 301 MWH A O1  1 
HETATM 1223 O  O2  . MWH B 2 .   ? -4.022  3.429   -11.455 1.00 23.77 ?  301 MWH A O2  1 
HETATM 1224 O  O3  . MWH B 2 .   ? -0.191  1.860   -16.133 1.00 40.66 ?  301 MWH A O3  1 
HETATM 1225 O  O4  . MWH B 2 .   ? -6.605  10.139  -11.644 1.00 28.56 ?  301 MWH A O4  1 
HETATM 1226 O  O5  . MWH B 2 .   ? -7.288  8.552   -9.905  1.00 26.17 ?  301 MWH A O5  1 
HETATM 1227 O  O6  . MWH B 2 .   ? -6.283  11.614  -8.839  1.00 27.36 ?  301 MWH A O6  1 
HETATM 1228 O  O7  . MWH B 2 .   ? -2.484  10.852  -9.693  1.00 24.66 ?  301 MWH A O7  1 
HETATM 1229 S  S1  . MWH B 2 .   ? -6.241  9.158   -10.661 1.00 26.81 ?  301 MWH A S1  1 
HETATM 1230 CL CL1 . MWH B 2 .   ? 1.061   8.551   0.826   1.00 31.82 ?  301 MWH A CL1 1 
HETATM 1231 O  O   . HOH C 3 .   ? -7.239  13.738  -8.575  1.00 39.98 ?  401 HOH A O   1 
HETATM 1232 O  O   . HOH C 3 .   ? -14.129 -0.253  -20.410 1.00 43.99 ?  402 HOH A O   1 
HETATM 1233 O  O   . HOH C 3 .   ? -13.726 9.823   -5.676  1.00 39.49 ?  403 HOH A O   1 
HETATM 1234 O  O   . HOH C 3 .   ? 4.614   1.413   16.239  1.00 35.24 ?  404 HOH A O   1 
HETATM 1235 O  O   . HOH C 3 .   ? -9.356  7.450   -11.017 1.00 37.70 ?  405 HOH A O   1 
HETATM 1236 O  O   . HOH C 3 .   ? 15.133  -8.998  -6.358  1.00 38.77 ?  406 HOH A O   1 
HETATM 1237 O  O   . HOH C 3 .   ? 9.808   10.758  -12.104 1.00 35.18 ?  407 HOH A O   1 
HETATM 1238 O  O   . HOH C 3 .   ? 15.446  -7.387  10.455  1.00 39.85 ?  408 HOH A O   1 
HETATM 1239 O  O   . HOH C 3 .   ? -5.024  0.831   10.420  1.00 34.25 ?  409 HOH A O   1 
HETATM 1240 O  O   . HOH C 3 .   ? -1.985  -7.439  -4.923  1.00 26.48 ?  410 HOH A O   1 
HETATM 1241 O  O   . HOH C 3 .   ? -7.380  12.853  -0.334  1.00 36.41 ?  411 HOH A O   1 
HETATM 1242 O  O   . HOH C 3 .   ? 6.023   13.402  -11.887 1.00 30.78 ?  412 HOH A O   1 
HETATM 1243 O  O   . HOH C 3 .   ? -14.148 -5.555  -4.968  1.00 41.55 ?  413 HOH A O   1 
HETATM 1244 O  O   . HOH C 3 .   ? 0.270   -9.331  9.300   1.00 37.03 ?  414 HOH A O   1 
HETATM 1245 O  O   . HOH C 3 .   ? 9.524   -9.769  7.877   1.00 40.97 ?  415 HOH A O   1 
HETATM 1246 O  O   . HOH C 3 .   ? 7.320   14.238  -0.336  1.00 30.62 ?  416 HOH A O   1 
HETATM 1247 O  O   . HOH C 3 .   ? 4.690   7.609   16.065  1.00 34.48 ?  417 HOH A O   1 
HETATM 1248 O  O   . HOH C 3 .   ? 3.569   0.482   -15.125 1.00 35.22 ?  418 HOH A O   1 
HETATM 1249 O  O   . HOH C 3 .   ? 9.114   -11.009 -0.607  1.00 31.18 ?  419 HOH A O   1 
HETATM 1250 O  O   . HOH C 3 .   ? 11.864  7.140   -4.264  1.00 38.10 ?  420 HOH A O   1 
HETATM 1251 O  O   . HOH C 3 .   ? -15.024 3.905   2.188   1.00 33.73 ?  421 HOH A O   1 
HETATM 1252 O  O   . HOH C 3 .   ? -11.706 10.672  3.166   1.00 42.03 ?  422 HOH A O   1 
HETATM 1253 O  O   . HOH C 3 .   ? 3.984   -1.893  -7.653  1.00 36.58 ?  423 HOH A O   1 
HETATM 1254 O  O   . HOH C 3 .   ? -15.944 -10.521 7.032   1.00 35.12 ?  424 HOH A O   1 
HETATM 1255 O  O   . HOH C 3 .   ? 3.525   4.864   16.978  1.00 34.16 ?  425 HOH A O   1 
HETATM 1256 O  O   . HOH C 3 .   ? -7.394  8.834   -14.397 1.00 34.49 ?  426 HOH A O   1 
HETATM 1257 O  O   . HOH C 3 .   ? 10.224  -2.195  -3.954  1.00 33.46 ?  427 HOH A O   1 
HETATM 1258 O  O   . HOH C 3 .   ? -0.071  -6.655  -6.394  1.00 28.60 ?  428 HOH A O   1 
HETATM 1259 O  O   . HOH C 3 .   ? -14.995 -15.149 8.915   1.00 29.57 ?  429 HOH A O   1 
HETATM 1260 O  O   . HOH C 3 .   ? 15.348  -12.861 2.064   1.00 43.33 ?  430 HOH A O   1 
HETATM 1261 O  O   . HOH C 3 .   ? 6.974   15.083  2.220   1.00 39.71 ?  431 HOH A O   1 
HETATM 1262 O  O   . HOH C 3 .   ? 16.070  -9.352  8.232   1.00 36.80 ?  432 HOH A O   1 
HETATM 1263 O  O   . HOH C 3 .   ? 9.266   12.327  -9.096  1.00 25.74 ?  433 HOH A O   1 
HETATM 1264 O  O   . HOH C 3 .   ? 13.073  5.325   8.556   1.00 42.70 ?  434 HOH A O   1 
HETATM 1265 O  O   . HOH C 3 .   ? -16.268 -14.396 6.744   1.00 53.98 ?  435 HOH A O   1 
HETATM 1266 O  O   . HOH C 3 .   ? 1.472   -8.544  -6.248  1.00 37.39 ?  436 HOH A O   1 
HETATM 1267 O  O   . HOH C 3 .   ? -15.442 1.349   4.526   1.00 35.35 ?  437 HOH A O   1 
HETATM 1268 O  O   . HOH C 3 .   ? 3.720   14.037  -12.706 1.00 38.28 ?  438 HOH A O   1 
HETATM 1269 O  O   . HOH C 3 .   ? 4.417   -14.051 3.259   1.00 44.19 ?  439 HOH A O   1 
HETATM 1270 O  O   . HOH C 3 .   ? -20.162 -7.099  5.806   1.00 51.17 ?  440 HOH A O   1 
HETATM 1271 O  O   . HOH C 3 .   ? 9.594   5.580   -5.597  1.00 37.61 ?  441 HOH A O   1 
HETATM 1272 O  O   . HOH C 3 .   ? 9.072   2.154   -10.980 1.00 39.78 ?  442 HOH A O   1 
HETATM 1273 O  O   . HOH C 3 .   ? -8.818  12.052  -10.732 1.00 35.28 ?  443 HOH A O   1 
HETATM 1274 O  O   . HOH C 3 .   ? -11.357 7.054   -8.877  1.00 30.25 ?  444 HOH A O   1 
HETATM 1275 O  O   . HOH C 3 .   ? 15.640  0.832   -0.725  1.00 41.10 ?  445 HOH A O   1 
HETATM 1276 O  O   . HOH C 3 .   ? -14.306 10.608  -2.354  1.00 38.07 ?  446 HOH A O   1 
HETATM 1277 O  O   . HOH C 3 .   ? 13.951  1.325   -2.308  1.00 44.68 ?  447 HOH A O   1 
HETATM 1278 O  O   . HOH C 3 .   ? -17.176 -3.606  -12.292 1.00 40.33 ?  448 HOH A O   1 
HETATM 1279 O  O   . HOH C 3 .   ? 4.787   -1.642  15.884  1.00 39.34 ?  449 HOH A O   1 
HETATM 1280 O  O   . HOH C 3 .   ? 3.879   9.904   15.598  1.00 41.22 ?  450 HOH A O   1 
HETATM 1281 O  O   . HOH C 3 .   ? -12.513 7.350   4.494   1.00 51.33 ?  451 HOH A O   1 
HETATM 1282 O  O   . HOH C 3 .   ? 5.382   -14.531 5.208   1.00 50.74 ?  452 HOH A O   1 
HETATM 1283 O  O   . HOH C 3 .   ? -15.116 -17.993 8.682   1.00 42.91 ?  453 HOH A O   1 
HETATM 1284 O  O   . HOH C 3 .   ? -10.777 -9.235  -6.017  1.00 48.51 ?  454 HOH A O   1 
HETATM 1285 O  O   . HOH C 3 .   ? -12.197 -8.642  -7.779  1.00 48.13 ?  455 HOH A O   1 
HETATM 1286 O  O   . HOH C 3 .   ? -17.885 -5.964  -12.063 1.00 41.67 ?  456 HOH A O   1 
HETATM 1287 O  O   . HOH C 3 .   ? 9.619   -0.103  21.395  1.00 42.75 ?  457 HOH A O   1 
HETATM 1288 O  O   . HOH C 3 .   ? -14.617 7.099   1.846   1.00 40.48 ?  458 HOH A O   1 
HETATM 1289 O  O   . HOH C 3 .   ? 11.633  11.874  -10.889 1.00 39.73 ?  459 HOH A O   1 
HETATM 1290 O  O   . HOH C 3 .   ? 14.112  10.736  -9.839  1.00 40.63 ?  460 HOH A O   1 
# 
